data_1H1I
#
_entry.id   1H1I
#
_cell.length_a   109.298
_cell.length_b   55.745
_cell.length_c   124.163
_cell.angle_alpha   90.00
_cell.angle_beta   98.39
_cell.angle_gamma   90.00
#
_symmetry.space_group_name_H-M   'P 1 21 1'
#
loop_
_entity.id
_entity.type
_entity.pdbx_description
1 polymer 'QUERCETIN 2,3-DIOXYGENASE'
2 branched 2-acetamido-2-deoxy-beta-D-glucopyranose-(1-4)-2-acetamido-2-deoxy-beta-D-glucopyranose
3 non-polymer 2-acetamido-2-deoxy-beta-D-glucopyranose
4 non-polymer 'COPPER (II) ION'
5 non-polymer "3,5,7,3',4'-PENTAHYDROXYFLAVONE"
6 non-polymer (4S)-2-METHYL-2,4-PENTANEDIOL
7 water water
#
_entity_poly.entity_id   1
_entity_poly.type   'polypeptide(L)'
_entity_poly.pdbx_seq_one_letter_code
;DTSSLIVEDAPDHVRPYVIRHYSHARAVTVDTQLYRFYVTGPSSGYAFTLMGTNAPHSDALGVLPHIHQKHYENFYCNKG
SFQLWAQSGNETQQTRVLSSGDYGSVPRNVTHTFQIQDPDTEMTGVIVPGGFEDLFYYLGTNATDTTHTPYIPSSSDSSS
TTGPDSSTISTLQSFDVYAELSFTPRTDTVNGTAPANTVWHTGANALASTAGDPYFIANGWGPKYLNSQYGYQIVAPFVT
ATQAQDTNYTLSTISMSTTPSTVTVPTWSFPGACAFQVQEGRVVVQIGDYAATELGSGDVAFIPGGVEFKYYSEAYFSKV
LFVSSGSDGLDQNLVNGGEEWSSVSFPADW
;
_entity_poly.pdbx_strand_id   A,B,C,D
#
# COMPACT_ATOMS: atom_id res chain seq x y z
N SER A 3 -54.28 -2.49 3.21
CA SER A 3 -53.63 -3.77 3.59
C SER A 3 -52.11 -3.54 3.78
N SER A 4 -51.28 -4.25 2.99
CA SER A 4 -49.83 -4.17 3.01
C SER A 4 -49.32 -2.70 2.87
N LEU A 5 -48.19 -2.38 3.47
CA LEU A 5 -47.63 -1.01 3.36
C LEU A 5 -47.31 -0.63 1.93
N ILE A 6 -46.67 -1.53 1.19
CA ILE A 6 -46.21 -1.20 -0.16
C ILE A 6 -47.35 -1.44 -1.13
N VAL A 7 -47.63 -0.45 -1.96
CA VAL A 7 -48.70 -0.47 -2.95
C VAL A 7 -48.18 -0.22 -4.37
N GLU A 8 -48.93 -0.71 -5.36
CA GLU A 8 -48.55 -0.49 -6.75
C GLU A 8 -49.23 0.73 -7.38
N ASP A 9 -50.39 1.14 -6.83
CA ASP A 9 -51.06 2.39 -7.23
C ASP A 9 -51.39 3.06 -5.92
N ALA A 10 -51.45 4.39 -5.92
CA ALA A 10 -51.76 5.10 -4.68
C ALA A 10 -53.16 4.66 -4.20
N PRO A 11 -53.36 4.54 -2.88
CA PRO A 11 -54.66 4.15 -2.34
C PRO A 11 -55.77 5.14 -2.68
N ASP A 12 -56.99 4.65 -2.54
CA ASP A 12 -58.17 5.45 -2.85
C ASP A 12 -58.71 6.22 -1.64
N HIS A 13 -57.98 6.17 -0.54
CA HIS A 13 -58.35 6.81 0.72
C HIS A 13 -57.04 7.07 1.48
N VAL A 14 -57.11 7.86 2.57
CA VAL A 14 -55.89 8.27 3.28
C VAL A 14 -55.43 7.13 4.17
N ARG A 15 -54.17 6.72 4.01
CA ARG A 15 -53.55 5.69 4.87
C ARG A 15 -52.06 5.73 4.64
N PRO A 16 -51.25 5.21 5.57
CA PRO A 16 -49.80 5.13 5.34
C PRO A 16 -49.52 4.23 4.15
N TYR A 17 -48.56 4.61 3.31
CA TYR A 17 -48.10 3.64 2.31
C TYR A 17 -46.74 3.99 1.78
N VAL A 18 -46.13 2.99 1.12
CA VAL A 18 -44.90 3.21 0.39
C VAL A 18 -45.19 2.76 -1.03
N ILE A 19 -44.67 3.50 -2.01
CA ILE A 19 -44.83 3.13 -3.44
C ILE A 19 -43.45 3.23 -4.10
N ARG A 20 -43.01 2.12 -4.70
CA ARG A 20 -41.66 2.05 -5.24
C ARG A 20 -41.54 2.84 -6.53
N HIS A 21 -40.36 3.41 -6.77
CA HIS A 21 -40.10 4.07 -8.07
C HIS A 21 -40.58 3.25 -9.25
N TYR A 22 -41.28 3.91 -10.19
CA TYR A 22 -41.76 3.27 -11.42
C TYR A 22 -42.84 2.19 -11.22
N SER A 23 -43.49 2.21 -10.07
CA SER A 23 -44.71 1.41 -9.90
C SER A 23 -45.72 1.90 -10.92
N HIS A 24 -46.74 1.07 -11.17
CA HIS A 24 -47.76 1.49 -12.13
C HIS A 24 -48.34 2.92 -11.83
N ALA A 25 -48.78 3.14 -10.59
CA ALA A 25 -49.21 4.49 -10.13
C ALA A 25 -50.15 5.22 -11.12
N ARG A 26 -51.18 4.47 -11.54
CA ARG A 26 -52.21 4.97 -12.46
C ARG A 26 -51.59 5.63 -13.69
N ALA A 27 -50.60 4.93 -14.27
CA ALA A 27 -49.81 5.50 -15.36
C ALA A 27 -50.68 5.97 -16.55
N VAL A 28 -50.32 7.12 -17.12
CA VAL A 28 -50.86 7.53 -18.42
C VAL A 28 -49.70 8.02 -19.29
N THR A 29 -49.91 8.03 -20.61
CA THR A 29 -48.97 8.72 -21.47
C THR A 29 -49.64 9.97 -22.05
N VAL A 30 -48.83 10.97 -22.33
CA VAL A 30 -49.28 12.08 -23.18
C VAL A 30 -48.20 12.20 -24.23
N ASP A 31 -48.53 11.76 -25.46
CA ASP A 31 -47.53 11.55 -26.52
C ASP A 31 -46.36 10.74 -25.95
N THR A 32 -45.15 11.30 -25.96
CA THR A 32 -43.98 10.56 -25.47
C THR A 32 -43.75 10.57 -23.95
N GLN A 33 -44.50 11.39 -23.22
CA GLN A 33 -44.29 11.54 -21.78
C GLN A 33 -45.08 10.50 -20.99
N LEU A 34 -44.47 9.89 -19.98
CA LEU A 34 -45.21 8.95 -19.14
C LEU A 34 -45.31 9.56 -17.73
N TYR A 35 -46.55 9.68 -17.25
CA TYR A 35 -46.87 10.24 -15.94
C TYR A 35 -47.25 9.15 -14.94
N ARG A 36 -46.74 9.28 -13.72
CA ARG A 36 -47.05 8.35 -12.66
C ARG A 36 -47.46 9.15 -11.45
N PHE A 37 -48.51 8.72 -10.78
CA PHE A 37 -49.07 9.51 -9.66
C PHE A 37 -48.83 8.83 -8.34
N TYR A 38 -47.71 9.20 -7.71
CA TYR A 38 -47.31 8.48 -6.50
C TYR A 38 -48.13 8.90 -5.30
N VAL A 39 -48.50 10.17 -5.24
CA VAL A 39 -49.46 10.68 -4.26
C VAL A 39 -50.54 11.44 -5.03
N THR A 40 -51.80 11.13 -4.73
CA THR A 40 -52.94 11.74 -5.44
C THR A 40 -53.77 12.59 -4.51
N GLY A 41 -54.76 13.32 -5.07
CA GLY A 41 -55.74 13.93 -4.19
C GLY A 41 -56.39 12.90 -3.25
N PRO A 42 -57.06 11.88 -3.77
CA PRO A 42 -57.71 10.92 -2.86
C PRO A 42 -56.71 10.30 -1.86
N SER A 43 -55.48 9.97 -2.29
CA SER A 43 -54.56 9.29 -1.37
C SER A 43 -54.05 10.22 -0.25
N SER A 44 -54.04 11.51 -0.52
CA SER A 44 -53.52 12.48 0.45
C SER A 44 -54.59 13.28 1.17
N GLY A 45 -55.86 12.94 0.94
CA GLY A 45 -56.98 13.76 1.41
C GLY A 45 -56.89 15.19 0.90
N TYR A 46 -56.42 15.29 -0.34
CA TYR A 46 -56.38 16.53 -1.14
C TYR A 46 -55.31 17.49 -0.70
N ALA A 47 -54.36 17.02 0.11
CA ALA A 47 -53.26 17.84 0.56
C ALA A 47 -52.31 18.19 -0.58
N PHE A 48 -51.91 17.23 -1.40
CA PHE A 48 -50.95 17.53 -2.49
C PHE A 48 -50.92 16.35 -3.45
N THR A 49 -50.34 16.59 -4.62
CA THR A 49 -50.05 15.54 -5.59
C THR A 49 -48.54 15.50 -5.73
N LEU A 50 -48.01 14.29 -5.78
CA LEU A 50 -46.58 14.08 -6.05
C LEU A 50 -46.58 13.09 -7.23
N MET A 51 -46.06 13.56 -8.35
CA MET A 51 -46.08 12.78 -9.61
C MET A 51 -44.71 12.77 -10.24
N GLY A 52 -44.48 11.76 -11.06
CA GLY A 52 -43.20 11.72 -11.76
C GLY A 52 -43.50 11.62 -13.24
N THR A 53 -42.74 12.38 -14.04
CA THR A 53 -42.94 12.31 -15.51
C THR A 53 -41.62 11.90 -16.11
N ASN A 54 -41.60 10.83 -16.92
CA ASN A 54 -40.36 10.42 -17.59
C ASN A 54 -40.57 10.66 -19.07
N ALA A 55 -39.55 11.19 -19.75
CA ALA A 55 -39.73 11.53 -21.17
C ALA A 55 -38.39 11.59 -21.86
N PRO A 56 -38.38 11.35 -23.17
CA PRO A 56 -37.18 11.51 -23.99
C PRO A 56 -37.00 12.96 -24.45
N HIS A 57 -35.86 13.24 -25.06
CA HIS A 57 -35.61 14.55 -25.65
C HIS A 57 -36.76 14.90 -26.61
N SER A 58 -37.18 16.16 -26.60
CA SER A 58 -38.12 16.65 -27.61
C SER A 58 -37.59 18.00 -28.14
N ASP A 59 -37.68 18.22 -29.44
CA ASP A 59 -37.37 19.53 -30.00
C ASP A 59 -38.48 20.55 -29.79
N ALA A 60 -39.64 20.12 -29.36
CA ALA A 60 -40.79 21.03 -29.14
C ALA A 60 -41.12 21.20 -27.66
N LEU A 61 -41.89 22.24 -27.32
CA LEU A 61 -42.39 22.39 -25.93
C LEU A 61 -43.14 21.15 -25.48
N GLY A 62 -43.05 20.85 -24.17
CA GLY A 62 -43.71 19.72 -23.53
C GLY A 62 -45.17 19.97 -23.23
N VAL A 63 -45.54 21.26 -23.28
CA VAL A 63 -46.94 21.66 -23.06
C VAL A 63 -47.09 23.08 -23.59
N LEU A 64 -48.26 23.45 -24.09
CA LEU A 64 -48.46 24.84 -24.42
C LEU A 64 -48.42 25.71 -23.14
N PRO A 65 -47.97 26.96 -23.27
CA PRO A 65 -47.93 27.88 -22.11
C PRO A 65 -49.31 28.08 -21.47
N HIS A 66 -49.36 28.14 -20.13
CA HIS A 66 -50.64 28.21 -19.46
C HIS A 66 -50.45 28.69 -18.04
N ILE A 67 -51.57 28.97 -17.38
CA ILE A 67 -51.59 29.32 -15.97
C ILE A 67 -52.53 28.39 -15.22
N HIS A 68 -52.28 28.21 -13.91
CA HIS A 68 -53.24 27.62 -12.97
C HIS A 68 -53.64 28.73 -11.99
N GLN A 69 -54.94 28.93 -11.80
CA GLN A 69 -55.40 29.94 -10.83
C GLN A 69 -55.47 29.43 -9.39
N LYS A 70 -55.56 28.12 -9.22
CA LYS A 70 -55.83 27.56 -7.88
C LYS A 70 -54.80 26.54 -7.42
N HIS A 71 -53.82 26.23 -8.28
CA HIS A 71 -52.74 25.27 -7.95
C HIS A 71 -51.37 25.87 -8.05
N TYR A 72 -50.53 25.53 -7.05
CA TYR A 72 -49.12 25.92 -6.99
C TYR A 72 -48.33 24.74 -7.52
N GLU A 73 -47.55 24.95 -8.59
CA GLU A 73 -46.79 23.85 -9.18
C GLU A 73 -45.33 23.95 -8.82
N ASN A 74 -44.73 22.80 -8.52
CA ASN A 74 -43.30 22.71 -8.22
C ASN A 74 -42.62 21.72 -9.12
N PHE A 75 -41.50 22.11 -9.76
CA PHE A 75 -40.79 21.27 -10.72
C PHE A 75 -39.45 20.86 -10.15
N TYR A 76 -39.20 19.57 -9.98
CA TYR A 76 -37.90 19.11 -9.47
C TYR A 76 -37.29 18.14 -10.46
N CYS A 77 -36.02 18.33 -10.83
CA CYS A 77 -35.39 17.46 -11.82
C CYS A 77 -34.74 16.27 -11.07
N ASN A 78 -35.34 15.09 -11.17
CA ASN A 78 -34.72 13.86 -10.59
C ASN A 78 -33.48 13.43 -11.36
N LYS A 79 -33.52 13.51 -12.69
CA LYS A 79 -32.40 13.11 -13.55
C LYS A 79 -32.67 13.67 -14.93
N GLY A 80 -31.61 13.70 -15.73
CA GLY A 80 -31.69 14.30 -17.06
C GLY A 80 -31.77 15.83 -17.00
N SER A 81 -32.54 16.45 -17.89
CA SER A 81 -32.66 17.91 -17.82
C SER A 81 -33.88 18.35 -18.63
N PHE A 82 -34.44 19.46 -18.20
CA PHE A 82 -35.54 20.11 -18.95
C PHE A 82 -35.46 21.60 -18.71
N GLN A 83 -35.91 22.35 -19.71
CA GLN A 83 -35.94 23.80 -19.56
C GLN A 83 -37.31 24.20 -19.06
N LEU A 84 -37.32 25.21 -18.21
CA LEU A 84 -38.56 25.72 -17.60
C LEU A 84 -38.64 27.21 -17.87
N TRP A 85 -39.80 27.69 -18.34
CA TRP A 85 -40.01 29.15 -18.52
C TRP A 85 -41.14 29.60 -17.61
N ALA A 86 -41.02 30.82 -17.06
CA ALA A 86 -42.08 31.32 -16.16
C ALA A 86 -42.13 32.82 -16.16
N GLN A 87 -43.33 33.39 -16.00
CA GLN A 87 -43.45 34.85 -15.91
C GLN A 87 -44.63 35.20 -15.05
N SER A 88 -44.43 36.18 -14.17
CA SER A 88 -45.51 36.64 -13.33
C SER A 88 -45.87 38.06 -13.72
N GLY A 89 -47.15 38.29 -13.97
CA GLY A 89 -47.66 39.65 -14.12
C GLY A 89 -46.77 40.47 -15.03
N ASN A 90 -46.25 41.57 -14.47
CA ASN A 90 -45.44 42.56 -15.17
C ASN A 90 -43.94 42.32 -15.11
N GLU A 91 -43.55 41.21 -14.49
CA GLU A 91 -42.14 40.96 -14.30
C GLU A 91 -41.51 40.41 -15.60
N THR A 92 -40.19 40.57 -15.70
CA THR A 92 -39.39 39.96 -16.77
C THR A 92 -39.60 38.43 -16.85
N GLN A 93 -39.67 37.90 -18.07
CA GLN A 93 -39.81 36.43 -18.22
C GLN A 93 -38.49 35.75 -17.85
N GLN A 94 -38.57 34.70 -17.02
CA GLN A 94 -37.38 33.94 -16.59
C GLN A 94 -37.31 32.59 -17.20
N THR A 95 -36.11 32.08 -17.48
CA THR A 95 -36.05 30.66 -17.85
C THR A 95 -34.75 30.02 -17.35
N ARG A 96 -34.81 28.74 -16.99
CA ARG A 96 -33.63 28.00 -16.59
C ARG A 96 -33.65 26.61 -17.18
N VAL A 97 -32.46 26.08 -17.44
CA VAL A 97 -32.36 24.66 -17.80
C VAL A 97 -32.03 23.91 -16.51
N LEU A 98 -32.98 23.09 -16.06
CA LEU A 98 -32.82 22.35 -14.81
C LEU A 98 -32.11 21.02 -15.11
N SER A 99 -31.08 20.72 -14.34
CA SER A 99 -30.46 19.39 -14.39
C SER A 99 -30.64 18.74 -13.02
N SER A 100 -30.00 17.59 -12.77
CA SER A 100 -30.34 16.77 -11.60
C SER A 100 -30.23 17.53 -10.30
N GLY A 101 -31.33 17.51 -9.52
CA GLY A 101 -31.38 18.14 -8.21
C GLY A 101 -31.80 19.61 -8.23
N ASP A 102 -32.05 20.16 -9.44
CA ASP A 102 -32.48 21.55 -9.57
C ASP A 102 -33.98 21.69 -9.35
N TYR A 103 -34.42 22.91 -9.02
CA TYR A 103 -35.80 23.12 -8.58
C TYR A 103 -36.35 24.42 -9.17
N GLY A 104 -37.61 24.37 -9.65
CA GLY A 104 -38.29 25.56 -10.13
C GLY A 104 -39.66 25.68 -9.48
N SER A 105 -39.97 26.87 -8.97
CA SER A 105 -41.22 27.16 -8.27
C SER A 105 -42.14 27.96 -9.17
N VAL A 106 -43.38 27.48 -9.31
CA VAL A 106 -44.39 28.15 -10.14
C VAL A 106 -45.69 28.40 -9.41
N PRO A 107 -45.76 29.55 -8.68
CA PRO A 107 -46.96 29.90 -7.92
C PRO A 107 -48.22 30.00 -8.80
N ARG A 108 -49.38 30.06 -8.16
CA ARG A 108 -50.62 30.38 -8.90
C ARG A 108 -50.47 31.65 -9.73
N ASN A 109 -51.13 31.64 -10.87
CA ASN A 109 -51.18 32.80 -11.76
C ASN A 109 -49.85 33.18 -12.40
N VAL A 110 -48.95 32.22 -12.53
CA VAL A 110 -47.66 32.39 -13.22
C VAL A 110 -47.69 31.60 -14.53
N THR A 111 -47.45 32.27 -15.65
CA THR A 111 -47.44 31.54 -16.93
C THR A 111 -46.21 30.69 -17.04
N HIS A 112 -46.33 29.48 -17.59
CA HIS A 112 -45.15 28.62 -17.64
C HIS A 112 -45.30 27.56 -18.71
N THR A 113 -44.16 26.99 -19.09
CA THR A 113 -44.10 25.83 -20.00
C THR A 113 -42.73 25.20 -19.77
N PHE A 114 -42.50 24.03 -20.33
CA PHE A 114 -41.23 23.34 -20.16
C PHE A 114 -40.91 22.59 -21.45
N GLN A 115 -39.67 22.16 -21.56
CA GLN A 115 -39.23 21.37 -22.71
C GLN A 115 -38.22 20.32 -22.25
N ILE A 116 -38.39 19.07 -22.67
CA ILE A 116 -37.51 18.00 -22.20
C ILE A 116 -36.24 17.98 -23.03
N GLN A 117 -35.07 18.07 -22.37
CA GLN A 117 -33.79 18.12 -23.12
C GLN A 117 -33.07 16.77 -23.26
N ASP A 118 -32.86 16.06 -22.15
CA ASP A 118 -32.01 14.88 -22.23
C ASP A 118 -32.81 13.56 -22.36
N PRO A 119 -32.17 12.53 -22.90
CA PRO A 119 -32.88 11.26 -23.13
C PRO A 119 -33.49 10.61 -21.89
N ASP A 120 -32.82 10.64 -20.73
CA ASP A 120 -33.34 9.95 -19.58
C ASP A 120 -33.76 11.01 -18.60
N THR A 121 -34.79 11.76 -18.94
CA THR A 121 -35.23 12.85 -18.07
C THR A 121 -36.40 12.44 -17.18
N GLU A 122 -36.31 12.84 -15.92
CA GLU A 122 -37.39 12.62 -14.98
C GLU A 122 -37.67 13.89 -14.21
N MET A 123 -38.93 14.32 -14.27
CA MET A 123 -39.40 15.50 -13.52
C MET A 123 -40.27 15.01 -12.40
N THR A 124 -40.07 15.50 -11.19
CA THR A 124 -41.03 15.20 -10.13
C THR A 124 -41.78 16.49 -9.93
N GLY A 125 -43.10 16.39 -9.97
CA GLY A 125 -43.96 17.56 -9.78
C GLY A 125 -44.66 17.41 -8.45
N VAL A 126 -44.68 18.47 -7.66
CA VAL A 126 -45.43 18.51 -6.44
C VAL A 126 -46.41 19.65 -6.64
N ILE A 127 -47.70 19.35 -6.60
CA ILE A 127 -48.73 20.32 -6.92
C ILE A 127 -49.66 20.42 -5.72
N VAL A 128 -49.98 21.65 -5.36
CA VAL A 128 -50.75 21.90 -4.14
C VAL A 128 -51.91 22.82 -4.47
N PRO A 129 -53.16 22.51 -4.08
CA PRO A 129 -53.56 21.30 -3.34
C PRO A 129 -53.61 20.07 -4.25
N GLY A 130 -53.95 18.91 -3.66
CA GLY A 130 -54.00 17.66 -4.41
C GLY A 130 -55.24 17.58 -5.29
N GLY A 131 -55.20 16.70 -6.25
CA GLY A 131 -56.36 16.48 -7.15
C GLY A 131 -56.17 17.01 -8.57
N PHE A 132 -55.07 17.73 -8.81
CA PHE A 132 -54.83 18.33 -10.14
C PHE A 132 -54.65 17.23 -11.20
N GLU A 133 -54.28 16.03 -10.75
CA GLU A 133 -53.93 14.93 -11.67
C GLU A 133 -55.09 14.52 -12.58
N ASP A 134 -56.32 14.88 -12.23
CA ASP A 134 -57.47 14.59 -13.10
C ASP A 134 -57.20 15.06 -14.51
N LEU A 135 -56.49 16.18 -14.64
CA LEU A 135 -56.14 16.73 -15.93
C LEU A 135 -55.33 15.72 -16.75
N PHE A 136 -54.38 15.04 -16.11
CA PHE A 136 -53.59 14.06 -16.85
C PHE A 136 -54.34 12.76 -17.12
N TYR A 137 -55.21 12.35 -16.19
CA TYR A 137 -56.13 11.23 -16.52
C TYR A 137 -56.90 11.59 -17.79
N TYR A 138 -57.46 12.80 -17.81
CA TYR A 138 -58.39 13.23 -18.85
C TYR A 138 -57.69 13.30 -20.21
N LEU A 139 -56.55 14.00 -20.27
CA LEU A 139 -55.84 14.24 -21.53
C LEU A 139 -54.93 13.08 -21.90
N GLY A 140 -54.58 12.28 -20.90
CA GLY A 140 -53.68 11.14 -21.07
C GLY A 140 -54.37 9.89 -21.64
N THR A 141 -53.54 8.92 -21.99
CA THR A 141 -54.03 7.62 -22.41
C THR A 141 -53.53 6.62 -21.38
N ASN A 142 -54.45 5.82 -20.86
CA ASN A 142 -54.06 4.78 -19.91
C ASN A 142 -52.86 3.98 -20.43
N ALA A 143 -51.91 3.70 -19.53
CA ALA A 143 -50.74 2.90 -19.91
C ALA A 143 -50.62 1.71 -18.96
N THR A 144 -50.62 0.51 -19.53
CA THR A 144 -50.48 -0.70 -18.71
C THR A 144 -49.02 -0.83 -18.25
N ASP A 145 -48.11 -0.61 -19.19
CA ASP A 145 -46.66 -0.70 -18.96
C ASP A 145 -46.27 -1.92 -18.10
N THR A 146 -46.46 -3.10 -18.68
CA THR A 146 -46.25 -4.35 -17.97
C THR A 146 -44.87 -4.46 -17.31
N THR A 147 -43.84 -3.99 -18.00
CA THR A 147 -42.45 -4.18 -17.59
C THR A 147 -41.98 -3.07 -16.67
N HIS A 148 -42.85 -2.09 -16.42
CA HIS A 148 -42.51 -0.91 -15.66
C HIS A 148 -41.33 -0.11 -16.25
N THR A 149 -41.18 -0.12 -17.57
CA THR A 149 -40.15 0.71 -18.17
C THR A 149 -40.41 2.21 -17.87
N PRO A 150 -39.38 3.02 -17.60
CA PRO A 150 -39.59 4.44 -17.22
C PRO A 150 -40.48 5.24 -18.20
N TYR A 151 -40.24 5.10 -19.50
CA TYR A 151 -41.16 5.62 -20.51
C TYR A 151 -41.16 4.69 -21.71
N ILE A 152 -42.18 4.80 -22.54
CA ILE A 152 -42.35 3.87 -23.67
C ILE A 152 -41.35 4.24 -24.77
N PRO A 153 -40.45 3.35 -25.16
CA PRO A 153 -39.44 3.71 -26.19
C PRO A 153 -40.08 4.15 -27.52
N SER A 154 -39.53 5.19 -28.15
CA SER A 154 -40.00 5.63 -29.49
C SER A 154 -38.92 6.35 -30.32
N SER A 159 -42.19 18.47 -35.64
CA SER A 159 -42.20 18.35 -34.18
C SER A 159 -43.12 19.39 -33.54
N SER A 160 -44.40 19.02 -33.45
CA SER A 160 -45.44 19.82 -32.76
C SER A 160 -45.26 19.77 -31.25
N THR A 161 -45.73 20.80 -30.56
CA THR A 161 -45.74 20.87 -29.09
C THR A 161 -46.48 19.65 -28.53
N THR A 162 -45.93 19.03 -27.48
CA THR A 162 -46.55 17.86 -26.86
C THR A 162 -47.85 18.28 -26.16
N GLY A 163 -48.84 17.39 -26.17
CA GLY A 163 -50.06 17.58 -25.39
C GLY A 163 -51.15 18.24 -26.21
N PRO A 164 -52.09 18.89 -25.52
CA PRO A 164 -53.28 19.42 -26.19
C PRO A 164 -52.87 20.49 -27.23
N ASP A 165 -53.59 20.55 -28.34
CA ASP A 165 -53.41 21.64 -29.29
C ASP A 165 -53.99 22.94 -28.73
N SER A 166 -53.84 24.04 -29.45
CA SER A 166 -54.21 25.35 -28.89
C SER A 166 -55.74 25.43 -28.67
N SER A 167 -56.51 24.83 -29.57
CA SER A 167 -57.97 24.75 -29.39
C SER A 167 -58.36 23.99 -28.13
N THR A 168 -57.79 22.80 -27.93
CA THR A 168 -58.07 21.98 -26.76
C THR A 168 -57.64 22.63 -25.44
N ILE A 169 -56.42 23.18 -25.38
CA ILE A 169 -55.91 23.78 -24.14
C ILE A 169 -56.66 25.05 -23.66
N SER A 170 -57.44 25.64 -24.56
CA SER A 170 -58.30 26.81 -24.25
C SER A 170 -59.68 26.42 -23.71
N THR A 171 -59.82 25.17 -23.31
CA THR A 171 -61.13 24.57 -23.07
C THR A 171 -61.18 23.85 -21.68
N LEU A 172 -60.08 24.00 -20.96
CA LEU A 172 -59.71 23.15 -19.84
C LEU A 172 -59.80 23.90 -18.51
N GLN A 173 -60.64 24.93 -18.49
CA GLN A 173 -60.74 25.73 -17.29
C GLN A 173 -61.22 24.91 -16.08
N SER A 174 -62.07 23.93 -16.34
CA SER A 174 -62.58 23.07 -15.25
C SER A 174 -61.45 22.35 -14.53
N PHE A 175 -60.36 22.08 -15.25
CA PHE A 175 -59.15 21.46 -14.73
C PHE A 175 -58.13 22.45 -14.17
N ASP A 176 -58.53 23.71 -14.06
CA ASP A 176 -57.65 24.78 -13.59
C ASP A 176 -56.46 24.96 -14.52
N VAL A 177 -56.74 24.84 -15.82
CA VAL A 177 -55.75 25.18 -16.83
C VAL A 177 -56.29 26.31 -17.71
N TYR A 178 -55.51 27.39 -17.79
CA TYR A 178 -55.90 28.55 -18.59
C TYR A 178 -54.81 28.83 -19.60
N ALA A 179 -55.16 28.84 -20.87
CA ALA A 179 -54.19 28.96 -21.95
C ALA A 179 -53.62 30.39 -21.96
N GLU A 180 -52.33 30.51 -22.28
CA GLU A 180 -51.66 31.80 -22.48
C GLU A 180 -50.95 31.70 -23.83
N LEU A 181 -51.76 31.77 -24.88
CA LEU A 181 -51.28 31.47 -26.22
C LEU A 181 -50.38 32.57 -26.80
N SER A 182 -50.42 33.77 -26.20
CA SER A 182 -49.53 34.86 -26.65
C SER A 182 -48.17 34.84 -25.93
N PHE A 183 -47.96 33.91 -25.02
CA PHE A 183 -46.67 33.78 -24.35
C PHE A 183 -45.65 33.23 -25.33
N THR A 184 -44.52 33.94 -25.45
CA THR A 184 -43.43 33.50 -26.31
C THR A 184 -42.23 33.13 -25.43
N PRO A 185 -41.95 31.84 -25.30
CA PRO A 185 -40.80 31.41 -24.49
C PRO A 185 -39.51 32.05 -25.05
N ARG A 186 -38.71 32.67 -24.17
CA ARG A 186 -37.55 33.40 -24.66
C ARG A 186 -36.50 32.43 -25.17
N THR A 187 -35.74 32.87 -26.17
CA THR A 187 -34.83 31.99 -26.85
C THR A 187 -33.40 32.48 -26.77
N ASP A 188 -33.08 33.19 -25.69
CA ASP A 188 -31.74 33.77 -25.57
C ASP A 188 -31.00 33.13 -24.43
N THR A 189 -31.36 31.87 -24.17
CA THR A 189 -30.68 31.04 -23.18
C THR A 189 -29.20 30.91 -23.51
N VAL A 190 -28.37 31.12 -22.49
CA VAL A 190 -26.93 30.83 -22.60
C VAL A 190 -26.52 30.29 -21.24
N ASN A 191 -25.62 29.30 -21.22
CA ASN A 191 -25.29 28.60 -19.95
C ASN A 191 -26.52 28.25 -19.13
N GLY A 192 -27.61 27.91 -19.80
CA GLY A 192 -28.75 27.37 -19.08
C GLY A 192 -29.68 28.39 -18.43
N THR A 193 -29.48 29.68 -18.71
CA THR A 193 -30.36 30.69 -18.10
C THR A 193 -30.60 31.86 -19.04
N ALA A 194 -31.76 32.49 -18.87
CA ALA A 194 -32.00 33.84 -19.38
C ALA A 194 -33.01 34.53 -18.45
N PRO A 195 -33.01 35.86 -18.37
CA PRO A 195 -32.10 36.75 -19.08
C PRO A 195 -30.67 36.65 -18.55
N ALA A 196 -29.73 37.36 -19.17
CA ALA A 196 -28.32 37.14 -18.86
C ALA A 196 -28.00 37.50 -17.41
N ASN A 197 -28.71 38.50 -16.87
CA ASN A 197 -28.48 38.95 -15.51
C ASN A 197 -29.11 38.13 -14.38
N THR A 198 -28.85 36.83 -14.35
CA THR A 198 -29.44 35.91 -13.37
C THR A 198 -28.33 35.01 -12.87
N VAL A 199 -28.61 34.28 -11.80
CA VAL A 199 -27.64 33.39 -11.17
C VAL A 199 -28.10 31.96 -11.32
N TRP A 200 -27.33 31.14 -12.03
CA TRP A 200 -27.75 29.75 -12.23
C TRP A 200 -26.54 28.82 -12.29
N HIS A 201 -26.35 28.06 -11.19
CA HIS A 201 -25.18 27.19 -11.00
C HIS A 201 -23.87 27.99 -10.84
N THR A 202 -23.98 29.28 -10.60
CA THR A 202 -22.80 30.14 -10.49
C THR A 202 -22.74 30.89 -9.15
N GLY A 203 -23.70 30.66 -8.28
CA GLY A 203 -23.78 31.45 -7.07
C GLY A 203 -25.06 31.14 -6.29
N ALA A 204 -25.20 31.74 -5.10
CA ALA A 204 -26.39 31.44 -4.26
C ALA A 204 -27.71 31.84 -4.91
N ASN A 205 -28.76 31.06 -4.67
CA ASN A 205 -30.11 31.40 -5.08
C ASN A 205 -30.95 31.65 -3.84
N ALA A 206 -31.69 32.75 -3.83
CA ALA A 206 -32.67 33.00 -2.76
C ALA A 206 -34.08 32.56 -3.18
N LEU A 207 -34.91 32.21 -2.18
CA LEU A 207 -36.35 32.00 -2.41
C LEU A 207 -36.95 33.38 -2.73
N ALA A 208 -38.08 33.42 -3.45
CA ALA A 208 -38.76 34.67 -3.71
C ALA A 208 -39.05 35.40 -2.40
N SER A 209 -38.96 36.73 -2.47
CA SER A 209 -39.24 37.58 -1.30
C SER A 209 -40.71 37.60 -0.88
N THR A 210 -41.62 37.20 -1.80
CA THR A 210 -43.04 37.17 -1.48
C THR A 210 -43.76 36.15 -2.36
N ALA A 211 -45.02 35.86 -2.00
CA ALA A 211 -45.79 34.91 -2.79
C ALA A 211 -46.13 35.48 -4.15
N GLY A 212 -46.24 34.56 -5.13
CA GLY A 212 -46.72 34.98 -6.43
C GLY A 212 -45.63 35.03 -7.48
N ASP A 213 -44.37 35.08 -7.06
CA ASP A 213 -43.28 35.22 -8.02
C ASP A 213 -42.57 33.90 -8.22
N PRO A 214 -42.29 33.52 -9.46
CA PRO A 214 -41.55 32.27 -9.69
C PRO A 214 -40.09 32.47 -9.24
N TYR A 215 -39.40 31.36 -8.97
CA TYR A 215 -37.97 31.44 -8.60
C TYR A 215 -37.39 30.05 -8.78
N PHE A 216 -36.05 29.99 -8.85
CA PHE A 216 -35.38 28.73 -9.21
C PHE A 216 -34.21 28.56 -8.24
N ILE A 217 -33.97 27.30 -7.82
CA ILE A 217 -32.84 27.01 -6.94
C ILE A 217 -32.06 25.90 -7.57
N ALA A 218 -30.81 26.18 -7.92
CA ALA A 218 -29.92 25.17 -8.49
C ALA A 218 -29.37 24.28 -7.34
N ASN A 219 -29.13 23.00 -7.64
CA ASN A 219 -28.80 21.99 -6.63
C ASN A 219 -27.62 22.44 -5.75
N GLY A 220 -27.88 22.62 -4.46
CA GLY A 220 -26.82 22.96 -3.52
C GLY A 220 -26.60 24.44 -3.30
N TRP A 221 -27.30 25.29 -4.07
CA TRP A 221 -27.02 26.73 -4.06
C TRP A 221 -28.04 27.57 -3.26
N GLY A 222 -29.12 26.94 -2.78
CA GLY A 222 -30.11 27.66 -1.95
C GLY A 222 -29.68 27.75 -0.49
N PRO A 223 -30.47 28.41 0.34
CA PRO A 223 -30.18 28.46 1.79
C PRO A 223 -30.34 27.10 2.43
N LYS A 224 -29.54 26.86 3.48
CA LYS A 224 -29.54 25.55 4.13
C LYS A 224 -29.46 25.77 5.63
N TYR A 225 -29.94 24.78 6.36
CA TYR A 225 -29.95 24.78 7.84
C TYR A 225 -29.48 23.42 8.30
N LEU A 226 -28.59 23.42 9.29
CA LEU A 226 -28.12 22.18 9.88
C LEU A 226 -28.90 21.94 11.19
N ASN A 227 -29.48 20.75 11.30
CA ASN A 227 -30.07 20.32 12.56
C ASN A 227 -29.22 19.23 13.16
N SER A 228 -28.82 19.37 14.42
CA SER A 228 -27.89 18.41 15.03
C SER A 228 -28.56 17.57 16.16
N GLN A 229 -29.89 17.57 16.25
CA GLN A 229 -30.60 16.99 17.42
C GLN A 229 -30.62 15.46 17.30
N TYR A 230 -30.64 14.97 16.06
CA TYR A 230 -30.91 13.54 15.83
C TYR A 230 -29.90 12.94 14.86
N GLY A 231 -28.61 13.10 15.14
CA GLY A 231 -27.61 12.96 14.08
C GLY A 231 -27.63 14.27 13.27
N TYR A 232 -27.03 14.31 12.08
CA TYR A 232 -26.99 15.56 11.34
C TYR A 232 -28.00 15.52 10.20
N GLN A 233 -28.78 16.59 10.06
CA GLN A 233 -29.71 16.69 8.92
C GLN A 233 -29.60 18.10 8.36
N ILE A 234 -29.58 18.22 7.04
CA ILE A 234 -29.48 19.52 6.40
C ILE A 234 -30.75 19.74 5.61
N VAL A 235 -31.50 20.78 5.97
CA VAL A 235 -32.72 21.10 5.24
C VAL A 235 -32.39 22.21 4.24
N ALA A 236 -32.80 22.06 2.98
CA ALA A 236 -32.62 23.10 1.97
C ALA A 236 -34.04 23.48 1.59
N PRO A 237 -34.60 24.54 2.17
CA PRO A 237 -36.00 24.90 1.85
C PRO A 237 -36.18 25.28 0.41
N PHE A 238 -37.31 24.87 -0.16
CA PHE A 238 -37.73 25.33 -1.46
C PHE A 238 -38.99 26.19 -1.39
N VAL A 239 -39.93 25.80 -0.53
CA VAL A 239 -41.13 26.61 -0.30
C VAL A 239 -41.33 26.72 1.23
N THR A 240 -41.48 27.95 1.71
CA THR A 240 -41.79 28.19 3.11
C THR A 240 -43.12 28.93 3.19
N ALA A 241 -43.55 29.25 4.42
CA ALA A 241 -44.82 29.99 4.61
C ALA A 241 -44.87 31.28 3.79
N THR A 242 -43.74 31.91 3.60
CA THR A 242 -43.66 33.16 2.84
C THR A 242 -44.22 32.98 1.43
N GLN A 243 -43.82 31.90 0.77
CA GLN A 243 -44.25 31.68 -0.61
C GLN A 243 -45.56 30.92 -0.68
N ALA A 244 -45.80 30.00 0.28
CA ALA A 244 -47.01 29.21 0.23
C ALA A 244 -48.28 30.01 0.60
N GLN A 245 -48.17 30.86 1.61
CA GLN A 245 -49.32 31.61 2.13
C GLN A 245 -50.51 30.69 2.33
N ASP A 246 -51.67 31.00 1.77
CA ASP A 246 -52.84 30.16 2.00
C ASP A 246 -52.81 28.76 1.42
N THR A 247 -51.86 28.44 0.53
CA THR A 247 -51.77 27.06 0.04
C THR A 247 -51.17 26.18 1.14
N ASN A 248 -50.56 26.80 2.14
CA ASN A 248 -50.37 26.12 3.42
C ASN A 248 -49.60 24.80 3.33
N TYR A 249 -48.35 24.89 2.87
CA TYR A 249 -47.48 23.70 2.80
C TYR A 249 -46.03 24.13 2.87
N THR A 250 -45.13 23.15 2.98
CA THR A 250 -43.71 23.43 2.85
C THR A 250 -43.12 22.38 1.93
N LEU A 251 -41.96 22.70 1.39
CA LEU A 251 -41.30 21.81 0.40
C LEU A 251 -39.80 22.07 0.56
N SER A 252 -38.99 21.00 0.59
CA SER A 252 -37.53 21.18 0.76
C SER A 252 -36.84 19.87 0.35
N THR A 253 -35.50 19.87 0.33
CA THR A 253 -34.83 18.59 0.51
C THR A 253 -34.33 18.46 1.94
N ILE A 254 -34.25 17.21 2.41
CA ILE A 254 -33.61 16.93 3.70
C ILE A 254 -32.48 15.93 3.39
N SER A 255 -31.26 16.30 3.80
CA SER A 255 -30.10 15.42 3.70
C SER A 255 -29.82 14.90 5.10
N MET A 256 -29.38 13.65 5.19
CA MET A 256 -29.28 12.99 6.48
C MET A 256 -28.01 12.21 6.59
N SER A 257 -27.38 12.30 7.78
CA SER A 257 -26.37 11.33 8.17
C SER A 257 -27.02 10.09 8.75
N THR A 258 -26.22 9.09 9.13
CA THR A 258 -26.73 8.00 9.98
C THR A 258 -27.05 8.56 11.36
N THR A 259 -27.81 7.79 12.10
CA THR A 259 -28.12 8.19 13.46
C THR A 259 -27.10 7.49 14.38
N PRO A 260 -26.35 8.24 15.20
CA PRO A 260 -25.37 7.62 16.10
C PRO A 260 -26.06 6.66 17.08
N SER A 261 -25.36 5.60 17.49
CA SER A 261 -25.97 4.59 18.37
C SER A 261 -26.48 5.15 19.71
N THR A 262 -25.92 6.28 20.12
CA THR A 262 -26.32 6.89 21.39
C THR A 262 -27.52 7.84 21.27
N VAL A 263 -28.04 8.01 20.05
CA VAL A 263 -29.14 8.90 19.79
C VAL A 263 -30.35 8.05 19.47
N THR A 264 -31.47 8.30 20.16
CA THR A 264 -32.72 7.60 19.86
C THR A 264 -33.31 8.23 18.59
N VAL A 265 -33.71 7.40 17.62
CA VAL A 265 -34.40 7.91 16.44
C VAL A 265 -35.77 8.42 16.92
N PRO A 266 -36.08 9.70 16.66
CA PRO A 266 -37.30 10.30 17.17
C PRO A 266 -38.58 9.80 16.49
N THR A 267 -39.68 9.81 17.22
CA THR A 267 -41.01 9.61 16.61
C THR A 267 -41.62 10.98 16.33
N TRP A 268 -42.31 11.09 15.19
CA TRP A 268 -42.95 12.33 14.77
C TRP A 268 -44.42 12.04 14.56
N SER A 269 -45.26 13.02 14.88
CA SER A 269 -46.70 12.95 14.56
C SER A 269 -47.14 14.37 14.28
N PHE A 270 -47.51 14.66 13.03
CA PHE A 270 -47.78 16.05 12.59
C PHE A 270 -49.26 16.29 12.34
N PRO A 271 -49.72 17.54 12.44
CA PRO A 271 -51.12 17.85 12.09
C PRO A 271 -51.48 17.42 10.64
N GLY A 272 -50.57 17.66 9.72
CA GLY A 272 -50.87 17.51 8.31
C GLY A 272 -50.15 16.34 7.70
N ALA A 273 -50.69 15.85 6.57
CA ALA A 273 -50.02 14.82 5.79
C ALA A 273 -48.62 15.26 5.32
N CYS A 274 -47.71 14.29 5.19
CA CYS A 274 -46.41 14.57 4.58
C CYS A 274 -45.93 13.41 3.70
N ALA A 275 -44.92 13.66 2.87
CA ALA A 275 -44.42 12.57 2.02
C ALA A 275 -43.01 12.90 1.65
N PHE A 276 -42.25 11.90 1.27
CA PHE A 276 -40.96 12.24 0.65
C PHE A 276 -40.60 11.24 -0.41
N GLN A 277 -39.79 11.68 -1.35
CA GLN A 277 -39.26 10.77 -2.36
C GLN A 277 -37.75 10.77 -2.18
N VAL A 278 -37.19 9.59 -2.02
CA VAL A 278 -35.73 9.50 -1.91
C VAL A 278 -35.04 9.90 -3.25
N GLN A 279 -34.01 10.74 -3.15
CA GLN A 279 -33.23 11.10 -4.34
C GLN A 279 -31.90 10.32 -4.36
N GLU A 280 -31.23 10.28 -3.20
CA GLU A 280 -29.97 9.56 -3.09
C GLU A 280 -29.99 8.82 -1.76
N GLY A 281 -29.42 7.62 -1.74
CA GLY A 281 -29.24 6.94 -0.46
C GLY A 281 -30.35 5.95 -0.13
N ARG A 282 -30.47 5.63 1.16
CA ARG A 282 -31.25 4.48 1.63
C ARG A 282 -31.85 4.92 2.95
N VAL A 283 -33.18 5.05 2.96
CA VAL A 283 -33.86 5.65 4.11
C VAL A 283 -34.91 4.65 4.59
N VAL A 284 -34.86 4.35 5.89
CA VAL A 284 -35.82 3.42 6.49
C VAL A 284 -36.95 4.26 7.10
N VAL A 285 -38.18 3.85 6.84
CA VAL A 285 -39.34 4.49 7.40
C VAL A 285 -40.15 3.44 8.17
N GLN A 286 -40.62 3.85 9.35
CA GLN A 286 -41.42 2.94 10.21
C GLN A 286 -42.68 3.72 10.56
N ILE A 287 -43.77 3.38 9.87
CA ILE A 287 -44.98 4.24 9.91
C ILE A 287 -46.05 3.48 10.65
N GLY A 288 -46.66 4.08 11.67
CA GLY A 288 -47.75 3.42 12.39
C GLY A 288 -47.32 2.07 12.92
N ASP A 289 -48.15 1.05 12.66
CA ASP A 289 -47.79 -0.28 13.10
C ASP A 289 -47.19 -1.12 11.96
N TYR A 290 -46.82 -0.50 10.85
CA TYR A 290 -46.20 -1.25 9.75
C TYR A 290 -44.72 -1.57 9.97
N ALA A 291 -44.19 -2.57 9.26
CA ALA A 291 -42.77 -2.89 9.37
C ALA A 291 -41.88 -1.78 8.88
N ALA A 292 -40.73 -1.61 9.53
CA ALA A 292 -39.68 -0.70 9.05
C ALA A 292 -39.35 -1.15 7.62
N THR A 293 -39.33 -0.20 6.70
CA THR A 293 -39.16 -0.50 5.29
C THR A 293 -38.10 0.42 4.74
N GLU A 294 -37.16 -0.15 3.97
CA GLU A 294 -36.09 0.69 3.41
C GLU A 294 -36.39 1.16 1.97
N LEU A 295 -36.31 2.45 1.74
CA LEU A 295 -36.59 3.04 0.42
C LEU A 295 -35.31 3.42 -0.28
N GLY A 296 -35.26 3.19 -1.61
CA GLY A 296 -34.12 3.60 -2.42
C GLY A 296 -34.56 4.62 -3.44
N SER A 297 -33.71 4.87 -4.45
CA SER A 297 -33.94 6.03 -5.33
C SER A 297 -35.33 6.02 -5.95
N GLY A 298 -35.96 7.18 -5.83
CA GLY A 298 -37.25 7.44 -6.43
C GLY A 298 -38.42 6.86 -5.68
N ASP A 299 -38.16 6.08 -4.63
CA ASP A 299 -39.28 5.50 -3.85
C ASP A 299 -39.92 6.57 -3.01
N VAL A 300 -41.23 6.40 -2.76
CA VAL A 300 -42.02 7.42 -2.07
C VAL A 300 -42.70 6.85 -0.83
N ALA A 301 -42.65 7.60 0.27
CA ALA A 301 -43.36 7.26 1.49
C ALA A 301 -44.40 8.34 1.74
N PHE A 302 -45.60 7.93 2.14
CA PHE A 302 -46.65 8.88 2.47
C PHE A 302 -47.16 8.62 3.90
N ILE A 303 -47.25 9.67 4.71
CA ILE A 303 -47.67 9.56 6.12
C ILE A 303 -48.86 10.50 6.36
N PRO A 304 -50.03 9.96 6.65
CA PRO A 304 -51.18 10.83 6.95
C PRO A 304 -50.91 11.70 8.18
N GLY A 305 -51.55 12.86 8.22
CA GLY A 305 -51.54 13.64 9.44
C GLY A 305 -52.06 12.79 10.60
N GLY A 306 -51.44 12.95 11.75
CA GLY A 306 -51.95 12.24 12.90
C GLY A 306 -51.42 10.82 13.06
N VAL A 307 -50.57 10.36 12.13
CA VAL A 307 -49.97 9.04 12.25
C VAL A 307 -48.52 9.17 12.70
N GLU A 308 -48.14 8.39 13.73
CA GLU A 308 -46.76 8.39 14.21
C GLU A 308 -45.83 7.72 13.22
N PHE A 309 -44.64 8.29 13.06
CA PHE A 309 -43.63 7.59 12.27
C PHE A 309 -42.19 7.89 12.73
N LYS A 310 -41.25 7.03 12.32
CA LYS A 310 -39.83 7.28 12.55
C LYS A 310 -39.16 7.09 11.22
N TYR A 311 -38.09 7.84 10.97
CA TYR A 311 -37.27 7.54 9.78
C TYR A 311 -35.80 7.73 10.15
N TYR A 312 -34.92 7.03 9.44
CA TYR A 312 -33.47 7.23 9.62
C TYR A 312 -32.76 6.80 8.35
N SER A 313 -31.51 7.23 8.18
CA SER A 313 -30.77 6.86 6.97
C SER A 313 -29.89 5.65 7.28
N GLU A 314 -30.03 4.59 6.48
CA GLU A 314 -29.11 3.45 6.56
C GLU A 314 -27.83 3.81 5.78
N ALA A 315 -27.97 4.55 4.69
CA ALA A 315 -26.77 5.00 3.99
C ALA A 315 -26.05 6.07 4.80
N TYR A 316 -24.75 6.22 4.54
CA TYR A 316 -23.98 7.25 5.26
C TYR A 316 -24.41 8.67 4.92
N PHE A 317 -25.00 8.87 3.74
CA PHE A 317 -25.61 10.16 3.37
C PHE A 317 -26.81 9.84 2.49
N SER A 318 -27.97 10.40 2.84
CA SER A 318 -29.18 10.28 1.99
C SER A 318 -29.73 11.67 1.75
N LYS A 319 -30.43 11.85 0.63
CA LYS A 319 -31.11 13.12 0.39
C LYS A 319 -32.52 12.79 -0.11
N VAL A 320 -33.53 13.40 0.52
CA VAL A 320 -34.91 13.16 0.05
C VAL A 320 -35.55 14.51 -0.35
N LEU A 321 -36.54 14.43 -1.25
CA LEU A 321 -37.40 15.57 -1.57
C LEU A 321 -38.61 15.43 -0.65
N PHE A 322 -38.91 16.48 0.13
CA PHE A 322 -39.90 16.37 1.20
C PHE A 322 -41.04 17.38 1.04
N VAL A 323 -42.29 16.96 1.20
CA VAL A 323 -43.43 17.90 1.15
C VAL A 323 -44.32 17.68 2.36
N SER A 324 -44.85 18.77 2.91
CA SER A 324 -45.74 18.65 4.07
C SER A 324 -46.92 19.64 3.95
N SER A 325 -48.13 19.19 4.30
CA SER A 325 -49.28 20.07 4.46
C SER A 325 -49.26 20.76 5.83
N GLY A 326 -49.43 22.08 5.88
CA GLY A 326 -49.35 22.78 7.16
C GLY A 326 -48.15 23.71 7.13
N SER A 327 -48.01 24.53 8.16
CA SER A 327 -46.85 25.42 8.18
C SER A 327 -45.74 24.89 9.07
N ASP A 328 -46.00 23.81 9.82
CA ASP A 328 -45.04 23.35 10.83
C ASP A 328 -44.69 21.87 10.70
N GLY A 329 -44.50 21.43 9.45
CA GLY A 329 -44.09 20.07 9.18
C GLY A 329 -42.63 19.83 9.50
N LEU A 330 -42.18 18.64 9.10
CA LEU A 330 -40.87 18.15 9.54
C LEU A 330 -39.71 19.07 9.16
N ASP A 331 -39.72 19.55 7.92
CA ASP A 331 -38.61 20.38 7.48
C ASP A 331 -38.55 21.65 8.31
N GLN A 332 -39.68 22.33 8.48
CA GLN A 332 -39.70 23.56 9.25
C GLN A 332 -39.32 23.29 10.72
N ASN A 333 -39.78 22.16 11.28
CA ASN A 333 -39.38 21.80 12.63
C ASN A 333 -37.84 21.68 12.74
N LEU A 334 -37.22 20.99 11.77
CA LEU A 334 -35.76 20.81 11.82
C LEU A 334 -35.04 22.16 11.65
N VAL A 335 -35.59 23.00 10.80
CA VAL A 335 -35.01 24.36 10.62
C VAL A 335 -35.09 25.13 11.92
N ASN A 336 -36.26 25.13 12.55
CA ASN A 336 -36.44 25.93 13.74
C ASN A 336 -35.54 25.43 14.87
N GLY A 337 -35.30 24.12 14.92
CA GLY A 337 -34.40 23.57 15.94
C GLY A 337 -32.92 23.61 15.56
N GLY A 338 -32.60 24.11 14.37
CA GLY A 338 -31.24 24.08 13.86
C GLY A 338 -30.58 25.45 13.74
N GLU A 339 -29.66 25.57 12.78
CA GLU A 339 -28.87 26.82 12.62
C GLU A 339 -28.61 27.02 11.14
N GLU A 340 -28.38 28.27 10.69
CA GLU A 340 -27.96 28.48 9.29
C GLU A 340 -26.69 27.71 8.99
N TRP A 341 -26.57 27.19 7.78
CA TRP A 341 -25.46 26.32 7.48
C TRP A 341 -25.04 26.52 6.03
N SER A 342 -23.75 26.54 5.76
CA SER A 342 -23.33 26.95 4.42
C SER A 342 -22.77 25.82 3.56
N SER A 343 -23.03 24.59 3.92
CA SER A 343 -22.50 23.45 3.15
C SER A 343 -23.54 22.40 2.89
N VAL A 344 -23.37 21.65 1.79
CA VAL A 344 -24.24 20.52 1.52
C VAL A 344 -23.74 19.31 2.28
N SER A 345 -22.55 19.41 2.90
CA SER A 345 -22.04 18.35 3.77
C SER A 345 -22.21 18.75 5.22
N PHE A 346 -22.41 17.75 6.10
CA PHE A 346 -22.47 18.00 7.54
C PHE A 346 -21.08 17.88 8.19
N PRO A 347 -20.94 18.22 9.46
CA PRO A 347 -19.61 18.12 10.08
C PRO A 347 -19.06 16.69 10.12
N ALA A 348 -17.74 16.59 10.12
CA ALA A 348 -17.01 15.31 10.12
C ALA A 348 -17.01 14.63 11.50
N ASP A 349 -17.32 15.40 12.56
CA ASP A 349 -17.36 14.86 13.94
C ASP A 349 -18.75 15.09 14.51
N TRP A 350 -19.17 14.19 15.37
CA TRP A 350 -20.48 14.30 16.08
C TRP A 350 -20.45 15.42 17.13
N SER B 3 19.46 19.02 6.45
CA SER B 3 18.42 18.03 5.99
C SER B 3 18.92 16.60 6.21
N SER B 4 18.25 15.87 7.11
CA SER B 4 18.67 14.51 7.47
C SER B 4 18.04 13.46 6.55
N LEU B 5 18.88 12.55 6.08
CA LEU B 5 18.42 11.45 5.27
C LEU B 5 17.58 10.48 6.06
N ILE B 6 17.68 10.51 7.39
CA ILE B 6 17.29 9.32 8.16
C ILE B 6 15.77 9.29 8.34
N VAL B 7 15.19 8.12 8.08
CA VAL B 7 13.78 7.86 8.28
C VAL B 7 13.57 6.58 9.06
N GLU B 8 12.44 6.48 9.74
CA GLU B 8 12.14 5.27 10.54
C GLU B 8 11.33 4.18 9.78
N ASP B 9 10.62 4.60 8.74
CA ASP B 9 9.88 3.72 7.86
C ASP B 9 10.16 4.23 6.45
N ALA B 10 10.12 3.35 5.46
CA ALA B 10 10.36 3.80 4.09
C ALA B 10 9.35 4.86 3.68
N PRO B 11 9.79 5.91 2.98
CA PRO B 11 8.84 6.97 2.53
C PRO B 11 7.76 6.46 1.59
N ASP B 12 6.67 7.23 1.50
CA ASP B 12 5.57 6.86 0.59
C ASP B 12 5.76 7.46 -0.82
N HIS B 13 6.97 7.94 -1.09
CA HIS B 13 7.25 8.57 -2.37
C HIS B 13 8.78 8.49 -2.57
N VAL B 14 9.25 8.82 -3.76
CA VAL B 14 10.67 8.63 -4.05
C VAL B 14 11.43 9.83 -3.51
N ARG B 15 12.48 9.57 -2.71
CA ARG B 15 13.35 10.65 -2.19
C ARG B 15 14.61 9.97 -1.64
N PRO B 16 15.73 10.72 -1.57
CA PRO B 16 16.93 10.17 -0.87
C PRO B 16 16.57 9.81 0.58
N TYR B 17 17.02 8.65 1.06
CA TYR B 17 16.87 8.35 2.48
C TYR B 17 17.86 7.29 2.94
N VAL B 18 18.06 7.29 4.26
CA VAL B 18 18.75 6.21 4.92
C VAL B 18 17.83 5.65 5.99
N ILE B 19 17.79 4.35 6.11
CA ILE B 19 16.98 3.72 7.13
C ILE B 19 17.89 2.76 7.89
N ARG B 20 17.95 2.97 9.20
CA ARG B 20 18.93 2.24 10.02
C ARG B 20 18.47 0.80 10.17
N HIS B 21 19.42 -0.11 10.31
CA HIS B 21 19.12 -1.52 10.61
C HIS B 21 18.11 -1.67 11.77
N TYR B 22 17.05 -2.48 11.57
CA TYR B 22 16.04 -2.76 12.60
C TYR B 22 15.14 -1.57 12.90
N SER B 23 15.13 -0.56 12.01
CA SER B 23 14.11 0.50 12.18
C SER B 23 12.74 -0.18 12.01
N HIS B 24 11.68 0.52 12.42
CA HIS B 24 10.34 -0.03 12.32
C HIS B 24 10.00 -0.58 10.93
N ALA B 25 10.20 0.23 9.89
CA ALA B 25 10.09 -0.21 8.51
C ALA B 25 8.77 -0.97 8.25
N ARG B 26 7.68 -0.39 8.75
CA ARG B 26 6.34 -0.94 8.54
C ARG B 26 6.25 -2.41 8.96
N ALA B 27 6.94 -2.78 10.02
CA ALA B 27 7.13 -4.20 10.40
C ALA B 27 5.83 -4.98 10.48
N VAL B 28 5.88 -6.23 10.03
CA VAL B 28 4.82 -7.18 10.30
C VAL B 28 5.46 -8.50 10.75
N THR B 29 4.68 -9.29 11.47
CA THR B 29 5.06 -10.68 11.71
C THR B 29 4.21 -11.68 10.97
N VAL B 30 4.86 -12.79 10.61
CA VAL B 30 4.16 -13.93 10.07
C VAL B 30 4.66 -15.07 10.93
N ASP B 31 3.79 -15.47 11.87
CA ASP B 31 4.15 -16.43 12.89
C ASP B 31 5.43 -15.93 13.59
N THR B 32 6.51 -16.71 13.64
CA THR B 32 7.76 -16.25 14.27
C THR B 32 8.64 -15.25 13.49
N GLN B 33 8.37 -15.07 12.20
CA GLN B 33 9.21 -14.25 11.32
C GLN B 33 8.80 -12.80 11.40
N LEU B 34 9.79 -11.92 11.53
CA LEU B 34 9.51 -10.47 11.51
C LEU B 34 10.09 -9.87 10.22
N TYR B 35 9.22 -9.23 9.43
CA TYR B 35 9.57 -8.66 8.15
C TYR B 35 9.67 -7.15 8.26
N ARG B 36 10.72 -6.58 7.67
CA ARG B 36 10.91 -5.11 7.67
C ARG B 36 11.09 -4.68 6.23
N PHE B 37 10.41 -3.61 5.85
CA PHE B 37 10.37 -3.19 4.46
C PHE B 37 11.25 -1.93 4.30
N TYR B 38 12.56 -2.15 4.11
CA TYR B 38 13.52 -1.04 4.03
C TYR B 38 13.33 -0.23 2.75
N VAL B 39 13.06 -0.91 1.64
CA VAL B 39 12.73 -0.24 0.39
C VAL B 39 11.45 -0.91 -0.14
N THR B 40 10.48 -0.08 -0.51
CA THR B 40 9.18 -0.57 -0.98
C THR B 40 8.91 -0.14 -2.43
N GLY B 41 7.78 -0.58 -2.96
CA GLY B 41 7.31 -0.05 -4.25
C GLY B 41 7.21 1.48 -4.22
N PRO B 42 6.39 2.04 -3.34
CA PRO B 42 6.27 3.51 -3.24
C PRO B 42 7.61 4.22 -3.03
N SER B 43 8.48 3.68 -2.17
CA SER B 43 9.73 4.41 -1.87
C SER B 43 10.75 4.33 -3.01
N SER B 44 10.64 3.31 -3.86
CA SER B 44 11.60 3.18 -4.95
C SER B 44 11.00 3.50 -6.31
N GLY B 45 9.78 4.05 -6.34
CA GLY B 45 9.07 4.22 -7.60
C GLY B 45 8.93 2.91 -8.37
N TYR B 46 8.66 1.84 -7.61
CA TYR B 46 8.33 0.50 -8.08
C TYR B 46 9.48 -0.26 -8.69
N ALA B 47 10.69 0.27 -8.49
CA ALA B 47 11.86 -0.38 -9.08
C ALA B 47 12.19 -1.72 -8.42
N PHE B 48 12.18 -1.79 -7.09
CA PHE B 48 12.54 -3.01 -6.36
C PHE B 48 12.08 -2.92 -4.92
N THR B 49 12.05 -4.06 -4.27
CA THR B 49 11.78 -4.14 -2.85
C THR B 49 13.02 -4.68 -2.18
N LEU B 50 13.41 -4.09 -1.05
CA LEU B 50 14.52 -4.64 -0.29
C LEU B 50 13.99 -4.82 1.13
N MET B 51 13.91 -6.08 1.56
CA MET B 51 13.32 -6.32 2.89
C MET B 51 14.24 -7.18 3.76
N GLY B 52 14.08 -7.06 5.08
CA GLY B 52 14.82 -7.93 5.99
C GLY B 52 13.85 -8.85 6.70
N THR B 53 14.22 -10.13 6.86
CA THR B 53 13.37 -11.04 7.65
C THR B 53 14.24 -11.61 8.75
N ASN B 54 13.86 -11.42 10.01
CA ASN B 54 14.60 -11.99 11.12
C ASN B 54 13.73 -13.06 11.74
N ALA B 55 14.30 -14.22 12.09
CA ALA B 55 13.48 -15.34 12.57
C ALA B 55 14.33 -16.36 13.34
N PRO B 56 13.70 -17.07 14.27
CA PRO B 56 14.38 -18.14 15.00
C PRO B 56 14.40 -19.46 14.24
N HIS B 57 15.16 -20.41 14.78
CA HIS B 57 15.13 -21.76 14.24
C HIS B 57 13.69 -22.25 14.13
N SER B 58 13.39 -22.94 13.04
CA SER B 58 12.11 -23.67 12.95
C SER B 58 12.36 -25.08 12.42
N ASP B 59 11.62 -26.06 12.91
CA ASP B 59 11.70 -27.41 12.36
C ASP B 59 10.82 -27.55 11.12
N ALA B 60 10.10 -26.51 10.75
CA ALA B 60 9.17 -26.58 9.62
C ALA B 60 9.61 -25.63 8.54
N LEU B 61 9.12 -25.85 7.32
CA LEU B 61 9.37 -24.89 6.24
C LEU B 61 8.89 -23.52 6.68
N GLY B 62 9.56 -22.49 6.17
CA GLY B 62 9.22 -21.11 6.47
C GLY B 62 8.18 -20.56 5.52
N VAL B 63 7.77 -21.38 4.54
CA VAL B 63 6.76 -20.99 3.55
C VAL B 63 6.44 -22.22 2.71
N LEU B 64 5.20 -22.34 2.22
CA LEU B 64 4.88 -23.51 1.41
C LEU B 64 5.50 -23.25 0.03
N PRO B 65 5.88 -24.30 -0.68
CA PRO B 65 6.59 -24.11 -1.94
C PRO B 65 5.73 -23.37 -2.95
N HIS B 66 6.35 -22.52 -3.75
CA HIS B 66 5.61 -21.67 -4.66
C HIS B 66 6.49 -21.14 -5.78
N ILE B 67 5.85 -20.50 -6.77
CA ILE B 67 6.50 -19.81 -7.89
C ILE B 67 6.00 -18.37 -7.98
N HIS B 68 6.85 -17.47 -8.49
CA HIS B 68 6.38 -16.15 -8.97
C HIS B 68 6.56 -16.11 -10.47
N GLN B 69 5.55 -15.67 -11.20
CA GLN B 69 5.65 -15.61 -12.65
C GLN B 69 6.24 -14.30 -13.16
N LYS B 70 6.18 -13.27 -12.33
CA LYS B 70 6.54 -11.90 -12.77
C LYS B 70 7.56 -11.22 -11.87
N HIS B 71 8.02 -11.91 -10.82
CA HIS B 71 9.00 -11.29 -9.92
C HIS B 71 10.22 -12.16 -9.84
N TYR B 72 11.38 -11.52 -9.88
CA TYR B 72 12.66 -12.19 -9.68
C TYR B 72 13.01 -12.01 -8.21
N GLU B 73 13.26 -13.13 -7.55
CA GLU B 73 13.55 -13.11 -6.11
C GLU B 73 15.02 -13.40 -5.80
N ASN B 74 15.56 -12.71 -4.79
CA ASN B 74 16.97 -12.88 -4.42
C ASN B 74 17.06 -13.06 -2.91
N PHE B 75 17.78 -14.09 -2.45
CA PHE B 75 17.93 -14.39 -1.03
C PHE B 75 19.37 -14.13 -0.67
N TYR B 76 19.57 -13.24 0.31
CA TYR B 76 20.92 -12.99 0.82
C TYR B 76 20.92 -13.25 2.35
N CYS B 77 21.89 -14.01 2.82
CA CYS B 77 21.93 -14.29 4.25
C CYS B 77 22.81 -13.29 4.95
N ASN B 78 22.21 -12.40 5.74
CA ASN B 78 23.01 -11.44 6.51
C ASN B 78 23.74 -12.08 7.66
N LYS B 79 23.05 -12.97 8.39
CA LYS B 79 23.65 -13.67 9.52
C LYS B 79 22.80 -14.89 9.78
N GLY B 80 23.33 -15.79 10.60
CA GLY B 80 22.62 -17.02 10.93
C GLY B 80 22.65 -17.95 9.73
N SER B 81 21.56 -18.72 9.50
CA SER B 81 21.55 -19.58 8.32
C SER B 81 20.15 -20.04 8.00
N PHE B 82 19.90 -20.28 6.72
CA PHE B 82 18.65 -20.86 6.31
C PHE B 82 18.88 -21.72 5.10
N GLN B 83 18.06 -22.77 4.96
CA GLN B 83 18.12 -23.63 3.76
C GLN B 83 17.22 -23.04 2.68
N LEU B 84 17.67 -23.12 1.43
CA LEU B 84 16.85 -22.67 0.30
C LEU B 84 16.75 -23.85 -0.67
N TRP B 85 15.56 -24.10 -1.21
CA TRP B 85 15.38 -25.16 -2.21
C TRP B 85 14.85 -24.48 -3.48
N ALA B 86 15.24 -24.96 -4.66
CA ALA B 86 14.76 -24.32 -5.88
C ALA B 86 14.75 -25.30 -7.03
N GLN B 87 13.74 -25.19 -7.89
CA GLN B 87 13.69 -26.02 -9.08
C GLN B 87 13.12 -25.28 -10.26
N SER B 88 13.82 -25.36 -11.38
CA SER B 88 13.29 -24.87 -12.65
C SER B 88 12.76 -26.06 -13.46
N GLY B 89 11.44 -26.09 -13.72
CA GLY B 89 10.85 -27.11 -14.57
C GLY B 89 11.17 -28.51 -14.09
N ASN B 90 11.67 -29.32 -15.00
CA ASN B 90 12.07 -30.69 -14.67
C ASN B 90 13.57 -30.86 -14.44
N GLU B 91 14.30 -29.74 -14.26
CA GLU B 91 15.71 -29.84 -13.95
C GLU B 91 15.86 -30.38 -12.54
N THR B 92 17.03 -30.95 -12.23
CA THR B 92 17.29 -31.46 -10.89
C THR B 92 16.99 -30.40 -9.84
N GLN B 93 16.25 -30.80 -8.82
CA GLN B 93 16.01 -29.86 -7.70
C GLN B 93 17.31 -29.58 -6.93
N GLN B 94 17.56 -28.29 -6.67
CA GLN B 94 18.79 -27.89 -5.97
C GLN B 94 18.48 -27.37 -4.58
N THR B 95 19.37 -27.62 -3.62
CA THR B 95 19.21 -27.01 -2.30
C THR B 95 20.57 -26.65 -1.68
N ARG B 96 20.61 -25.51 -0.97
CA ARG B 96 21.82 -25.08 -0.26
C ARG B 96 21.43 -24.54 1.09
N VAL B 97 22.31 -24.71 2.06
CA VAL B 97 22.14 -24.04 3.34
C VAL B 97 23.03 -22.82 3.28
N LEU B 98 22.41 -21.63 3.29
CA LEU B 98 23.13 -20.36 3.18
C LEU B 98 23.52 -19.91 4.57
N SER B 99 24.77 -19.50 4.75
CA SER B 99 25.21 -18.90 6.01
C SER B 99 25.68 -17.47 5.64
N SER B 100 26.28 -16.76 6.58
CA SER B 100 26.53 -15.34 6.38
C SER B 100 27.27 -14.99 5.11
N GLY B 101 26.69 -14.06 4.36
CA GLY B 101 27.32 -13.66 3.13
C GLY B 101 26.94 -14.49 1.90
N ASP B 102 26.22 -15.60 2.07
CA ASP B 102 25.83 -16.40 0.91
C ASP B 102 24.59 -15.87 0.18
N TYR B 103 24.42 -16.29 -1.08
CA TYR B 103 23.42 -15.72 -1.96
C TYR B 103 22.73 -16.81 -2.78
N GLY B 104 21.40 -16.70 -2.90
CA GLY B 104 20.61 -17.59 -3.72
C GLY B 104 19.75 -16.80 -4.69
N SER B 105 19.82 -17.16 -5.98
CA SER B 105 19.07 -16.44 -7.02
C SER B 105 17.87 -17.27 -7.46
N VAL B 106 16.69 -16.66 -7.44
CA VAL B 106 15.45 -17.39 -7.82
C VAL B 106 14.69 -16.60 -8.91
N PRO B 107 15.05 -16.85 -10.17
CA PRO B 107 14.34 -16.26 -11.30
C PRO B 107 12.85 -16.58 -11.31
N ARG B 108 12.13 -15.86 -12.15
CA ARG B 108 10.73 -16.14 -12.39
C ARG B 108 10.53 -17.60 -12.77
N ASN B 109 9.39 -18.16 -12.39
CA ASN B 109 9.00 -19.53 -12.73
C ASN B 109 9.91 -20.60 -12.14
N VAL B 110 10.53 -20.30 -11.01
CA VAL B 110 11.33 -21.28 -10.28
C VAL B 110 10.65 -21.60 -8.99
N THR B 111 10.32 -22.87 -8.80
CA THR B 111 9.67 -23.32 -7.57
C THR B 111 10.65 -23.22 -6.41
N HIS B 112 10.22 -22.68 -5.27
CA HIS B 112 11.16 -22.51 -4.16
C HIS B 112 10.46 -22.48 -2.81
N THR B 113 11.25 -22.75 -1.77
CA THR B 113 10.86 -22.59 -0.38
C THR B 113 12.14 -22.44 0.45
N PHE B 114 12.01 -22.12 1.74
CA PHE B 114 13.18 -21.98 2.61
C PHE B 114 12.84 -22.48 4.00
N GLN B 115 13.86 -22.63 4.86
CA GLN B 115 13.64 -23.06 6.25
C GLN B 115 14.71 -22.38 7.06
N ILE B 116 14.31 -21.74 8.16
CA ILE B 116 15.26 -21.02 9.01
C ILE B 116 15.98 -22.01 9.94
N GLN B 117 17.32 -22.01 9.96
CA GLN B 117 18.08 -22.98 10.74
C GLN B 117 18.62 -22.40 12.06
N ASP B 118 19.29 -21.26 12.03
CA ASP B 118 19.97 -20.82 13.26
C ASP B 118 19.14 -19.78 14.03
N PRO B 119 19.34 -19.68 15.34
CA PRO B 119 18.58 -18.74 16.18
C PRO B 119 18.63 -17.28 15.77
N ASP B 120 19.79 -16.79 15.35
CA ASP B 120 19.83 -15.37 14.99
C ASP B 120 19.95 -15.24 13.48
N THR B 121 18.92 -15.66 12.75
CA THR B 121 18.97 -15.63 11.28
C THR B 121 18.33 -14.38 10.74
N GLU B 122 19.02 -13.77 9.77
CA GLU B 122 18.51 -12.63 9.03
C GLU B 122 18.69 -12.88 7.53
N MET B 123 17.58 -12.74 6.83
CA MET B 123 17.51 -12.91 5.37
C MET B 123 17.28 -11.52 4.82
N THR B 124 18.02 -11.11 3.80
CA THR B 124 17.70 -9.88 3.07
C THR B 124 17.12 -10.33 1.73
N GLY B 125 15.90 -9.88 1.43
CA GLY B 125 15.23 -10.26 0.20
C GLY B 125 15.26 -9.07 -0.75
N VAL B 126 15.71 -9.29 -1.99
CA VAL B 126 15.65 -8.25 -3.01
C VAL B 126 14.74 -8.79 -4.12
N ILE B 127 13.64 -8.10 -4.38
CA ILE B 127 12.61 -8.62 -5.27
C ILE B 127 12.36 -7.54 -6.33
N VAL B 128 12.31 -7.98 -7.57
CA VAL B 128 12.21 -7.07 -8.71
C VAL B 128 11.04 -7.56 -9.59
N PRO B 129 10.11 -6.71 -9.99
CA PRO B 129 10.06 -5.28 -9.63
C PRO B 129 9.53 -5.04 -8.22
N GLY B 130 9.41 -3.76 -7.84
CA GLY B 130 9.02 -3.40 -6.49
C GLY B 130 7.53 -3.53 -6.27
N GLY B 131 7.11 -3.52 -4.99
CA GLY B 131 5.68 -3.60 -4.68
C GLY B 131 5.22 -4.98 -4.22
N PHE B 132 6.11 -5.97 -4.31
CA PHE B 132 5.81 -7.34 -3.89
C PHE B 132 5.39 -7.42 -2.42
N GLU B 133 5.88 -6.49 -1.60
CA GLU B 133 5.60 -6.43 -0.15
C GLU B 133 4.10 -6.38 0.20
N ASP B 134 3.26 -5.98 -0.75
CA ASP B 134 1.79 -6.00 -0.51
C ASP B 134 1.35 -7.38 0.04
N LEU B 135 1.99 -8.43 -0.47
CA LEU B 135 1.72 -9.79 -0.02
C LEU B 135 1.85 -9.87 1.49
N PHE B 136 2.92 -9.31 2.03
CA PHE B 136 3.18 -9.42 3.48
C PHE B 136 2.29 -8.53 4.33
N TYR B 137 1.82 -7.43 3.74
CA TYR B 137 0.84 -6.60 4.44
C TYR B 137 -0.42 -7.42 4.69
N TYR B 138 -0.77 -8.29 3.73
CA TYR B 138 -1.92 -9.16 3.86
C TYR B 138 -1.64 -10.34 4.84
N LEU B 139 -0.56 -11.06 4.57
CA LEU B 139 -0.22 -12.24 5.38
C LEU B 139 0.17 -11.91 6.81
N GLY B 140 0.82 -10.78 7.00
CA GLY B 140 1.42 -10.42 8.27
C GLY B 140 0.53 -9.65 9.23
N THR B 141 0.93 -9.61 10.49
CA THR B 141 0.25 -8.80 11.49
C THR B 141 1.17 -7.63 11.84
N ASN B 142 0.67 -6.40 11.77
CA ASN B 142 1.48 -5.25 12.17
C ASN B 142 2.12 -5.46 13.55
N ALA B 143 3.38 -5.06 13.66
CA ALA B 143 4.17 -5.21 14.88
C ALA B 143 4.61 -3.83 15.31
N THR B 144 4.28 -3.42 16.53
CA THR B 144 4.79 -2.14 17.02
C THR B 144 6.29 -2.23 17.33
N ASP B 145 6.69 -3.37 17.90
CA ASP B 145 8.07 -3.65 18.31
C ASP B 145 8.79 -2.40 18.83
N THR B 146 8.29 -1.90 19.97
CA THR B 146 8.78 -0.68 20.58
C THR B 146 10.29 -0.64 20.80
N THR B 147 10.85 -1.77 21.21
CA THR B 147 12.29 -1.80 21.51
C THR B 147 13.16 -2.11 20.30
N HIS B 148 12.56 -2.33 19.14
CA HIS B 148 13.30 -2.66 17.88
C HIS B 148 14.10 -3.97 17.98
N THR B 149 13.61 -4.91 18.79
CA THR B 149 14.25 -6.19 18.88
C THR B 149 14.18 -6.87 17.49
N PRO B 150 15.23 -7.57 17.08
CA PRO B 150 15.25 -8.14 15.72
C PRO B 150 14.01 -8.98 15.40
N TYR B 151 13.62 -9.89 16.30
CA TYR B 151 12.32 -10.56 16.12
C TYR B 151 11.69 -10.75 17.49
N ILE B 152 10.40 -11.05 17.53
CA ILE B 152 9.71 -11.20 18.83
C ILE B 152 10.05 -12.54 19.48
N PRO B 153 10.65 -12.51 20.67
CA PRO B 153 11.09 -13.76 21.29
C PRO B 153 9.89 -14.65 21.65
N SER B 154 10.01 -15.98 21.48
CA SER B 154 8.89 -16.91 21.75
C SER B 154 9.33 -18.23 22.36
N SER B 155 8.35 -19.04 22.80
CA SER B 155 8.63 -20.37 23.33
C SER B 155 7.93 -21.47 22.51
N SER B 156 8.44 -21.73 21.31
CA SER B 156 7.84 -22.72 20.41
C SER B 156 8.73 -23.96 20.20
N SER B 159 4.29 -28.17 15.28
CA SER B 159 4.75 -27.08 14.43
C SER B 159 4.59 -27.42 12.94
N SER B 160 3.62 -26.78 12.31
CA SER B 160 3.47 -26.88 10.86
C SER B 160 4.22 -25.75 10.17
N THR B 161 4.23 -25.79 8.84
CA THR B 161 4.84 -24.77 8.00
C THR B 161 4.37 -23.37 8.42
N THR B 162 5.32 -22.43 8.48
CA THR B 162 5.03 -21.03 8.73
C THR B 162 4.25 -20.43 7.56
N GLY B 163 3.34 -19.51 7.87
CA GLY B 163 2.63 -18.76 6.88
C GLY B 163 1.28 -19.35 6.57
N PRO B 164 0.75 -19.01 5.39
CA PRO B 164 -0.56 -19.51 4.96
C PRO B 164 -0.58 -21.05 4.85
N ASP B 165 -1.72 -21.65 5.18
CA ASP B 165 -1.91 -23.10 5.02
C ASP B 165 -2.09 -23.43 3.54
N SER B 166 -2.26 -24.71 3.19
CA SER B 166 -2.28 -25.09 1.79
C SER B 166 -3.47 -24.42 1.05
N SER B 167 -4.67 -24.46 1.64
CA SER B 167 -5.84 -23.77 1.06
C SER B 167 -5.61 -22.27 0.83
N THR B 168 -4.96 -21.61 1.79
CA THR B 168 -4.78 -20.14 1.75
C THR B 168 -3.71 -19.74 0.75
N ILE B 169 -2.61 -20.49 0.71
CA ILE B 169 -1.51 -20.15 -0.21
C ILE B 169 -1.90 -20.37 -1.69
N SER B 170 -2.97 -21.16 -1.91
CA SER B 170 -3.54 -21.41 -3.24
C SER B 170 -4.55 -20.32 -3.68
N THR B 171 -4.53 -19.19 -2.99
CA THR B 171 -5.55 -18.16 -3.05
C THR B 171 -4.91 -16.79 -3.46
N LEU B 172 -3.59 -16.84 -3.66
CA LEU B 172 -2.62 -15.71 -3.65
C LEU B 172 -2.02 -15.40 -5.01
N GLN B 173 -2.69 -15.85 -6.05
CA GLN B 173 -2.21 -15.63 -7.41
C GLN B 173 -2.19 -14.16 -7.77
N SER B 174 -3.13 -13.39 -7.19
CA SER B 174 -3.13 -11.94 -7.38
C SER B 174 -1.90 -11.24 -6.85
N PHE B 175 -1.21 -11.83 -5.85
CA PHE B 175 0.08 -11.31 -5.40
C PHE B 175 1.28 -11.94 -6.13
N ASP B 176 1.02 -12.65 -7.24
CA ASP B 176 2.07 -13.35 -7.99
C ASP B 176 2.70 -14.45 -7.15
N VAL B 177 1.84 -15.14 -6.38
CA VAL B 177 2.26 -16.30 -5.62
C VAL B 177 1.44 -17.48 -6.12
N TYR B 178 2.12 -18.45 -6.72
CA TYR B 178 1.45 -19.62 -7.29
C TYR B 178 1.89 -20.85 -6.54
N ALA B 179 0.96 -21.51 -5.86
CA ALA B 179 1.30 -22.67 -5.05
C ALA B 179 1.80 -23.87 -5.86
N GLU B 180 2.82 -24.54 -5.32
CA GLU B 180 3.33 -25.78 -5.88
C GLU B 180 3.24 -26.85 -4.79
N LEU B 181 2.03 -27.32 -4.52
CA LEU B 181 1.79 -28.16 -3.34
C LEU B 181 2.39 -29.57 -3.44
N SER B 182 2.59 -30.06 -4.67
CA SER B 182 3.22 -31.36 -4.84
C SER B 182 4.77 -31.32 -4.79
N PHE B 183 5.36 -30.14 -4.57
CA PHE B 183 6.82 -30.03 -4.46
C PHE B 183 7.29 -30.68 -3.18
N THR B 184 8.29 -31.56 -3.27
CA THR B 184 8.82 -32.22 -2.09
C THR B 184 10.25 -31.77 -1.96
N PRO B 185 10.55 -30.88 -1.00
CA PRO B 185 11.93 -30.43 -0.77
C PRO B 185 12.80 -31.63 -0.50
N ARG B 186 13.94 -31.70 -1.15
CA ARG B 186 14.72 -32.95 -1.05
C ARG B 186 15.29 -33.10 0.36
N THR B 187 15.45 -34.35 0.77
CA THR B 187 15.80 -34.72 2.14
C THR B 187 17.16 -35.42 2.23
N ASP B 188 18.02 -35.24 1.21
CA ASP B 188 19.35 -35.87 1.16
C ASP B 188 20.46 -34.84 1.29
N THR B 189 20.17 -33.80 2.04
CA THR B 189 21.18 -32.78 2.26
C THR B 189 22.37 -33.36 3.06
N VAL B 190 23.60 -33.07 2.61
CA VAL B 190 24.84 -33.45 3.32
C VAL B 190 25.82 -32.28 3.13
N ASN B 191 26.54 -31.86 4.19
CA ASN B 191 27.39 -30.65 4.16
C ASN B 191 26.72 -29.39 3.54
N GLY B 192 25.41 -29.25 3.76
CA GLY B 192 24.71 -28.05 3.36
C GLY B 192 24.37 -27.96 1.88
N THR B 193 24.49 -29.08 1.18
CA THR B 193 24.06 -29.09 -0.23
C THR B 193 23.50 -30.43 -0.70
N ALA B 194 22.65 -30.36 -1.73
CA ALA B 194 22.22 -31.53 -2.48
C ALA B 194 21.79 -31.04 -3.87
N PRO B 195 21.96 -31.85 -4.92
CA PRO B 195 22.51 -33.20 -4.87
C PRO B 195 24.04 -33.20 -4.71
N ALA B 196 24.64 -34.39 -4.78
CA ALA B 196 26.08 -34.58 -4.51
C ALA B 196 27.00 -33.86 -5.48
N ASN B 197 26.59 -33.76 -6.74
CA ASN B 197 27.42 -33.16 -7.78
C ASN B 197 27.31 -31.65 -7.84
N THR B 198 27.43 -30.99 -6.69
CA THR B 198 27.35 -29.53 -6.59
C THR B 198 28.52 -28.98 -5.79
N VAL B 199 28.70 -27.68 -5.92
CA VAL B 199 29.83 -26.97 -5.32
C VAL B 199 29.27 -25.96 -4.33
N TRP B 200 29.55 -26.16 -3.05
CA TRP B 200 29.05 -25.21 -2.03
C TRP B 200 30.08 -25.06 -0.91
N HIS B 201 30.71 -23.88 -0.90
CA HIS B 201 31.79 -23.49 0.01
C HIS B 201 33.07 -24.32 -0.21
N THR B 202 33.15 -25.01 -1.34
CA THR B 202 34.28 -25.92 -1.61
C THR B 202 34.94 -25.58 -2.93
N GLY B 203 34.47 -24.52 -3.59
CA GLY B 203 34.94 -24.21 -4.93
C GLY B 203 34.21 -23.07 -5.59
N ALA B 204 34.68 -22.65 -6.76
CA ALA B 204 34.07 -21.52 -7.45
C ALA B 204 32.59 -21.75 -7.82
N ASN B 205 31.79 -20.70 -7.69
CA ASN B 205 30.39 -20.69 -8.18
C ASN B 205 30.24 -19.68 -9.32
N ALA B 206 29.79 -20.15 -10.49
CA ALA B 206 29.48 -19.24 -11.59
C ALA B 206 28.02 -18.77 -11.51
N LEU B 207 27.72 -17.61 -12.08
CA LEU B 207 26.32 -17.18 -12.28
C LEU B 207 25.72 -18.11 -13.36
N ALA B 208 24.45 -18.47 -13.24
CA ALA B 208 23.87 -19.33 -14.28
C ALA B 208 23.95 -18.66 -15.66
N SER B 209 24.38 -19.39 -16.68
CA SER B 209 24.40 -18.77 -17.99
C SER B 209 23.06 -18.89 -18.66
N THR B 210 22.24 -19.82 -18.17
CA THR B 210 20.92 -20.06 -18.75
C THR B 210 19.90 -19.25 -17.95
N ALA B 211 19.17 -18.38 -18.64
CA ALA B 211 18.15 -17.56 -18.01
C ALA B 211 17.07 -18.48 -17.50
N GLY B 212 16.50 -18.15 -16.34
CA GLY B 212 15.42 -18.94 -15.77
C GLY B 212 15.92 -20.01 -14.82
N ASP B 213 17.23 -20.23 -14.80
CA ASP B 213 17.78 -21.26 -13.91
C ASP B 213 18.20 -20.61 -12.60
N PRO B 214 17.90 -21.26 -11.46
CA PRO B 214 18.38 -20.76 -10.18
C PRO B 214 19.87 -21.05 -10.05
N TYR B 215 20.53 -20.33 -9.16
CA TYR B 215 21.93 -20.58 -8.89
C TYR B 215 22.26 -19.97 -7.54
N PHE B 216 23.42 -20.33 -7.02
CA PHE B 216 23.78 -19.94 -5.66
C PHE B 216 25.25 -19.59 -5.66
N ILE B 217 25.62 -18.59 -4.85
CA ILE B 217 27.01 -18.13 -4.79
C ILE B 217 27.35 -18.07 -3.32
N ALA B 218 28.30 -18.92 -2.91
CA ALA B 218 28.76 -18.92 -1.51
C ALA B 218 29.72 -17.73 -1.28
N ASN B 219 29.74 -17.19 -0.06
CA ASN B 219 30.46 -15.96 0.23
C ASN B 219 31.91 -16.03 -0.28
N GLY B 220 32.27 -15.17 -1.24
CA GLY B 220 33.66 -15.06 -1.67
C GLY B 220 34.02 -15.97 -2.84
N TRP B 221 33.08 -16.85 -3.23
CA TRP B 221 33.40 -17.89 -4.21
C TRP B 221 32.95 -17.56 -5.64
N GLY B 222 32.27 -16.42 -5.80
CA GLY B 222 31.78 -16.05 -7.14
C GLY B 222 32.81 -15.22 -7.91
N PRO B 223 32.48 -14.80 -9.14
CA PRO B 223 33.33 -13.94 -9.96
C PRO B 223 33.52 -12.57 -9.31
N LYS B 224 34.73 -11.98 -9.41
CA LYS B 224 35.03 -10.68 -8.77
C LYS B 224 35.78 -9.81 -9.76
N TYR B 225 35.61 -8.49 -9.65
CA TYR B 225 36.31 -7.52 -10.49
C TYR B 225 36.92 -6.49 -9.58
N LEU B 226 38.19 -6.15 -9.84
CA LEU B 226 38.85 -5.08 -9.09
C LEU B 226 38.78 -3.80 -9.92
N ASN B 227 38.30 -2.74 -9.31
CA ASN B 227 38.32 -1.44 -9.91
C ASN B 227 39.27 -0.60 -9.07
N SER B 228 40.21 0.05 -9.74
CA SER B 228 41.25 0.82 -9.05
C SER B 228 41.17 2.33 -9.38
N GLN B 229 40.01 2.79 -9.86
CA GLN B 229 39.88 4.17 -10.31
C GLN B 229 39.78 5.16 -9.13
N TYR B 230 39.16 4.75 -8.02
CA TYR B 230 38.91 5.68 -6.92
C TYR B 230 39.22 4.95 -5.63
N GLY B 231 40.50 4.67 -5.39
CA GLY B 231 40.87 3.64 -4.41
C GLY B 231 40.55 2.27 -4.99
N TYR B 232 40.56 1.22 -4.16
CA TYR B 232 40.22 -0.12 -4.67
C TYR B 232 38.81 -0.51 -4.29
N GLN B 233 38.06 -1.02 -5.24
CA GLN B 233 36.73 -1.53 -4.95
C GLN B 233 36.61 -2.89 -5.67
N ILE B 234 36.08 -3.88 -4.98
CA ILE B 234 35.90 -5.17 -5.59
C ILE B 234 34.41 -5.41 -5.75
N VAL B 235 33.97 -5.65 -6.98
CA VAL B 235 32.56 -5.94 -7.24
C VAL B 235 32.40 -7.47 -7.39
N ALA B 236 31.48 -8.07 -6.62
CA ALA B 236 31.15 -9.47 -6.83
C ALA B 236 29.74 -9.53 -7.41
N PRO B 237 29.59 -9.67 -8.72
CA PRO B 237 28.23 -9.71 -9.33
C PRO B 237 27.42 -10.91 -8.84
N PHE B 238 26.14 -10.68 -8.62
CA PHE B 238 25.16 -11.72 -8.25
C PHE B 238 24.16 -11.84 -9.39
N VAL B 239 23.70 -10.69 -9.93
CA VAL B 239 22.78 -10.68 -11.09
C VAL B 239 23.30 -9.68 -12.10
N THR B 240 23.41 -10.14 -13.35
CA THR B 240 23.77 -9.30 -14.49
C THR B 240 22.65 -9.39 -15.54
N ALA B 241 22.84 -8.67 -16.65
CA ALA B 241 21.83 -8.66 -17.72
C ALA B 241 21.52 -10.06 -18.24
N THR B 242 22.52 -10.96 -18.20
CA THR B 242 22.30 -12.33 -18.68
C THR B 242 21.15 -12.99 -17.91
N GLN B 243 21.14 -12.79 -16.59
CA GLN B 243 20.16 -13.40 -15.72
C GLN B 243 18.90 -12.54 -15.63
N ALA B 244 19.07 -11.22 -15.50
CA ALA B 244 17.89 -10.33 -15.27
C ALA B 244 16.97 -10.22 -16.49
N GLN B 245 17.57 -10.23 -17.67
CA GLN B 245 16.84 -10.00 -18.92
C GLN B 245 15.90 -8.77 -18.75
N ASP B 246 14.64 -8.92 -19.08
CA ASP B 246 13.72 -7.79 -19.10
C ASP B 246 13.37 -7.24 -17.69
N THR B 247 13.68 -7.98 -16.63
CA THR B 247 13.56 -7.38 -15.29
C THR B 247 14.54 -6.23 -15.04
N ASN B 248 15.60 -6.14 -15.84
CA ASN B 248 16.34 -4.88 -16.00
C ASN B 248 16.90 -4.32 -14.69
N TYR B 249 17.79 -5.08 -14.07
CA TYR B 249 18.43 -4.65 -12.85
C TYR B 249 19.75 -5.38 -12.69
N THR B 250 20.57 -4.90 -11.76
CA THR B 250 21.77 -5.62 -11.36
C THR B 250 21.82 -5.74 -9.84
N LEU B 251 22.61 -6.74 -9.36
CA LEU B 251 22.76 -6.99 -7.95
C LEU B 251 24.16 -7.54 -7.72
N SER B 252 24.82 -7.12 -6.64
CA SER B 252 26.21 -7.50 -6.40
C SER B 252 26.57 -7.12 -4.95
N THR B 253 27.75 -7.53 -4.49
CA THR B 253 28.35 -6.77 -3.37
C THR B 253 29.47 -5.90 -3.92
N ILE B 254 29.71 -4.79 -3.22
CA ILE B 254 30.86 -3.95 -3.51
C ILE B 254 31.68 -3.82 -2.24
N SER B 255 32.94 -4.25 -2.30
CA SER B 255 33.87 -4.11 -1.21
C SER B 255 34.78 -2.92 -1.48
N MET B 256 35.13 -2.15 -0.44
CA MET B 256 35.81 -0.86 -0.65
C MET B 256 37.00 -0.67 0.27
N SER B 257 38.10 -0.11 -0.24
CA SER B 257 39.23 0.36 0.57
C SER B 257 38.90 1.81 0.96
N THR B 258 39.80 2.45 1.72
CA THR B 258 39.71 3.91 1.88
C THR B 258 40.11 4.59 0.60
N THR B 259 39.82 5.88 0.54
CA THR B 259 40.18 6.72 -0.59
C THR B 259 41.58 7.34 -0.37
N PRO B 260 42.56 7.00 -1.21
CA PRO B 260 43.97 7.36 -0.96
C PRO B 260 44.45 8.77 -1.40
N SER B 261 45.71 9.08 -1.06
CA SER B 261 46.35 10.36 -1.43
C SER B 261 46.13 10.69 -2.93
N THR B 262 45.75 11.95 -3.17
CA THR B 262 45.47 12.59 -4.50
C THR B 262 44.11 12.26 -5.10
N VAL B 263 43.44 11.27 -4.55
CA VAL B 263 42.14 10.84 -5.09
C VAL B 263 41.01 11.58 -4.37
N THR B 264 40.09 12.18 -5.14
CA THR B 264 38.94 12.85 -4.56
C THR B 264 37.75 11.90 -4.70
N VAL B 265 36.92 11.79 -3.67
CA VAL B 265 35.74 10.91 -3.76
C VAL B 265 34.87 11.45 -4.91
N PRO B 266 34.56 10.58 -5.89
CA PRO B 266 33.82 10.98 -7.10
C PRO B 266 32.32 11.15 -6.86
N THR B 267 31.68 11.88 -7.74
CA THR B 267 30.23 12.07 -7.72
C THR B 267 29.63 11.21 -8.81
N TRP B 268 28.57 10.49 -8.47
CA TRP B 268 27.89 9.59 -9.40
C TRP B 268 26.44 10.04 -9.69
N SER B 269 25.92 9.65 -10.84
CA SER B 269 24.50 9.78 -11.11
C SER B 269 24.18 8.73 -12.15
N PHE B 270 23.07 8.02 -11.92
CA PHE B 270 22.62 6.96 -12.84
C PHE B 270 21.13 7.11 -13.05
N PRO B 271 20.62 6.63 -14.18
CA PRO B 271 19.21 6.88 -14.50
C PRO B 271 18.23 6.12 -13.65
N GLY B 272 18.55 4.90 -13.23
CA GLY B 272 17.69 4.11 -12.37
C GLY B 272 17.99 4.31 -10.90
N ALA B 273 16.95 4.12 -10.06
CA ALA B 273 17.17 4.06 -8.62
C ALA B 273 18.22 3.00 -8.23
N CYS B 274 18.93 3.22 -7.12
CA CYS B 274 19.78 2.17 -6.58
C CYS B 274 19.76 2.23 -5.06
N ALA B 275 20.29 1.18 -4.41
CA ALA B 275 20.29 1.13 -2.95
C ALA B 275 21.39 0.23 -2.51
N PHE B 276 21.85 0.42 -1.27
CA PHE B 276 22.74 -0.56 -0.70
C PHE B 276 22.51 -0.74 0.79
N GLN B 277 22.83 -1.95 1.24
CA GLN B 277 22.82 -2.26 2.66
C GLN B 277 24.23 -2.61 3.07
N VAL B 278 24.75 -1.91 4.07
CA VAL B 278 26.10 -2.25 4.58
C VAL B 278 26.07 -3.64 5.22
N GLN B 279 27.04 -4.47 4.86
CA GLN B 279 27.23 -5.77 5.51
C GLN B 279 28.32 -5.72 6.55
N GLU B 280 29.43 -5.07 6.18
CA GLU B 280 30.59 -4.97 7.07
C GLU B 280 31.18 -3.58 6.87
N GLY B 281 31.63 -2.95 7.95
CA GLY B 281 32.38 -1.71 7.80
C GLY B 281 31.56 -0.47 8.07
N ARG B 282 32.06 0.64 7.52
CA ARG B 282 31.51 1.98 7.84
C ARG B 282 31.59 2.82 6.60
N VAL B 283 30.43 3.19 6.08
CA VAL B 283 30.37 3.79 4.74
C VAL B 283 29.64 5.11 4.85
N VAL B 284 30.27 6.18 4.38
CA VAL B 284 29.62 7.47 4.40
C VAL B 284 28.95 7.70 3.05
N VAL B 285 27.67 8.11 3.06
CA VAL B 285 26.94 8.42 1.84
C VAL B 285 26.46 9.86 1.95
N GLN B 286 26.50 10.55 0.81
CA GLN B 286 25.99 11.91 0.68
C GLN B 286 25.14 11.93 -0.58
N ILE B 287 23.85 12.24 -0.44
CA ILE B 287 22.90 12.11 -1.55
C ILE B 287 22.20 13.44 -1.75
N GLY B 288 22.22 13.93 -2.99
CA GLY B 288 21.54 15.17 -3.33
C GLY B 288 22.00 16.27 -2.41
N ASP B 289 21.03 17.01 -1.88
CA ASP B 289 21.30 18.15 -1.03
C ASP B 289 21.34 17.86 0.46
N TYR B 290 21.29 16.58 0.83
CA TYR B 290 21.20 16.18 2.23
C TYR B 290 22.55 16.10 2.88
N ALA B 291 22.56 16.22 4.21
CA ALA B 291 23.77 16.01 4.98
C ALA B 291 24.31 14.57 4.85
N ALA B 292 25.62 14.45 4.73
CA ALA B 292 26.32 13.17 4.71
C ALA B 292 25.98 12.38 5.99
N THR B 293 25.87 11.06 5.83
CA THR B 293 25.56 10.16 6.95
C THR B 293 26.51 8.96 6.86
N GLU B 294 27.02 8.54 8.02
CA GLU B 294 27.83 7.30 8.09
C GLU B 294 26.91 6.12 8.44
N LEU B 295 27.02 5.05 7.65
CA LEU B 295 26.18 3.84 7.82
C LEU B 295 27.00 2.73 8.42
N GLY B 296 26.35 1.92 9.26
CA GLY B 296 26.98 0.72 9.81
C GLY B 296 26.19 -0.52 9.44
N SER B 297 26.41 -1.63 10.16
CA SER B 297 25.92 -2.90 9.64
C SER B 297 24.40 -2.91 9.53
N GLY B 298 23.94 -3.40 8.39
CA GLY B 298 22.53 -3.55 8.14
C GLY B 298 21.81 -2.26 7.76
N ASP B 299 22.48 -1.11 7.88
CA ASP B 299 21.86 0.20 7.48
C ASP B 299 21.71 0.25 5.93
N VAL B 300 20.63 0.92 5.48
CA VAL B 300 20.26 0.93 4.06
C VAL B 300 20.22 2.37 3.56
N ALA B 301 20.85 2.62 2.42
CA ALA B 301 20.75 3.92 1.72
C ALA B 301 20.02 3.73 0.42
N PHE B 302 19.16 4.67 0.10
CA PHE B 302 18.41 4.63 -1.12
C PHE B 302 18.66 5.92 -1.91
N ILE B 303 18.99 5.76 -3.19
CA ILE B 303 19.32 6.89 -4.05
C ILE B 303 18.40 6.92 -5.29
N PRO B 304 17.51 7.89 -5.40
CA PRO B 304 16.61 7.99 -6.56
C PRO B 304 17.38 8.09 -7.86
N GLY B 305 16.82 7.52 -8.89
CA GLY B 305 17.34 7.71 -10.24
C GLY B 305 17.52 9.18 -10.56
N GLY B 306 18.68 9.51 -11.11
CA GLY B 306 18.97 10.85 -11.56
C GLY B 306 19.46 11.79 -10.47
N VAL B 307 19.61 11.29 -9.24
CA VAL B 307 20.14 12.12 -8.16
C VAL B 307 21.64 11.86 -7.96
N GLU B 308 22.41 12.94 -7.82
CA GLU B 308 23.85 12.80 -7.59
C GLU B 308 24.13 12.28 -6.20
N PHE B 309 25.15 11.44 -6.07
CA PHE B 309 25.58 10.89 -4.79
C PHE B 309 27.08 10.65 -4.74
N LYS B 310 27.63 10.64 -3.52
CA LYS B 310 29.02 10.27 -3.28
C LYS B 310 28.98 9.27 -2.14
N TYR B 311 29.89 8.30 -2.17
CA TYR B 311 30.08 7.40 -1.03
C TYR B 311 31.55 7.08 -0.87
N TYR B 312 31.96 6.78 0.34
CA TYR B 312 33.32 6.34 0.56
C TYR B 312 33.37 5.51 1.84
N SER B 313 34.42 4.69 1.97
CA SER B 313 34.57 3.90 3.18
C SER B 313 35.42 4.64 4.21
N GLU B 314 34.87 4.84 5.41
CA GLU B 314 35.66 5.27 6.56
C GLU B 314 36.44 4.10 7.16
N ALA B 315 35.86 2.91 7.16
CA ALA B 315 36.60 1.73 7.61
C ALA B 315 37.68 1.41 6.61
N TYR B 316 38.74 0.74 7.08
CA TYR B 316 39.76 0.22 6.17
C TYR B 316 39.23 -0.77 5.13
N PHE B 317 38.16 -1.49 5.45
CA PHE B 317 37.50 -2.36 4.47
C PHE B 317 36.02 -2.38 4.81
N SER B 318 35.18 -2.10 3.82
CA SER B 318 33.72 -2.21 3.95
C SER B 318 33.18 -3.09 2.83
N LYS B 319 32.03 -3.73 3.08
CA LYS B 319 31.37 -4.51 2.04
C LYS B 319 29.88 -4.18 2.13
N VAL B 320 29.27 -3.91 0.97
CA VAL B 320 27.83 -3.59 0.92
C VAL B 320 27.13 -4.53 -0.07
N LEU B 321 25.86 -4.80 0.18
CA LEU B 321 24.99 -5.46 -0.83
C LEU B 321 24.33 -4.34 -1.65
N PHE B 322 24.43 -4.42 -2.97
CA PHE B 322 24.06 -3.31 -3.84
C PHE B 322 23.04 -3.75 -4.88
N VAL B 323 21.97 -2.95 -5.08
CA VAL B 323 20.99 -3.27 -6.12
C VAL B 323 20.76 -2.00 -6.96
N SER B 324 20.58 -2.17 -8.26
CA SER B 324 20.35 -1.03 -9.15
C SER B 324 19.33 -1.37 -10.23
N SER B 325 18.46 -0.41 -10.52
CA SER B 325 17.52 -0.55 -11.60
C SER B 325 18.21 -0.03 -12.89
N GLY B 326 18.07 -0.77 -13.97
CA GLY B 326 18.78 -0.51 -15.22
C GLY B 326 19.90 -1.53 -15.42
N SER B 327 20.52 -1.46 -16.59
CA SER B 327 21.59 -2.43 -16.86
C SER B 327 22.96 -1.86 -16.59
N ASP B 328 23.05 -0.55 -16.32
CA ASP B 328 24.36 0.10 -16.27
C ASP B 328 24.53 1.03 -15.08
N GLY B 329 24.08 0.56 -13.91
CA GLY B 329 24.28 1.29 -12.68
C GLY B 329 25.71 1.14 -12.14
N LEU B 330 25.88 1.57 -10.90
CA LEU B 330 27.22 1.74 -10.32
C LEU B 330 28.06 0.47 -10.39
N ASP B 331 27.47 -0.67 -10.02
CA ASP B 331 28.26 -1.92 -9.98
C ASP B 331 28.76 -2.34 -11.37
N GLN B 332 27.90 -2.27 -12.39
CA GLN B 332 28.31 -2.64 -13.72
C GLN B 332 29.32 -1.59 -14.22
N ASN B 333 29.14 -0.34 -13.79
CA ASN B 333 30.10 0.70 -14.17
C ASN B 333 31.52 0.40 -13.63
N LEU B 334 31.59 0.03 -12.35
CA LEU B 334 32.86 -0.34 -11.70
C LEU B 334 33.44 -1.58 -12.37
N VAL B 335 32.60 -2.55 -12.70
CA VAL B 335 33.10 -3.76 -13.41
C VAL B 335 33.69 -3.39 -14.76
N ASN B 336 32.94 -2.61 -15.54
CA ASN B 336 33.41 -2.21 -16.86
C ASN B 336 34.71 -1.43 -16.81
N GLY B 337 34.92 -0.66 -15.74
CA GLY B 337 36.14 0.12 -15.61
C GLY B 337 37.25 -0.64 -14.90
N GLY B 338 37.01 -1.90 -14.54
CA GLY B 338 38.00 -2.67 -13.79
C GLY B 338 38.43 -3.91 -14.57
N GLU B 339 38.98 -4.90 -13.88
CA GLU B 339 39.50 -6.14 -14.50
C GLU B 339 39.13 -7.31 -13.59
N GLU B 340 38.95 -8.51 -14.16
CA GLU B 340 38.67 -9.69 -13.35
C GLU B 340 39.76 -9.86 -12.31
N TRP B 341 39.37 -10.37 -11.14
CA TRP B 341 40.22 -10.38 -9.97
C TRP B 341 39.93 -11.63 -9.16
N SER B 342 40.96 -12.23 -8.57
CA SER B 342 40.74 -13.52 -7.97
C SER B 342 40.67 -13.53 -6.44
N SER B 343 40.56 -12.37 -5.79
CA SER B 343 40.60 -12.31 -4.30
C SER B 343 39.50 -11.50 -3.73
N VAL B 344 39.07 -11.83 -2.51
CA VAL B 344 38.18 -10.93 -1.77
C VAL B 344 38.91 -9.73 -1.18
N SER B 345 40.23 -9.81 -1.15
CA SER B 345 41.08 -8.72 -0.67
C SER B 345 41.64 -7.96 -1.86
N PHE B 346 41.89 -6.66 -1.66
CA PHE B 346 42.52 -5.80 -2.70
C PHE B 346 44.02 -5.75 -2.50
N PRO B 347 44.77 -5.22 -3.48
CA PRO B 347 46.22 -5.19 -3.33
C PRO B 347 46.69 -4.48 -2.07
N ALA B 348 47.86 -4.87 -1.59
CA ALA B 348 48.45 -4.27 -0.38
C ALA B 348 49.13 -2.92 -0.65
N ASP B 349 49.37 -2.60 -1.93
CA ASP B 349 49.99 -1.32 -2.34
C ASP B 349 49.04 -0.58 -3.25
N TRP B 350 49.06 0.75 -3.17
CA TRP B 350 48.26 1.57 -4.10
C TRP B 350 48.87 1.52 -5.51
N SER C 3 -17.05 -14.11 6.35
CA SER C 3 -16.98 -13.14 7.50
C SER C 3 -18.11 -12.17 7.39
N SER C 4 -17.86 -11.12 6.63
CA SER C 4 -18.92 -10.28 6.14
C SER C 4 -18.54 -9.86 4.73
N LEU C 5 -19.47 -10.08 3.81
CA LEU C 5 -19.38 -9.45 2.47
C LEU C 5 -19.14 -7.92 2.50
N ILE C 6 -19.80 -7.23 3.41
CA ILE C 6 -19.68 -5.77 3.45
C ILE C 6 -18.42 -5.43 4.22
N VAL C 7 -17.63 -4.50 3.68
CA VAL C 7 -16.41 -4.01 4.34
C VAL C 7 -16.40 -2.47 4.35
N GLU C 8 -15.66 -1.89 5.30
CA GLU C 8 -15.64 -0.43 5.47
C GLU C 8 -14.47 0.24 4.71
N ASP C 9 -13.42 -0.55 4.43
CA ASP C 9 -12.31 -0.14 3.56
C ASP C 9 -12.06 -1.28 2.59
N ALA C 10 -11.54 -0.97 1.41
CA ALA C 10 -11.22 -2.06 0.46
C ALA C 10 -10.27 -3.03 1.11
N PRO C 11 -10.50 -4.34 0.95
CA PRO C 11 -9.60 -5.35 1.52
C PRO C 11 -8.15 -5.22 1.00
N ASP C 12 -7.21 -5.77 1.76
CA ASP C 12 -5.80 -5.72 1.36
C ASP C 12 -5.40 -6.92 0.47
N HIS C 13 -6.40 -7.64 -0.05
CA HIS C 13 -6.17 -8.82 -0.91
C HIS C 13 -7.44 -9.02 -1.74
N VAL C 14 -7.37 -9.90 -2.74
CA VAL C 14 -8.55 -10.14 -3.59
C VAL C 14 -9.59 -11.08 -2.92
N ARG C 15 -10.84 -10.63 -2.87
CA ARG C 15 -11.96 -11.42 -2.34
C ARG C 15 -13.27 -10.76 -2.77
N PRO C 16 -14.39 -11.50 -2.77
CA PRO C 16 -15.69 -10.83 -2.97
C PRO C 16 -15.93 -9.76 -1.89
N TYR C 17 -16.41 -8.57 -2.28
CA TYR C 17 -16.85 -7.61 -1.27
C TYR C 17 -17.81 -6.60 -1.80
N VAL C 18 -18.54 -5.99 -0.87
CA VAL C 18 -19.36 -4.83 -1.19
C VAL C 18 -18.88 -3.73 -0.24
N ILE C 19 -18.79 -2.51 -0.75
CA ILE C 19 -18.44 -1.38 0.09
C ILE C 19 -19.50 -0.33 -0.13
N ARG C 20 -20.14 0.13 0.95
CA ARG C 20 -21.25 1.08 0.83
C ARG C 20 -20.75 2.46 0.42
N HIS C 21 -21.60 3.23 -0.24
CA HIS C 21 -21.30 4.61 -0.58
C HIS C 21 -20.85 5.41 0.66
N TYR C 22 -19.78 6.18 0.49
CA TYR C 22 -19.19 7.01 1.57
C TYR C 22 -18.64 6.23 2.75
N SER C 23 -18.36 4.94 2.57
CA SER C 23 -17.61 4.21 3.58
C SER C 23 -16.25 4.87 3.75
N HIS C 24 -15.54 4.58 4.85
CA HIS C 24 -14.25 5.25 5.05
C HIS C 24 -13.28 5.09 3.84
N ALA C 25 -13.12 3.87 3.37
CA ALA C 25 -12.39 3.59 2.10
C ALA C 25 -11.03 4.31 2.04
N ARG C 26 -10.27 4.14 3.13
CA ARG C 26 -8.93 4.69 3.27
C ARG C 26 -8.86 6.17 2.88
N ALA C 27 -9.89 6.93 3.31
CA ALA C 27 -10.07 8.32 2.87
C ALA C 27 -8.86 9.22 3.07
N VAL C 28 -8.57 10.04 2.06
CA VAL C 28 -7.66 11.17 2.30
C VAL C 28 -8.31 12.46 1.75
N THR C 29 -7.85 13.60 2.24
CA THR C 29 -8.19 14.89 1.63
C THR C 29 -6.99 15.51 0.92
N VAL C 30 -7.28 16.16 -0.21
CA VAL C 30 -6.29 17.01 -0.89
C VAL C 30 -6.93 18.40 -0.95
N ASP C 31 -6.50 19.28 -0.06
CA ASP C 31 -7.20 20.55 0.17
C ASP C 31 -8.71 20.29 0.42
N THR C 32 -9.62 20.80 -0.40
CA THR C 32 -11.07 20.59 -0.10
C THR C 32 -11.64 19.27 -0.62
N GLN C 33 -10.85 18.52 -1.36
CA GLN C 33 -11.37 17.35 -2.07
C GLN C 33 -11.22 16.15 -1.16
N LEU C 34 -12.23 15.29 -1.11
CA LEU C 34 -12.09 14.07 -0.31
C LEU C 34 -12.16 12.84 -1.22
N TYR C 35 -11.10 12.02 -1.18
CA TYR C 35 -10.95 10.84 -2.02
C TYR C 35 -11.22 9.59 -1.21
N ARG C 36 -12.02 8.67 -1.78
CA ARG C 36 -12.31 7.36 -1.18
C ARG C 36 -11.92 6.27 -2.20
N PHE C 37 -11.24 5.24 -1.74
CA PHE C 37 -10.71 4.22 -2.66
C PHE C 37 -11.51 2.94 -2.52
N TYR C 38 -12.57 2.87 -3.32
CA TYR C 38 -13.53 1.76 -3.21
C TYR C 38 -12.95 0.47 -3.72
N VAL C 39 -12.15 0.59 -4.79
CA VAL C 39 -11.36 -0.53 -5.32
C VAL C 39 -9.91 -0.06 -5.51
N THR C 40 -8.98 -0.82 -4.98
CA THR C 40 -7.55 -0.46 -5.04
C THR C 40 -6.78 -1.51 -5.82
N GLY C 41 -5.48 -1.26 -5.98
CA GLY C 41 -4.60 -2.28 -6.55
C GLY C 41 -4.62 -3.57 -5.74
N PRO C 42 -4.34 -3.51 -4.43
CA PRO C 42 -4.39 -4.76 -3.63
C PRO C 42 -5.76 -5.41 -3.65
N SER C 43 -6.85 -4.66 -3.61
CA SER C 43 -8.17 -5.31 -3.57
C SER C 43 -8.60 -5.90 -4.92
N SER C 44 -8.02 -5.42 -6.02
CA SER C 44 -8.38 -5.92 -7.35
C SER C 44 -7.32 -6.79 -8.01
N GLY C 45 -6.23 -7.09 -7.30
CA GLY C 45 -5.11 -7.83 -7.89
C GLY C 45 -4.56 -6.98 -9.03
N TYR C 46 -4.58 -5.67 -8.81
CA TYR C 46 -3.92 -4.63 -9.65
C TYR C 46 -4.64 -4.41 -10.98
N ALA C 47 -5.88 -4.90 -11.05
CA ALA C 47 -6.66 -4.77 -12.29
C ALA C 47 -7.09 -3.33 -12.60
N PHE C 48 -7.63 -2.65 -11.58
CA PHE C 48 -8.12 -1.29 -11.74
C PHE C 48 -8.33 -0.65 -10.38
N THR C 49 -8.46 0.68 -10.40
CA THR C 49 -8.77 1.49 -9.21
C THR C 49 -10.11 2.09 -9.50
N LEU C 50 -11.02 2.03 -8.52
CA LEU C 50 -12.28 2.76 -8.63
C LEU C 50 -12.35 3.65 -7.40
N MET C 51 -12.36 4.98 -7.63
CA MET C 51 -12.36 5.94 -6.51
C MET C 51 -13.44 6.96 -6.64
N GLY C 52 -13.88 7.50 -5.50
CA GLY C 52 -14.82 8.58 -5.56
C GLY C 52 -14.14 9.82 -5.03
N THR C 53 -14.42 10.97 -5.62
CA THR C 53 -13.93 12.24 -5.09
C THR C 53 -15.14 13.14 -4.89
N ASN C 54 -15.35 13.60 -3.65
CA ASN C 54 -16.39 14.59 -3.36
C ASN C 54 -15.74 15.92 -3.02
N ALA C 55 -16.28 17.03 -3.56
CA ALA C 55 -15.66 18.35 -3.38
C ALA C 55 -16.68 19.45 -3.61
N PRO C 56 -16.45 20.59 -2.97
CA PRO C 56 -17.28 21.81 -3.16
C PRO C 56 -16.87 22.59 -4.41
N HIS C 57 -17.71 23.56 -4.77
CA HIS C 57 -17.35 24.48 -5.84
C HIS C 57 -15.93 25.03 -5.62
N SER C 58 -15.13 25.12 -6.68
CA SER C 58 -13.89 25.88 -6.60
C SER C 58 -13.74 26.83 -7.79
N ASP C 59 -13.23 28.03 -7.56
CA ASP C 59 -12.90 28.96 -8.63
C ASP C 59 -11.60 28.60 -9.36
N ALA C 60 -10.82 27.69 -8.77
CA ALA C 60 -9.52 27.29 -9.33
C ALA C 60 -9.57 25.88 -9.91
N LEU C 61 -8.61 25.55 -10.77
CA LEU C 61 -8.46 24.18 -11.26
C LEU C 61 -8.34 23.23 -10.07
N GLY C 62 -8.84 22.01 -10.24
CA GLY C 62 -8.76 20.99 -9.21
C GLY C 62 -7.44 20.24 -9.18
N VAL C 63 -6.60 20.46 -10.20
CA VAL C 63 -5.27 19.83 -10.33
C VAL C 63 -4.53 20.57 -11.46
N LEU C 64 -3.20 20.70 -11.37
CA LEU C 64 -2.44 21.24 -12.49
C LEU C 64 -2.49 20.27 -13.67
N PRO C 65 -2.49 20.79 -14.91
CA PRO C 65 -2.53 19.94 -16.09
C PRO C 65 -1.39 18.92 -16.09
N HIS C 66 -1.69 17.71 -16.54
CA HIS C 66 -0.74 16.62 -16.52
C HIS C 66 -1.14 15.50 -17.48
N ILE C 67 -0.24 14.55 -17.64
CA ILE C 67 -0.41 13.35 -18.46
C ILE C 67 -0.09 12.09 -17.61
N HIS C 68 -0.72 10.97 -17.94
CA HIS C 68 -0.28 9.62 -17.50
C HIS C 68 0.23 8.85 -18.68
N GLN C 69 1.43 8.29 -18.60
CA GLN C 69 1.95 7.55 -19.74
C GLN C 69 1.48 6.10 -19.75
N LYS C 70 1.09 5.60 -18.59
CA LYS C 70 0.81 4.17 -18.44
C LYS C 70 -0.59 3.86 -17.90
N HIS C 71 -1.35 4.89 -17.58
CA HIS C 71 -2.67 4.68 -17.04
C HIS C 71 -3.71 5.31 -17.93
N TYR C 72 -4.81 4.58 -18.12
CA TYR C 72 -5.98 5.10 -18.80
C TYR C 72 -6.93 5.58 -17.70
N GLU C 73 -7.37 6.83 -17.82
CA GLU C 73 -8.23 7.45 -16.82
C GLU C 73 -9.65 7.70 -17.35
N ASN C 74 -10.62 7.51 -16.49
CA ASN C 74 -12.04 7.64 -16.84
C ASN C 74 -12.71 8.50 -15.78
N PHE C 75 -13.48 9.50 -16.23
CA PHE C 75 -14.13 10.44 -15.31
C PHE C 75 -15.60 10.27 -15.49
N TYR C 76 -16.30 9.99 -14.39
CA TYR C 76 -17.76 9.81 -14.42
C TYR C 76 -18.34 10.71 -13.35
N CYS C 77 -19.36 11.47 -13.72
CA CYS C 77 -19.93 12.43 -12.77
C CYS C 77 -21.14 11.77 -12.12
N ASN C 78 -21.01 11.42 -10.83
CA ASN C 78 -22.18 10.84 -10.13
C ASN C 78 -23.25 11.85 -9.82
N LYS C 79 -22.83 13.06 -9.44
CA LYS C 79 -23.77 14.14 -9.13
C LYS C 79 -22.98 15.47 -9.13
N GLY C 80 -23.71 16.56 -9.17
CA GLY C 80 -23.09 17.88 -9.20
C GLY C 80 -22.53 18.11 -10.59
N SER C 81 -21.37 18.77 -10.71
CA SER C 81 -20.81 19.03 -12.04
C SER C 81 -19.36 19.44 -11.93
N PHE C 82 -18.59 19.08 -12.95
CA PHE C 82 -17.21 19.50 -13.05
C PHE C 82 -16.85 19.62 -14.50
N GLN C 83 -15.97 20.58 -14.78
CA GLN C 83 -15.40 20.80 -16.11
C GLN C 83 -14.17 19.94 -16.26
N LEU C 84 -14.02 19.37 -17.45
CA LEU C 84 -12.89 18.49 -17.78
C LEU C 84 -12.28 19.03 -19.07
N TRP C 85 -10.94 19.15 -19.11
CA TRP C 85 -10.24 19.58 -20.31
C TRP C 85 -9.34 18.41 -20.74
N ALA C 86 -9.21 18.21 -22.06
CA ALA C 86 -8.38 17.11 -22.57
C ALA C 86 -7.81 17.42 -23.92
N GLN C 87 -6.56 17.00 -24.13
CA GLN C 87 -5.95 17.22 -25.45
C GLN C 87 -4.93 16.13 -25.75
N SER C 88 -5.09 15.45 -26.88
CA SER C 88 -4.08 14.51 -27.41
C SER C 88 -3.14 15.19 -28.41
N GLY C 89 -1.83 14.91 -28.35
CA GLY C 89 -0.86 15.48 -29.28
C GLY C 89 -1.23 16.88 -29.71
N ASN C 90 -1.23 17.12 -31.02
CA ASN C 90 -1.57 18.43 -31.53
C ASN C 90 -3.02 18.56 -32.03
N GLU C 91 -3.89 17.70 -31.52
CA GLU C 91 -5.31 17.79 -31.82
C GLU C 91 -5.88 18.98 -31.07
N THR C 92 -7.04 19.43 -31.54
CA THR C 92 -7.77 20.51 -30.95
C THR C 92 -8.00 20.20 -29.47
N GLN C 93 -7.84 21.19 -28.58
CA GLN C 93 -8.16 21.02 -27.16
C GLN C 93 -9.68 20.93 -26.96
N GLN C 94 -10.13 19.88 -26.25
CA GLN C 94 -11.56 19.68 -26.00
C GLN C 94 -11.88 19.97 -24.53
N THR C 95 -13.07 20.53 -24.28
CA THR C 95 -13.55 20.65 -22.91
C THR C 95 -15.06 20.49 -22.81
N ARG C 96 -15.50 19.87 -21.72
CA ARG C 96 -16.94 19.69 -21.48
C ARG C 96 -17.19 19.93 -20.00
N VAL C 97 -18.39 20.38 -19.68
CA VAL C 97 -18.83 20.46 -18.29
C VAL C 97 -19.73 19.25 -18.08
N LEU C 98 -19.28 18.32 -17.26
CA LEU C 98 -20.01 17.07 -16.99
C LEU C 98 -20.98 17.32 -15.87
N SER C 99 -22.25 16.93 -16.08
CA SER C 99 -23.22 16.86 -14.99
C SER C 99 -23.62 15.41 -14.78
N SER C 100 -24.64 15.15 -13.97
CA SER C 100 -24.90 13.76 -13.49
C SER C 100 -25.07 12.77 -14.64
N GLY C 101 -24.31 11.69 -14.59
CA GLY C 101 -24.38 10.58 -15.54
C GLY C 101 -23.49 10.79 -16.77
N ASP C 102 -22.80 11.92 -16.85
CA ASP C 102 -21.89 12.22 -17.97
C ASP C 102 -20.52 11.56 -17.77
N TYR C 103 -19.81 11.35 -18.88
CA TYR C 103 -18.59 10.55 -18.91
C TYR C 103 -17.50 11.22 -19.75
N GLY C 104 -16.25 11.18 -19.26
CA GLY C 104 -15.12 11.67 -20.02
C GLY C 104 -14.00 10.65 -20.06
N SER C 105 -13.52 10.36 -21.27
CA SER C 105 -12.48 9.34 -21.48
C SER C 105 -11.12 10.00 -21.71
N VAL C 106 -10.13 9.61 -20.92
CA VAL C 106 -8.77 10.17 -20.99
C VAL C 106 -7.70 9.05 -21.15
N PRO C 107 -7.47 8.66 -22.40
CA PRO C 107 -6.42 7.68 -22.72
C PRO C 107 -5.01 8.12 -22.27
N ARG C 108 -4.09 7.17 -22.30
CA ARG C 108 -2.68 7.44 -22.00
C ARG C 108 -2.18 8.58 -22.92
N ASN C 109 -1.29 9.41 -22.36
CA ASN C 109 -0.65 10.52 -23.06
C ASN C 109 -1.60 11.65 -23.48
N VAL C 110 -2.72 11.76 -22.79
CA VAL C 110 -3.65 12.87 -23.06
C VAL C 110 -3.53 13.86 -21.89
N THR C 111 -3.19 15.12 -22.21
CA THR C 111 -3.10 16.16 -21.20
C THR C 111 -4.48 16.47 -20.70
N HIS C 112 -4.65 16.61 -19.38
CA HIS C 112 -5.96 16.87 -18.82
C HIS C 112 -5.92 17.62 -17.48
N THR C 113 -7.05 18.21 -17.11
CA THR C 113 -7.28 18.82 -15.80
C THR C 113 -8.80 18.95 -15.63
N PHE C 114 -9.24 19.30 -14.44
CA PHE C 114 -10.67 19.44 -14.14
C PHE C 114 -10.88 20.57 -13.16
N GLN C 115 -12.13 21.00 -13.02
CA GLN C 115 -12.47 22.07 -12.11
C GLN C 115 -13.86 21.71 -11.57
N ILE C 116 -13.98 21.71 -10.25
CA ILE C 116 -15.28 21.40 -9.60
C ILE C 116 -16.24 22.62 -9.60
N GLN C 117 -17.43 22.44 -10.17
CA GLN C 117 -18.36 23.57 -10.35
C GLN C 117 -19.44 23.62 -9.25
N ASP C 118 -20.19 22.54 -9.06
CA ASP C 118 -21.35 22.58 -8.15
C ASP C 118 -21.00 22.20 -6.71
N PRO C 119 -21.80 22.68 -5.74
CA PRO C 119 -21.51 22.38 -4.33
C PRO C 119 -21.50 20.91 -3.96
N ASP C 120 -22.41 20.12 -4.53
CA ASP C 120 -22.49 18.69 -4.14
C ASP C 120 -21.99 17.83 -5.29
N THR C 121 -20.69 17.95 -5.59
CA THR C 121 -20.14 17.28 -6.76
C THR C 121 -19.44 16.01 -6.33
N GLU C 122 -19.68 14.93 -7.08
CA GLU C 122 -18.98 13.69 -6.86
C GLU C 122 -18.49 13.17 -8.21
N MET C 123 -17.21 12.82 -8.27
CA MET C 123 -16.53 12.30 -9.49
C MET C 123 -16.17 10.87 -9.19
N THR C 124 -16.51 9.94 -10.06
CA THR C 124 -15.99 8.59 -9.89
C THR C 124 -14.89 8.41 -10.92
N GLY C 125 -13.71 7.98 -10.45
CA GLY C 125 -12.58 7.77 -11.32
C GLY C 125 -12.39 6.29 -11.47
N VAL C 126 -12.23 5.82 -12.71
CA VAL C 126 -11.85 4.42 -12.95
C VAL C 126 -10.52 4.49 -13.69
N ILE C 127 -9.46 3.94 -13.10
CA ILE C 127 -8.11 4.10 -13.65
C ILE C 127 -7.57 2.69 -13.84
N VAL C 128 -6.96 2.45 -14.99
CA VAL C 128 -6.46 1.12 -15.38
C VAL C 128 -5.00 1.31 -15.82
N PRO C 129 -4.03 0.53 -15.31
CA PRO C 129 -4.26 -0.55 -14.34
C PRO C 129 -4.43 -0.03 -12.93
N GLY C 130 -4.65 -0.94 -11.96
CA GLY C 130 -4.88 -0.57 -10.58
C GLY C 130 -3.60 -0.20 -9.86
N GLY C 131 -3.75 0.43 -8.71
CA GLY C 131 -2.62 0.85 -7.88
C GLY C 131 -2.28 2.32 -8.01
N PHE C 132 -2.98 3.02 -8.89
CA PHE C 132 -2.72 4.44 -9.09
C PHE C 132 -2.94 5.26 -7.78
N GLU C 133 -3.76 4.74 -6.86
CA GLU C 133 -4.09 5.38 -5.59
C GLU C 133 -2.89 5.73 -4.69
N ASP C 134 -1.76 5.05 -4.91
CA ASP C 134 -0.57 5.36 -4.13
C ASP C 134 -0.24 6.86 -4.27
N LEU C 135 -0.53 7.46 -5.42
CA LEU C 135 -0.31 8.91 -5.58
C LEU C 135 -1.03 9.73 -4.49
N PHE C 136 -2.28 9.38 -4.25
CA PHE C 136 -3.12 10.12 -3.29
C PHE C 136 -2.75 9.82 -1.87
N TYR C 137 -2.19 8.65 -1.61
CA TYR C 137 -1.68 8.37 -0.27
C TYR C 137 -0.54 9.35 0.08
N TYR C 138 0.26 9.70 -0.92
CA TYR C 138 1.33 10.68 -0.77
C TYR C 138 0.81 12.10 -0.72
N LEU C 139 0.02 12.49 -1.73
CA LEU C 139 -0.47 13.87 -1.81
C LEU C 139 -1.51 14.20 -0.73
N GLY C 140 -2.26 13.21 -0.28
CA GLY C 140 -3.38 13.48 0.60
C GLY C 140 -3.03 13.37 2.07
N THR C 141 -3.94 13.85 2.91
CA THR C 141 -3.82 13.70 4.34
C THR C 141 -4.91 12.75 4.79
N ASN C 142 -4.56 11.70 5.50
CA ASN C 142 -5.59 10.77 5.98
C ASN C 142 -6.71 11.51 6.68
N ALA C 143 -7.94 11.03 6.47
CA ALA C 143 -9.10 11.62 7.10
C ALA C 143 -9.86 10.54 7.87
N THR C 144 -10.10 10.75 9.16
CA THR C 144 -10.92 9.82 9.92
C THR C 144 -12.38 9.92 9.50
N ASP C 145 -12.84 11.13 9.21
CA ASP C 145 -14.25 11.40 8.84
C ASP C 145 -15.23 10.50 9.57
N THR C 146 -15.31 10.70 10.88
CA THR C 146 -16.09 9.82 11.75
C THR C 146 -17.55 9.75 11.33
N THR C 147 -18.13 10.87 10.89
CA THR C 147 -19.56 10.89 10.53
C THR C 147 -19.84 10.41 9.10
N HIS C 148 -18.79 10.09 8.34
CA HIS C 148 -18.89 9.71 6.92
C HIS C 148 -19.52 10.82 6.04
N THR C 149 -19.29 12.08 6.42
CA THR C 149 -19.79 13.17 5.61
C THR C 149 -19.12 13.11 4.21
N PRO C 150 -19.84 13.41 3.12
CA PRO C 150 -19.26 13.27 1.75
C PRO C 150 -17.92 14.02 1.60
N TYR C 151 -17.87 15.27 2.07
CA TYR C 151 -16.58 15.96 2.12
C TYR C 151 -16.57 16.89 3.33
N ILE C 152 -15.39 17.35 3.74
CA ILE C 152 -15.30 18.17 4.97
C ILE C 152 -15.77 19.59 4.69
N PRO C 153 -16.78 20.08 5.41
CA PRO C 153 -17.31 21.42 5.15
C PRO C 153 -16.31 22.59 5.33
N SER C 159 -7.67 32.20 -4.72
CA SER C 159 -7.86 30.79 -5.00
C SER C 159 -6.72 30.18 -5.83
N SER C 160 -5.85 29.44 -5.15
CA SER C 160 -4.78 28.67 -5.79
C SER C 160 -5.35 27.37 -6.35
N THR C 161 -4.78 26.89 -7.45
CA THR C 161 -5.08 25.55 -7.97
C THR C 161 -4.97 24.50 -6.84
N THR C 162 -5.94 23.60 -6.76
CA THR C 162 -5.94 22.53 -5.76
C THR C 162 -4.81 21.53 -6.03
N GLY C 163 -4.22 21.01 -4.95
CA GLY C 163 -3.25 19.94 -5.06
C GLY C 163 -1.83 20.48 -5.08
N PRO C 164 -0.89 19.64 -5.53
CA PRO C 164 0.52 20.03 -5.60
C PRO C 164 0.74 21.31 -6.43
N ASP C 165 1.66 22.15 -5.97
CA ASP C 165 2.03 23.34 -6.72
C ASP C 165 2.93 22.97 -7.91
N SER C 166 3.29 23.96 -8.73
CA SER C 166 4.04 23.67 -9.96
C SER C 166 5.37 22.92 -9.70
N SER C 167 6.13 23.28 -8.67
CA SER C 167 7.36 22.54 -8.33
C SER C 167 7.09 21.05 -8.09
N THR C 168 6.11 20.76 -7.23
CA THR C 168 5.84 19.42 -6.71
C THR C 168 5.20 18.52 -7.77
N ILE C 169 4.27 19.06 -8.56
CA ILE C 169 3.61 18.26 -9.61
C ILE C 169 4.61 17.76 -10.68
N SER C 170 5.78 18.41 -10.73
CA SER C 170 6.86 18.07 -11.66
C SER C 170 7.86 17.09 -11.04
N THR C 171 7.39 16.30 -10.09
CA THR C 171 8.25 15.55 -9.16
C THR C 171 7.62 14.14 -8.91
N LEU C 172 6.54 13.90 -9.64
CA LEU C 172 5.62 12.80 -9.44
C LEU C 172 5.69 11.76 -10.56
N GLN C 173 6.78 11.79 -11.33
CA GLN C 173 6.94 10.84 -12.43
C GLN C 173 6.86 9.38 -11.98
N SER C 174 7.37 9.09 -10.79
CA SER C 174 7.33 7.72 -10.27
C SER C 174 5.93 7.19 -10.04
N PHE C 175 4.94 8.09 -9.93
CA PHE C 175 3.51 7.72 -9.82
C PHE C 175 2.79 7.84 -11.19
N ASP C 176 3.58 7.98 -12.24
CA ASP C 176 3.02 8.13 -13.62
C ASP C 176 2.24 9.41 -13.76
N VAL C 177 2.75 10.48 -13.17
CA VAL C 177 2.15 11.79 -13.37
C VAL C 177 3.23 12.68 -13.95
N TYR C 178 2.95 13.26 -15.12
CA TYR C 178 3.94 14.11 -15.80
C TYR C 178 3.31 15.48 -16.00
N ALA C 179 3.98 16.50 -15.50
CA ALA C 179 3.42 17.85 -15.54
C ALA C 179 3.36 18.35 -16.97
N GLU C 180 2.33 19.16 -17.26
CA GLU C 180 2.22 19.89 -18.52
C GLU C 180 1.93 21.35 -18.21
N LEU C 181 2.93 22.03 -17.65
CA LEU C 181 2.73 23.38 -17.11
C LEU C 181 2.41 24.46 -18.17
N SER C 182 2.81 24.26 -19.42
CA SER C 182 2.43 25.19 -20.49
C SER C 182 1.00 25.04 -21.05
N PHE C 183 0.28 24.00 -20.64
CA PHE C 183 -1.09 23.79 -21.09
C PHE C 183 -2.01 24.87 -20.50
N THR C 184 -2.76 25.55 -21.35
CA THR C 184 -3.68 26.57 -20.87
C THR C 184 -5.12 26.09 -21.14
N PRO C 185 -5.85 25.74 -20.10
CA PRO C 185 -7.24 25.25 -20.32
C PRO C 185 -8.05 26.33 -21.04
N ARG C 186 -8.77 25.96 -22.10
CA ARG C 186 -9.47 26.98 -22.88
C ARG C 186 -10.61 27.61 -22.09
N THR C 187 -10.86 28.89 -22.41
CA THR C 187 -11.78 29.71 -21.64
C THR C 187 -12.90 30.26 -22.53
N ASP C 188 -13.29 29.51 -23.55
CA ASP C 188 -14.34 29.95 -24.47
C ASP C 188 -15.50 28.97 -24.47
N THR C 189 -15.74 28.36 -23.32
CA THR C 189 -16.87 27.47 -23.15
C THR C 189 -18.19 28.21 -23.32
N VAL C 190 -19.13 27.57 -24.02
CA VAL C 190 -20.52 28.04 -24.19
C VAL C 190 -21.45 26.83 -24.10
N ASN C 191 -22.51 26.91 -23.30
CA ASN C 191 -23.37 25.73 -23.06
C ASN C 191 -22.60 24.47 -22.70
N GLY C 192 -21.54 24.62 -21.93
CA GLY C 192 -20.88 23.49 -21.33
C GLY C 192 -19.89 22.80 -22.25
N THR C 193 -19.60 23.41 -23.40
CA THR C 193 -18.62 22.83 -24.30
C THR C 193 -17.80 23.84 -25.11
N ALA C 194 -16.60 23.39 -25.50
CA ALA C 194 -15.77 24.08 -26.51
C ALA C 194 -14.82 23.04 -27.14
N PRO C 195 -14.40 23.21 -28.41
CA PRO C 195 -14.75 24.34 -29.25
C PRO C 195 -16.21 24.29 -29.75
N ALA C 196 -16.61 25.27 -30.55
CA ALA C 196 -17.97 25.29 -31.11
C ALA C 196 -18.14 24.06 -32.01
N ASN C 197 -19.34 23.54 -32.22
CA ASN C 197 -19.31 22.48 -33.28
C ASN C 197 -18.76 21.16 -32.70
N THR C 198 -18.93 21.05 -31.41
CA THR C 198 -18.89 19.78 -30.72
C THR C 198 -20.34 19.55 -30.32
N VAL C 199 -20.61 18.35 -29.87
CA VAL C 199 -21.96 17.90 -29.55
C VAL C 199 -21.98 17.54 -28.06
N TRP C 200 -22.75 18.30 -27.29
CA TRP C 200 -22.76 18.04 -25.84
C TRP C 200 -24.19 18.27 -25.33
N HIS C 201 -24.86 17.15 -24.99
CA HIS C 201 -26.27 17.15 -24.55
C HIS C 201 -27.25 17.61 -25.60
N THR C 202 -26.80 17.61 -26.86
CA THR C 202 -27.65 18.05 -27.99
C THR C 202 -27.72 17.04 -29.15
N GLY C 203 -27.16 15.87 -28.98
CA GLY C 203 -27.05 14.94 -30.11
C GLY C 203 -26.21 13.75 -29.72
N ALA C 204 -26.09 12.79 -30.64
CA ALA C 204 -25.39 11.54 -30.30
C ALA C 204 -23.90 11.77 -30.07
N ASN C 205 -23.33 10.98 -29.16
CA ASN C 205 -21.88 10.98 -28.98
C ASN C 205 -21.36 9.62 -29.33
N ALA C 206 -20.40 9.56 -30.23
CA ALA C 206 -19.77 8.27 -30.56
C ALA C 206 -18.51 8.08 -29.71
N LEU C 207 -18.11 6.83 -29.49
CA LEU C 207 -16.82 6.57 -28.86
C LEU C 207 -15.77 6.98 -29.86
N ALA C 208 -14.59 7.44 -29.41
CA ALA C 208 -13.52 7.75 -30.37
C ALA C 208 -13.15 6.52 -31.18
N SER C 209 -13.07 6.67 -32.49
CA SER C 209 -12.71 5.54 -33.33
C SER C 209 -11.18 5.37 -33.38
N THR C 210 -10.45 6.41 -32.95
CA THR C 210 -8.98 6.37 -32.96
C THR C 210 -8.43 6.19 -31.55
N ALA C 211 -7.61 5.16 -31.35
CA ALA C 211 -7.03 4.94 -30.02
C ALA C 211 -6.14 6.12 -29.64
N GLY C 212 -6.17 6.50 -28.36
CA GLY C 212 -5.36 7.62 -27.90
C GLY C 212 -6.06 8.97 -27.85
N ASP C 213 -7.24 9.07 -28.44
CA ASP C 213 -7.95 10.36 -28.46
C ASP C 213 -8.95 10.42 -27.32
N PRO C 214 -9.05 11.57 -26.63
CA PRO C 214 -10.09 11.70 -25.60
C PRO C 214 -11.46 11.78 -26.26
N TYR C 215 -12.50 11.50 -25.47
CA TYR C 215 -13.87 11.65 -25.96
C TYR C 215 -14.80 11.74 -24.78
N PHE C 216 -16.02 12.21 -25.03
CA PHE C 216 -16.97 12.46 -23.95
C PHE C 216 -18.33 11.94 -24.35
N ILE C 217 -19.05 11.35 -23.41
CA ILE C 217 -20.39 10.86 -23.72
C ILE C 217 -21.34 11.48 -22.71
N ALA C 218 -22.29 12.25 -23.21
CA ALA C 218 -23.32 12.83 -22.35
C ALA C 218 -24.39 11.79 -21.99
N ASN C 219 -24.93 11.90 -20.78
CA ASN C 219 -25.82 10.88 -20.21
C ASN C 219 -26.95 10.56 -21.21
N GLY C 220 -26.96 9.31 -21.68
CA GLY C 220 -28.02 8.83 -22.57
C GLY C 220 -27.81 9.02 -24.05
N TRP C 221 -26.73 9.71 -24.42
CA TRP C 221 -26.51 10.10 -25.81
C TRP C 221 -25.49 9.22 -26.54
N GLY C 222 -24.90 8.25 -25.85
CA GLY C 222 -23.98 7.29 -26.48
C GLY C 222 -24.69 6.10 -27.13
N PRO C 223 -23.95 5.21 -27.82
CA PRO C 223 -24.57 4.00 -28.39
C PRO C 223 -25.06 3.07 -27.31
N LYS C 224 -26.15 2.36 -27.60
CA LYS C 224 -26.76 1.49 -26.58
C LYS C 224 -27.09 0.17 -27.25
N TYR C 225 -27.11 -0.90 -26.44
CA TYR C 225 -27.50 -2.24 -26.89
C TYR C 225 -28.51 -2.81 -25.91
N LEU C 226 -29.59 -3.38 -26.45
CA LEU C 226 -30.59 -4.06 -25.63
C LEU C 226 -30.31 -5.56 -25.65
N ASN C 227 -30.15 -6.15 -24.47
CA ASN C 227 -30.08 -7.58 -24.33
C ASN C 227 -31.37 -8.06 -23.67
N SER C 228 -32.04 -9.01 -24.31
CA SER C 228 -33.32 -9.57 -23.84
C SER C 228 -33.24 -11.01 -23.29
N GLN C 229 -32.05 -11.48 -22.98
CA GLN C 229 -31.89 -12.90 -22.63
C GLN C 229 -32.31 -13.23 -21.20
N TYR C 230 -32.16 -12.28 -20.29
CA TYR C 230 -32.40 -12.50 -18.87
C TYR C 230 -33.17 -11.31 -18.28
N GLY C 231 -34.38 -11.09 -18.76
CA GLY C 231 -35.04 -9.79 -18.58
C GLY C 231 -34.41 -8.80 -19.56
N TYR C 232 -34.69 -7.50 -19.43
CA TYR C 232 -34.08 -6.51 -20.32
C TYR C 232 -32.92 -5.83 -19.64
N GLN C 233 -31.80 -5.72 -20.36
CA GLN C 233 -30.67 -4.96 -19.85
C GLN C 233 -30.20 -4.08 -21.00
N ILE C 234 -29.85 -2.82 -20.70
CA ILE C 234 -29.36 -1.94 -21.75
C ILE C 234 -27.91 -1.59 -21.41
N VAL C 235 -27.00 -1.91 -22.32
CA VAL C 235 -25.60 -1.64 -22.08
C VAL C 235 -25.27 -0.39 -22.87
N ALA C 236 -24.67 0.59 -22.20
CA ALA C 236 -24.14 1.76 -22.89
C ALA C 236 -22.61 1.75 -22.78
N PRO C 237 -21.93 1.33 -23.83
CA PRO C 237 -20.45 1.29 -23.78
C PRO C 237 -19.77 2.65 -23.61
N PHE C 238 -18.74 2.67 -22.75
CA PHE C 238 -17.91 3.85 -22.58
C PHE C 238 -16.50 3.57 -23.10
N VAL C 239 -15.99 2.37 -22.79
CA VAL C 239 -14.69 1.89 -23.30
C VAL C 239 -14.84 0.47 -23.82
N THR C 240 -14.37 0.27 -25.06
CA THR C 240 -14.31 -1.06 -25.67
C THR C 240 -12.86 -1.39 -26.03
N ALA C 241 -12.64 -2.57 -26.60
CA ALA C 241 -11.29 -2.98 -27.00
C ALA C 241 -10.66 -1.97 -27.98
N THR C 242 -11.50 -1.30 -28.78
CA THR C 242 -10.99 -0.32 -29.71
C THR C 242 -10.18 0.77 -28.99
N GLN C 243 -10.70 1.25 -27.86
CA GLN C 243 -10.07 2.33 -27.13
C GLN C 243 -9.03 1.82 -26.12
N ALA C 244 -9.34 0.69 -25.45
CA ALA C 244 -8.49 0.17 -24.35
C ALA C 244 -7.20 -0.39 -24.86
N GLN C 245 -7.27 -1.02 -26.04
CA GLN C 245 -6.15 -1.78 -26.60
C GLN C 245 -5.50 -2.65 -25.50
N ASP C 246 -4.19 -2.57 -25.37
CA ASP C 246 -3.43 -3.42 -24.41
C ASP C 246 -3.79 -3.19 -22.92
N THR C 247 -4.47 -2.10 -22.60
CA THR C 247 -4.94 -1.90 -21.21
C THR C 247 -6.06 -2.89 -20.89
N ASN C 248 -6.65 -3.48 -21.94
CA ASN C 248 -7.38 -4.74 -21.77
C ASN C 248 -8.49 -4.66 -20.72
N TYR C 249 -9.49 -3.80 -20.97
CA TYR C 249 -10.64 -3.69 -20.05
C TYR C 249 -11.84 -3.16 -20.84
N THR C 250 -13.02 -3.26 -20.22
CA THR C 250 -14.22 -2.61 -20.74
C THR C 250 -14.87 -1.76 -19.63
N LEU C 251 -15.62 -0.76 -20.04
CA LEU C 251 -16.31 0.13 -19.10
C LEU C 251 -17.62 0.56 -19.78
N SER C 252 -18.68 0.63 -18.98
CA SER C 252 -20.02 0.97 -19.52
C SER C 252 -20.99 1.22 -18.38
N THR C 253 -22.21 1.65 -18.72
CA THR C 253 -23.32 1.46 -17.75
C THR C 253 -24.18 0.32 -18.23
N ILE C 254 -24.79 -0.37 -17.26
CA ILE C 254 -25.79 -1.39 -17.55
C ILE C 254 -27.04 -0.94 -16.81
N SER C 255 -28.11 -0.78 -17.59
CA SER C 255 -29.45 -0.48 -17.06
C SER C 255 -30.25 -1.76 -17.04
N MET C 256 -31.12 -1.96 -16.03
CA MET C 256 -31.81 -3.25 -15.89
C MET C 256 -33.29 -3.09 -15.54
N SER C 257 -34.13 -3.94 -16.15
CA SER C 257 -35.50 -4.22 -15.67
C SER C 257 -35.40 -5.19 -14.48
N THR C 258 -36.55 -5.54 -13.88
CA THR C 258 -36.60 -6.77 -13.05
C THR C 258 -36.42 -8.02 -13.87
N THR C 259 -36.19 -9.13 -13.19
CA THR C 259 -36.14 -10.40 -13.88
C THR C 259 -37.51 -11.05 -13.74
N PRO C 260 -38.19 -11.37 -14.85
CA PRO C 260 -39.51 -12.01 -14.75
C PRO C 260 -39.39 -13.35 -13.99
N SER C 261 -40.44 -13.79 -13.31
CA SER C 261 -40.37 -15.01 -12.49
C SER C 261 -40.18 -16.27 -13.35
N THR C 262 -40.43 -16.16 -14.64
CA THR C 262 -40.25 -17.31 -15.56
C THR C 262 -38.84 -17.39 -16.14
N VAL C 263 -37.99 -16.45 -15.76
CA VAL C 263 -36.62 -16.40 -16.24
C VAL C 263 -35.71 -16.74 -15.06
N THR C 264 -34.78 -17.67 -15.27
CA THR C 264 -33.80 -17.99 -14.24
C THR C 264 -32.70 -16.94 -14.21
N VAL C 265 -32.46 -16.34 -13.04
CA VAL C 265 -31.36 -15.39 -12.89
C VAL C 265 -30.06 -16.19 -13.15
N PRO C 266 -29.30 -15.77 -14.17
CA PRO C 266 -28.12 -16.53 -14.61
C PRO C 266 -26.92 -16.43 -13.68
N THR C 267 -26.07 -17.44 -13.76
CA THR C 267 -24.80 -17.43 -13.02
C THR C 267 -23.69 -17.15 -13.97
N TRP C 268 -22.90 -16.13 -13.62
CA TRP C 268 -21.77 -15.68 -14.43
C TRP C 268 -20.43 -15.99 -13.75
N SER C 269 -19.39 -16.14 -14.58
CA SER C 269 -18.03 -16.27 -14.15
C SER C 269 -17.21 -15.72 -15.32
N PHE C 270 -16.21 -14.88 -15.06
CA PHE C 270 -15.31 -14.35 -16.11
C PHE C 270 -13.87 -14.41 -15.63
N PRO C 271 -12.88 -14.55 -16.52
CA PRO C 271 -11.49 -14.68 -16.05
C PRO C 271 -10.97 -13.43 -15.31
N GLY C 272 -11.41 -12.25 -15.72
CA GLY C 272 -10.93 -11.02 -15.11
C GLY C 272 -11.85 -10.54 -14.00
N ALA C 273 -11.26 -9.82 -13.04
CA ALA C 273 -12.07 -9.12 -12.04
C ALA C 273 -13.03 -8.14 -12.69
N CYS C 274 -14.16 -7.89 -12.02
CA CYS C 274 -15.07 -6.85 -12.46
C CYS C 274 -15.70 -6.18 -11.24
N ALA C 275 -16.30 -5.03 -11.46
CA ALA C 275 -16.93 -4.30 -10.36
C ALA C 275 -18.02 -3.42 -10.90
N PHE C 276 -18.94 -3.04 -10.02
CA PHE C 276 -19.93 -2.03 -10.43
C PHE C 276 -20.30 -1.14 -9.27
N GLN C 277 -20.64 0.10 -9.59
CA GLN C 277 -21.22 1.02 -8.63
C GLN C 277 -22.64 1.37 -9.05
N VAL C 278 -23.59 1.17 -8.17
CA VAL C 278 -24.99 1.47 -8.49
C VAL C 278 -25.14 2.99 -8.64
N GLN C 279 -25.78 3.44 -9.73
CA GLN C 279 -26.08 4.87 -9.86
C GLN C 279 -27.52 5.16 -9.52
N GLU C 280 -28.43 4.33 -10.02
CA GLU C 280 -29.85 4.49 -9.68
C GLU C 280 -30.44 3.09 -9.40
N GLY C 281 -31.37 3.00 -8.46
CA GLY C 281 -32.09 1.76 -8.23
C GLY C 281 -31.57 0.93 -7.11
N ARG C 282 -31.87 -0.37 -7.17
CA ARG C 282 -31.62 -1.30 -6.06
C ARG C 282 -31.26 -2.64 -6.72
N VAL C 283 -30.03 -3.07 -6.55
CA VAL C 283 -29.50 -4.25 -7.26
C VAL C 283 -29.01 -5.27 -6.23
N VAL C 284 -29.46 -6.52 -6.36
CA VAL C 284 -29.07 -7.58 -5.44
C VAL C 284 -27.92 -8.33 -6.09
N VAL C 285 -26.85 -8.57 -5.32
CA VAL C 285 -25.69 -9.30 -5.85
C VAL C 285 -25.43 -10.48 -4.92
N GLN C 286 -25.12 -11.64 -5.51
CA GLN C 286 -24.76 -12.81 -4.71
C GLN C 286 -23.45 -13.26 -5.29
N ILE C 287 -22.38 -13.20 -4.50
CA ILE C 287 -21.05 -13.49 -5.07
C ILE C 287 -20.46 -14.68 -4.33
N GLY C 288 -20.02 -15.70 -5.06
CA GLY C 288 -19.43 -16.90 -4.46
C GLY C 288 -20.33 -17.53 -3.40
N ASP C 289 -19.74 -17.77 -2.23
CA ASP C 289 -20.41 -18.37 -1.08
C ASP C 289 -21.06 -17.36 -0.10
N TYR C 290 -21.05 -16.08 -0.44
CA TYR C 290 -21.60 -15.05 0.46
C TYR C 290 -23.12 -14.92 0.36
N ALA C 291 -23.76 -14.42 1.42
CA ALA C 291 -25.20 -14.04 1.34
C ALA C 291 -25.49 -12.99 0.30
N ALA C 292 -26.69 -13.07 -0.31
CA ALA C 292 -27.15 -12.03 -1.25
C ALA C 292 -27.24 -10.69 -0.50
N THR C 293 -26.86 -9.61 -1.16
CA THR C 293 -26.90 -8.29 -0.51
C THR C 293 -27.45 -7.30 -1.53
N GLU C 294 -28.30 -6.39 -1.07
CA GLU C 294 -28.91 -5.41 -1.93
C GLU C 294 -28.13 -4.11 -1.83
N LEU C 295 -27.73 -3.59 -2.99
CA LEU C 295 -26.99 -2.34 -3.08
C LEU C 295 -27.92 -1.19 -3.48
N GLY C 296 -27.66 0.00 -2.92
CA GLY C 296 -28.32 1.23 -3.37
C GLY C 296 -27.30 2.25 -3.91
N SER C 297 -27.73 3.52 -3.98
CA SER C 297 -26.97 4.61 -4.62
C SER C 297 -25.50 4.62 -4.19
N GLY C 298 -24.58 4.56 -5.15
CA GLY C 298 -23.15 4.74 -4.87
C GLY C 298 -22.46 3.53 -4.25
N ASP C 299 -23.20 2.48 -3.87
CA ASP C 299 -22.58 1.25 -3.33
C ASP C 299 -21.82 0.51 -4.41
N VAL C 300 -20.73 -0.15 -4.03
CA VAL C 300 -19.85 -0.79 -5.00
C VAL C 300 -19.77 -2.29 -4.69
N ALA C 301 -19.91 -3.11 -5.73
CA ALA C 301 -19.67 -4.57 -5.61
C ALA C 301 -18.41 -4.91 -6.36
N PHE C 302 -17.58 -5.78 -5.77
CA PHE C 302 -16.37 -6.25 -6.42
C PHE C 302 -16.35 -7.77 -6.51
N ILE C 303 -16.10 -8.29 -7.72
CA ILE C 303 -16.10 -9.72 -7.99
C ILE C 303 -14.75 -10.14 -8.57
N PRO C 304 -14.01 -10.98 -7.84
CA PRO C 304 -12.73 -11.49 -8.34
C PRO C 304 -12.93 -12.32 -9.61
N GLY C 305 -11.93 -12.26 -10.50
CA GLY C 305 -11.88 -13.19 -11.61
C GLY C 305 -12.08 -14.62 -11.17
N GLY C 306 -12.93 -15.34 -11.90
CA GLY C 306 -13.13 -16.77 -11.70
C GLY C 306 -14.14 -17.09 -10.61
N VAL C 307 -14.75 -16.07 -10.00
CA VAL C 307 -15.71 -16.30 -8.93
C VAL C 307 -17.07 -16.19 -9.56
N GLU C 308 -17.95 -17.15 -9.26
CA GLU C 308 -19.31 -17.10 -9.80
C GLU C 308 -20.11 -16.04 -9.09
N PHE C 309 -21.00 -15.38 -9.84
CA PHE C 309 -21.90 -14.42 -9.25
C PHE C 309 -23.23 -14.33 -9.98
N LYS C 310 -24.24 -13.80 -9.26
CA LYS C 310 -25.56 -13.57 -9.79
C LYS C 310 -25.94 -12.16 -9.39
N TYR C 311 -26.66 -11.47 -10.26
CA TYR C 311 -27.22 -10.17 -9.85
C TYR C 311 -28.60 -10.01 -10.48
N TYR C 312 -29.44 -9.19 -9.86
CA TYR C 312 -30.73 -8.85 -10.45
C TYR C 312 -31.21 -7.56 -9.86
N SER C 313 -32.13 -6.89 -10.55
CA SER C 313 -32.63 -5.61 -10.05
C SER C 313 -33.89 -5.85 -9.25
N GLU C 314 -33.91 -5.39 -8.00
CA GLU C 314 -35.15 -5.37 -7.24
C GLU C 314 -36.00 -4.14 -7.65
N ALA C 315 -35.32 -3.05 -7.97
CA ALA C 315 -36.06 -1.87 -8.46
C ALA C 315 -36.60 -2.18 -9.86
N TYR C 316 -37.69 -1.49 -10.21
CA TYR C 316 -38.21 -1.65 -11.58
C TYR C 316 -37.25 -1.23 -12.68
N PHE C 317 -36.34 -0.29 -12.37
CA PHE C 317 -35.27 0.14 -13.27
C PHE C 317 -34.06 0.47 -12.41
N SER C 318 -32.90 -0.10 -12.75
CA SER C 318 -31.65 0.27 -12.05
C SER C 318 -30.58 0.57 -13.11
N LYS C 319 -29.59 1.39 -12.77
CA LYS C 319 -28.47 1.68 -13.66
C LYS C 319 -27.20 1.59 -12.86
N VAL C 320 -26.22 0.86 -13.38
CA VAL C 320 -24.92 0.71 -12.71
C VAL C 320 -23.79 1.14 -13.64
N LEU C 321 -22.70 1.63 -13.04
CA LEU C 321 -21.47 1.87 -13.81
C LEU C 321 -20.66 0.60 -13.64
N PHE C 322 -20.23 0.02 -14.74
CA PHE C 322 -19.61 -1.29 -14.70
C PHE C 322 -18.20 -1.27 -15.31
N VAL C 323 -17.22 -1.88 -14.62
CA VAL C 323 -15.85 -2.04 -15.20
C VAL C 323 -15.43 -3.49 -15.14
N SER C 324 -14.71 -3.97 -16.16
CA SER C 324 -14.26 -5.36 -16.21
C SER C 324 -12.85 -5.44 -16.79
N SER C 325 -12.00 -6.22 -16.13
CA SER C 325 -10.68 -6.54 -16.65
C SER C 325 -10.83 -7.66 -17.68
N GLY C 326 -10.25 -7.47 -18.87
CA GLY C 326 -10.41 -8.42 -19.96
C GLY C 326 -11.20 -7.81 -21.10
N SER C 327 -11.23 -8.49 -22.25
CA SER C 327 -11.95 -7.96 -23.40
C SER C 327 -13.36 -8.52 -23.51
N ASP C 328 -13.70 -9.54 -22.72
CA ASP C 328 -15.01 -10.17 -22.86
C ASP C 328 -15.74 -10.41 -21.55
N GLY C 329 -15.76 -9.37 -20.71
CA GLY C 329 -16.50 -9.40 -19.46
C GLY C 329 -17.99 -9.24 -19.70
N LEU C 330 -18.72 -9.05 -18.62
CA LEU C 330 -20.18 -9.09 -18.63
C LEU C 330 -20.82 -8.13 -19.63
N ASP C 331 -20.38 -6.88 -19.63
CA ASP C 331 -20.99 -5.90 -20.51
C ASP C 331 -20.82 -6.31 -21.98
N GLN C 332 -19.62 -6.74 -22.35
CA GLN C 332 -19.37 -7.14 -23.73
C GLN C 332 -20.19 -8.38 -24.09
N ASN C 333 -20.29 -9.30 -23.13
CA ASN C 333 -21.11 -10.51 -23.35
C ASN C 333 -22.58 -10.14 -23.63
N LEU C 334 -23.13 -9.21 -22.82
CA LEU C 334 -24.50 -8.76 -23.01
C LEU C 334 -24.69 -8.04 -24.35
N VAL C 335 -23.71 -7.23 -24.75
CA VAL C 335 -23.71 -6.56 -26.06
C VAL C 335 -23.72 -7.57 -27.19
N ASN C 336 -22.79 -8.53 -27.14
CA ASN C 336 -22.72 -9.58 -28.17
C ASN C 336 -23.99 -10.42 -28.26
N GLY C 337 -24.69 -10.59 -27.15
CA GLY C 337 -25.93 -11.34 -27.16
C GLY C 337 -27.19 -10.51 -27.37
N GLY C 338 -27.00 -9.22 -27.64
CA GLY C 338 -28.10 -8.27 -27.76
C GLY C 338 -28.20 -7.64 -29.15
N GLU C 339 -28.85 -6.49 -29.24
CA GLU C 339 -29.06 -5.78 -30.50
C GLU C 339 -28.89 -4.28 -30.32
N GLU C 340 -28.58 -3.57 -31.40
CA GLU C 340 -28.50 -2.12 -31.30
C GLU C 340 -29.86 -1.59 -30.82
N TRP C 341 -29.83 -0.54 -30.01
CA TRP C 341 -31.06 -0.05 -29.38
C TRP C 341 -30.98 1.47 -29.27
N SER C 342 -32.10 2.17 -29.48
CA SER C 342 -32.02 3.63 -29.54
C SER C 342 -32.67 4.36 -28.38
N SER C 343 -32.91 3.65 -27.28
CA SER C 343 -33.59 4.25 -26.12
C SER C 343 -32.90 3.92 -24.81
N VAL C 344 -33.04 4.81 -23.83
CA VAL C 344 -32.58 4.55 -22.47
C VAL C 344 -33.59 3.70 -21.69
N SER C 345 -34.79 3.50 -22.24
CA SER C 345 -35.86 2.71 -21.64
C SER C 345 -35.98 1.40 -22.42
N PHE C 346 -36.36 0.32 -21.73
CA PHE C 346 -36.56 -0.98 -22.40
C PHE C 346 -38.04 -1.14 -22.84
N PRO C 347 -38.36 -2.16 -23.63
CA PRO C 347 -39.73 -2.30 -24.10
C PRO C 347 -40.75 -2.40 -22.94
N ALA C 348 -41.98 -1.96 -23.22
CA ALA C 348 -43.08 -2.02 -22.25
C ALA C 348 -43.68 -3.42 -22.07
N ASP C 349 -43.37 -4.33 -23.00
CA ASP C 349 -43.81 -5.74 -22.89
C ASP C 349 -42.63 -6.69 -22.87
N TRP C 350 -42.79 -7.83 -22.19
CA TRP C 350 -41.76 -8.85 -22.15
C TRP C 350 -41.67 -9.59 -23.49
N SER D 4 42.70 11.62 22.36
CA SER D 4 43.32 10.74 21.30
C SER D 4 43.20 9.24 21.60
N LEU D 5 41.96 8.79 21.75
CA LEU D 5 41.65 7.39 22.05
C LEU D 5 42.10 6.42 20.96
N ILE D 6 41.97 6.85 19.71
CA ILE D 6 42.25 5.96 18.58
C ILE D 6 43.76 5.81 18.33
N VAL D 7 44.19 4.56 18.12
CA VAL D 7 45.58 4.20 17.84
C VAL D 7 45.63 3.25 16.62
N GLU D 8 46.75 3.19 15.92
CA GLU D 8 46.89 2.37 14.72
C GLU D 8 47.59 1.04 15.07
N ASP D 9 48.38 1.04 16.15
CA ASP D 9 48.95 -0.22 16.68
C ASP D 9 48.68 -0.18 18.17
N ALA D 10 48.56 -1.36 18.79
CA ALA D 10 48.27 -1.40 20.23
C ALA D 10 49.44 -0.72 20.96
N PRO D 11 49.15 0.07 22.00
CA PRO D 11 50.21 0.76 22.75
C PRO D 11 51.18 -0.17 23.46
N ASP D 12 52.30 0.41 23.88
CA ASP D 12 53.36 -0.37 24.53
C ASP D 12 53.21 -0.33 26.04
N HIS D 13 52.10 0.25 26.50
CA HIS D 13 51.81 0.32 27.92
C HIS D 13 50.30 0.36 28.11
N VAL D 14 49.87 0.17 29.36
CA VAL D 14 48.44 0.08 29.63
C VAL D 14 47.82 1.49 29.60
N ARG D 15 46.81 1.66 28.75
CA ARG D 15 46.02 2.91 28.70
C ARG D 15 44.70 2.65 27.97
N PRO D 16 43.70 3.50 28.14
CA PRO D 16 42.46 3.36 27.35
C PRO D 16 42.77 3.51 25.86
N TYR D 17 42.20 2.67 25.00
CA TYR D 17 42.35 2.95 23.57
C TYR D 17 41.29 2.27 22.75
N VAL D 18 41.15 2.74 21.50
CA VAL D 18 40.34 2.04 20.52
C VAL D 18 41.22 1.83 19.33
N ILE D 19 41.04 0.66 18.70
CA ILE D 19 41.79 0.38 17.48
C ILE D 19 40.81 -0.15 16.45
N ARG D 20 40.77 0.53 15.32
CA ARG D 20 39.81 0.21 14.28
C ARG D 20 40.12 -1.11 13.61
N HIS D 21 39.07 -1.77 13.13
CA HIS D 21 39.25 -3.00 12.35
C HIS D 21 40.24 -2.79 11.21
N TYR D 22 41.12 -3.78 11.04
CA TYR D 22 42.16 -3.76 10.00
C TYR D 22 43.22 -2.66 10.14
N SER D 23 43.34 -2.04 11.32
CA SER D 23 44.49 -1.16 11.55
C SER D 23 45.73 -2.01 11.43
N HIS D 24 46.88 -1.37 11.29
CA HIS D 24 48.13 -2.10 11.07
C HIS D 24 48.38 -3.13 12.18
N ALA D 25 48.27 -2.71 13.44
CA ALA D 25 48.25 -3.61 14.61
C ALA D 25 49.42 -4.62 14.54
N ARG D 26 50.61 -4.08 14.27
CA ARG D 26 51.85 -4.87 14.21
C ARG D 26 51.70 -6.09 13.28
N ALA D 27 51.08 -5.86 12.13
CA ALA D 27 50.74 -6.99 11.23
C ALA D 27 51.92 -7.85 10.83
N VAL D 28 51.73 -9.17 10.82
CA VAL D 28 52.68 -10.06 10.18
C VAL D 28 51.90 -11.06 9.30
N THR D 29 52.60 -11.65 8.34
CA THR D 29 52.00 -12.75 7.62
C THR D 29 52.71 -14.06 8.00
N VAL D 30 51.91 -15.11 8.00
CA VAL D 30 52.48 -16.47 8.04
C VAL D 30 51.92 -17.15 6.77
N ASP D 31 52.76 -17.30 5.77
CA ASP D 31 52.34 -17.82 4.47
C ASP D 31 51.14 -16.94 4.04
N THR D 32 49.96 -17.50 3.81
CA THR D 32 48.82 -16.68 3.29
C THR D 32 48.04 -15.97 4.40
N GLN D 33 48.34 -16.27 5.67
CA GLN D 33 47.57 -15.73 6.82
C GLN D 33 48.09 -14.37 7.23
N LEU D 34 47.21 -13.41 7.53
CA LEU D 34 47.67 -12.13 8.02
C LEU D 34 47.14 -11.98 9.46
N TYR D 35 48.07 -11.79 10.42
CA TYR D 35 47.70 -11.64 11.82
C TYR D 35 47.80 -10.19 12.22
N ARG D 36 46.83 -9.71 13.00
CA ARG D 36 46.82 -8.37 13.60
C ARG D 36 46.61 -8.48 15.10
N PHE D 37 47.37 -7.71 15.85
CA PHE D 37 47.34 -7.79 17.33
C PHE D 37 46.68 -6.56 17.94
N TYR D 38 45.35 -6.66 18.07
CA TYR D 38 44.58 -5.55 18.55
C TYR D 38 44.83 -5.26 20.02
N VAL D 39 44.96 -6.32 20.84
CA VAL D 39 45.31 -6.22 22.26
C VAL D 39 46.50 -7.13 22.44
N THR D 40 47.59 -6.62 23.02
CA THR D 40 48.82 -7.42 23.17
C THR D 40 49.14 -7.57 24.67
N GLY D 41 50.17 -8.35 24.99
CA GLY D 41 50.65 -8.41 26.37
C GLY D 41 51.02 -7.01 26.87
N PRO D 42 51.92 -6.28 26.19
CA PRO D 42 52.22 -4.91 26.62
C PRO D 42 50.98 -3.99 26.78
N SER D 43 50.00 -4.10 25.87
CA SER D 43 48.79 -3.25 25.86
C SER D 43 47.89 -3.50 27.01
N SER D 44 47.88 -4.74 27.48
CA SER D 44 46.92 -5.17 28.51
C SER D 44 47.57 -5.49 29.86
N GLY D 45 48.87 -5.21 30.00
CA GLY D 45 49.55 -5.55 31.23
C GLY D 45 49.58 -7.08 31.41
N TYR D 46 49.63 -7.78 30.28
CA TYR D 46 49.74 -9.26 30.21
C TYR D 46 48.48 -9.97 30.64
N ALA D 47 47.36 -9.24 30.68
CA ALA D 47 46.09 -9.87 31.01
C ALA D 47 45.64 -10.82 29.90
N PHE D 48 45.73 -10.39 28.65
CA PHE D 48 45.26 -11.18 27.51
C PHE D 48 45.71 -10.64 26.17
N THR D 49 45.62 -11.49 25.13
CA THR D 49 45.85 -11.05 23.74
C THR D 49 44.52 -11.17 22.98
N LEU D 50 44.23 -10.20 22.11
CA LEU D 50 43.06 -10.33 21.23
C LEU D 50 43.62 -10.02 19.87
N MET D 51 43.59 -11.02 18.99
CA MET D 51 44.19 -10.87 17.66
C MET D 51 43.20 -11.31 16.59
N GLY D 52 43.41 -10.81 15.38
CA GLY D 52 42.58 -11.25 14.26
C GLY D 52 43.45 -11.86 13.20
N THR D 53 42.96 -12.94 12.58
CA THR D 53 43.70 -13.60 11.52
C THR D 53 42.77 -13.62 10.32
N ASN D 54 43.22 -13.04 9.21
CA ASN D 54 42.44 -13.06 7.96
C ASN D 54 43.18 -13.92 6.99
N ALA D 55 42.47 -14.79 6.26
CA ALA D 55 43.16 -15.76 5.43
C ALA D 55 42.21 -16.31 4.39
N PRO D 56 42.77 -16.71 3.25
CA PRO D 56 41.97 -17.37 2.19
C PRO D 56 41.84 -18.87 2.46
N HIS D 57 41.06 -19.53 1.62
CA HIS D 57 40.96 -20.97 1.64
C HIS D 57 42.33 -21.61 1.51
N SER D 58 42.52 -22.68 2.28
CA SER D 58 43.71 -23.53 2.12
C SER D 58 43.27 -24.98 2.18
N ASP D 59 43.87 -25.80 1.33
CA ASP D 59 43.63 -27.24 1.36
C ASP D 59 44.35 -27.93 2.52
N ALA D 60 45.34 -27.28 3.11
CA ALA D 60 46.18 -27.89 4.14
C ALA D 60 45.89 -27.28 5.51
N LEU D 61 46.33 -27.92 6.59
CA LEU D 61 46.20 -27.35 7.94
C LEU D 61 46.85 -25.99 8.00
N GLY D 62 46.31 -25.14 8.87
CA GLY D 62 46.80 -23.77 9.02
C GLY D 62 47.94 -23.72 10.01
N VAL D 63 48.17 -24.84 10.70
CA VAL D 63 49.28 -24.97 11.66
C VAL D 63 49.45 -26.46 11.99
N LEU D 64 50.67 -26.94 12.26
CA LEU D 64 50.81 -28.33 12.68
C LEU D 64 50.16 -28.52 14.07
N PRO D 65 49.64 -29.70 14.36
CA PRO D 65 49.01 -29.93 15.67
C PRO D 65 50.01 -29.62 16.81
N HIS D 66 49.53 -28.97 17.87
CA HIS D 66 50.37 -28.65 19.01
C HIS D 66 49.54 -28.44 20.27
N ILE D 67 50.24 -28.19 21.36
CA ILE D 67 49.65 -27.94 22.68
C ILE D 67 50.30 -26.68 23.27
N HIS D 68 49.57 -25.97 24.13
CA HIS D 68 50.17 -24.94 25.00
C HIS D 68 50.03 -25.41 26.42
N GLN D 69 51.07 -25.27 27.20
CA GLN D 69 50.96 -25.68 28.59
C GLN D 69 50.48 -24.52 29.50
N LYS D 70 50.66 -23.29 29.03
CA LYS D 70 50.45 -22.15 29.90
C LYS D 70 49.44 -21.15 29.38
N HIS D 71 48.93 -21.39 28.18
CA HIS D 71 48.00 -20.48 27.55
C HIS D 71 46.71 -21.18 27.22
N TYR D 72 45.61 -20.49 27.52
CA TYR D 72 44.26 -20.92 27.18
C TYR D 72 43.90 -20.20 25.90
N GLU D 73 43.56 -20.95 24.85
CA GLU D 73 43.24 -20.34 23.57
C GLU D 73 41.76 -20.39 23.25
N ASN D 74 41.26 -19.35 22.59
CA ASN D 74 39.84 -19.25 22.26
C ASN D 74 39.75 -18.86 20.79
N PHE D 75 38.92 -19.57 20.00
CA PHE D 75 38.74 -19.30 18.59
C PHE D 75 37.33 -18.79 18.38
N TYR D 76 37.21 -17.63 17.73
CA TYR D 76 35.91 -17.07 17.43
C TYR D 76 35.89 -16.72 15.95
N CYS D 77 34.85 -17.15 15.26
CA CYS D 77 34.75 -16.86 13.83
C CYS D 77 34.05 -15.54 13.56
N ASN D 78 34.77 -14.51 13.08
CA ASN D 78 34.09 -13.23 12.72
C ASN D 78 33.32 -13.34 11.41
N LYS D 79 33.93 -14.01 10.44
CA LYS D 79 33.33 -14.23 9.13
C LYS D 79 34.07 -15.36 8.40
N GLY D 80 33.45 -15.84 7.35
CA GLY D 80 33.94 -17.00 6.60
C GLY D 80 33.85 -18.27 7.43
N SER D 81 34.86 -19.15 7.36
CA SER D 81 34.75 -20.39 8.12
C SER D 81 36.08 -21.11 8.22
N PHE D 82 36.26 -21.81 9.32
CA PHE D 82 37.49 -22.59 9.50
C PHE D 82 37.15 -23.79 10.36
N GLN D 83 37.84 -24.91 10.11
CA GLN D 83 37.62 -26.11 10.91
C GLN D 83 38.62 -26.11 12.06
N LEU D 84 38.20 -26.58 13.24
CA LEU D 84 39.06 -26.62 14.41
C LEU D 84 39.02 -28.04 14.98
N TRP D 85 40.18 -28.59 15.32
CA TRP D 85 40.24 -29.94 15.92
C TRP D 85 40.85 -29.81 17.30
N ALA D 86 40.35 -30.59 18.27
CA ALA D 86 40.87 -30.51 19.63
C ALA D 86 40.73 -31.84 20.38
N GLN D 87 41.71 -32.15 21.22
CA GLN D 87 41.64 -33.35 22.03
C GLN D 87 42.32 -33.16 23.35
N SER D 88 41.62 -33.50 24.43
CA SER D 88 42.21 -33.58 25.76
C SER D 88 42.51 -35.04 26.10
N GLY D 89 43.76 -35.35 26.44
CA GLY D 89 44.14 -36.70 26.87
C GLY D 89 43.76 -37.80 25.88
N ASN D 90 43.10 -38.85 26.37
CA ASN D 90 42.49 -39.87 25.50
C ASN D 90 40.96 -39.76 25.36
N GLU D 91 40.40 -38.58 25.66
CA GLU D 91 38.99 -38.35 25.35
C GLU D 91 38.82 -38.36 23.84
N THR D 92 37.60 -38.63 23.38
CA THR D 92 37.34 -38.63 21.94
C THR D 92 37.79 -37.31 21.31
N GLN D 93 38.50 -37.40 20.19
CA GLN D 93 38.90 -36.20 19.45
C GLN D 93 37.66 -35.49 18.92
N GLN D 94 37.55 -34.19 19.18
CA GLN D 94 36.41 -33.40 18.66
C GLN D 94 36.80 -32.49 17.51
N THR D 95 35.90 -32.32 16.54
CA THR D 95 36.13 -31.28 15.54
C THR D 95 34.83 -30.60 15.11
N ARG D 96 34.91 -29.31 14.85
CA ARG D 96 33.79 -28.55 14.29
C ARG D 96 34.26 -27.66 13.15
N VAL D 97 33.37 -27.43 12.18
CA VAL D 97 33.58 -26.35 11.21
C VAL D 97 32.83 -25.10 11.71
N LEU D 98 33.59 -24.09 12.11
CA LEU D 98 33.04 -22.86 12.67
C LEU D 98 32.72 -21.92 11.54
N SER D 99 31.49 -21.41 11.52
CA SER D 99 31.14 -20.29 10.62
C SER D 99 30.83 -19.02 11.46
N SER D 100 30.32 -17.97 10.84
CA SER D 100 30.20 -16.67 11.53
C SER D 100 29.49 -16.76 12.86
N GLY D 101 30.14 -16.24 13.90
CA GLY D 101 29.56 -16.19 15.23
C GLY D 101 29.82 -17.42 16.09
N ASP D 102 30.42 -18.46 15.51
CA ASP D 102 30.72 -19.71 16.26
C ASP D 102 31.98 -19.57 17.10
N TYR D 103 32.08 -20.43 18.13
CA TYR D 103 33.11 -20.31 19.11
C TYR D 103 33.70 -21.68 19.49
N GLY D 104 35.03 -21.75 19.61
CA GLY D 104 35.69 -22.98 20.07
C GLY D 104 36.65 -22.70 21.22
N SER D 105 36.57 -23.51 22.28
CA SER D 105 37.39 -23.31 23.48
C SER D 105 38.49 -24.34 23.55
N VAL D 106 39.72 -23.89 23.77
CA VAL D 106 40.87 -24.79 23.81
C VAL D 106 41.73 -24.54 25.07
N PRO D 107 41.33 -25.18 26.19
CA PRO D 107 42.08 -25.05 27.44
C PRO D 107 43.57 -25.44 27.29
N ARG D 108 44.38 -25.12 28.30
CA ARG D 108 45.76 -25.59 28.34
C ARG D 108 45.81 -27.10 28.19
N ASN D 109 46.90 -27.57 27.59
CA ASN D 109 47.18 -29.00 27.49
C ASN D 109 46.14 -29.75 26.67
N VAL D 110 45.62 -29.07 25.64
CA VAL D 110 44.68 -29.64 24.69
C VAL D 110 45.32 -29.55 23.29
N THR D 111 45.53 -30.71 22.66
CA THR D 111 46.07 -30.73 21.29
C THR D 111 45.08 -30.15 20.30
N HIS D 112 45.54 -29.29 19.40
CA HIS D 112 44.64 -28.68 18.46
C HIS D 112 45.36 -28.23 17.18
N THR D 113 44.55 -27.98 16.18
CA THR D 113 44.95 -27.37 14.93
C THR D 113 43.69 -26.83 14.23
N PHE D 114 43.87 -26.09 13.15
CA PHE D 114 42.73 -25.49 12.46
C PHE D 114 43.05 -25.46 10.97
N GLN D 115 42.01 -25.23 10.16
CA GLN D 115 42.18 -25.17 8.70
C GLN D 115 41.19 -24.14 8.20
N ILE D 116 41.67 -23.24 7.34
CA ILE D 116 40.85 -22.13 6.84
C ILE D 116 40.09 -22.58 5.61
N GLN D 117 38.76 -22.46 5.64
CA GLN D 117 37.97 -23.06 4.53
C GLN D 117 37.50 -22.00 3.53
N ASP D 118 36.97 -20.88 4.02
CA ASP D 118 36.33 -19.91 3.09
C ASP D 118 37.24 -18.75 2.69
N PRO D 119 37.02 -18.15 1.50
CA PRO D 119 37.89 -17.09 0.97
C PRO D 119 37.99 -15.86 1.86
N ASP D 120 36.88 -15.48 2.51
CA ASP D 120 36.92 -14.28 3.35
C ASP D 120 36.82 -14.66 4.82
N THR D 121 37.82 -15.39 5.30
CA THR D 121 37.75 -15.88 6.67
C THR D 121 38.49 -15.00 7.61
N GLU D 122 37.82 -14.70 8.73
CA GLU D 122 38.47 -13.97 9.83
C GLU D 122 38.26 -14.72 11.13
N MET D 123 39.37 -15.02 11.82
CA MET D 123 39.37 -15.67 13.12
C MET D 123 39.82 -14.68 14.15
N THR D 124 39.03 -14.48 15.21
CA THR D 124 39.51 -13.72 16.35
C THR D 124 39.98 -14.70 17.41
N GLY D 125 41.23 -14.52 17.82
CA GLY D 125 41.81 -15.35 18.87
C GLY D 125 41.91 -14.54 20.14
N VAL D 126 41.48 -15.13 21.26
CA VAL D 126 41.65 -14.50 22.57
C VAL D 126 42.49 -15.52 23.34
N ILE D 127 43.69 -15.10 23.72
CA ILE D 127 44.66 -16.00 24.38
C ILE D 127 44.95 -15.40 25.75
N VAL D 128 44.92 -16.24 26.78
CA VAL D 128 45.11 -15.82 28.18
C VAL D 128 46.17 -16.72 28.81
N PRO D 129 47.17 -16.17 29.49
CA PRO D 129 47.43 -14.73 29.64
C PRO D 129 48.01 -14.10 28.36
N GLY D 130 48.31 -12.79 28.39
CA GLY D 130 48.76 -12.04 27.23
C GLY D 130 50.25 -12.23 27.00
N GLY D 131 50.72 -11.88 25.79
CA GLY D 131 52.13 -12.01 25.45
C GLY D 131 52.46 -13.18 24.54
N PHE D 132 51.49 -14.05 24.24
CA PHE D 132 51.76 -15.18 23.35
C PHE D 132 52.16 -14.73 21.94
N GLU D 133 51.69 -13.53 21.55
CA GLU D 133 51.89 -13.02 20.16
C GLU D 133 53.36 -12.93 19.73
N ASP D 134 54.28 -12.93 20.68
CA ASP D 134 55.70 -12.91 20.33
C ASP D 134 56.06 -14.03 19.35
N LEU D 135 55.40 -15.18 19.52
CA LEU D 135 55.52 -16.30 18.59
C LEU D 135 55.30 -15.90 17.13
N PHE D 136 54.24 -15.11 16.89
CA PHE D 136 53.89 -14.71 15.55
C PHE D 136 54.85 -13.65 15.02
N TYR D 137 55.34 -12.77 15.90
CA TYR D 137 56.42 -11.88 15.42
C TYR D 137 57.59 -12.70 14.93
N TYR D 138 57.97 -13.70 15.72
CA TYR D 138 59.16 -14.50 15.43
C TYR D 138 59.02 -15.29 14.13
N LEU D 139 57.94 -16.05 14.01
CA LEU D 139 57.75 -16.95 12.87
C LEU D 139 57.20 -16.25 11.65
N GLY D 140 56.59 -15.08 11.88
CA GLY D 140 55.91 -14.34 10.81
C GLY D 140 56.87 -13.44 10.05
N THR D 141 56.38 -12.86 8.97
CA THR D 141 57.16 -11.87 8.22
C THR D 141 56.42 -10.57 8.38
N ASN D 142 57.16 -9.52 8.70
CA ASN D 142 56.55 -8.21 8.88
C ASN D 142 55.72 -7.82 7.63
N ALA D 143 54.58 -7.16 7.85
CA ALA D 143 53.75 -6.72 6.73
C ALA D 143 53.40 -5.24 6.92
N THR D 144 53.85 -4.41 5.97
CA THR D 144 53.53 -2.97 6.00
C THR D 144 52.05 -2.76 5.68
N ASP D 145 51.57 -3.52 4.69
CA ASP D 145 50.18 -3.50 4.23
C ASP D 145 49.62 -2.05 4.20
N THR D 146 50.20 -1.25 3.33
CA THR D 146 49.90 0.17 3.25
C THR D 146 48.41 0.44 3.05
N THR D 147 47.73 -0.35 2.21
CA THR D 147 46.29 -0.18 1.93
C THR D 147 45.34 -0.75 3.01
N HIS D 148 45.89 -1.44 4.02
CA HIS D 148 45.09 -2.08 5.07
C HIS D 148 44.18 -3.15 4.49
N THR D 149 44.62 -3.79 3.42
CA THR D 149 43.84 -4.87 2.88
C THR D 149 43.76 -6.05 3.88
N PRO D 150 42.60 -6.71 4.03
CA PRO D 150 42.44 -7.72 5.10
C PRO D 150 43.52 -8.81 5.10
N TYR D 151 43.82 -9.36 3.92
CA TYR D 151 45.01 -10.18 3.77
C TYR D 151 45.62 -9.97 2.43
N ILE D 152 46.86 -10.43 2.25
CA ILE D 152 47.56 -10.13 1.00
C ILE D 152 47.09 -11.08 -0.10
N PRO D 153 46.59 -10.57 -1.23
CA PRO D 153 46.06 -11.49 -2.23
C PRO D 153 47.20 -12.34 -2.80
N SER D 154 46.92 -13.59 -3.13
CA SER D 154 47.92 -14.43 -3.79
C SER D 154 47.25 -15.45 -4.71
N SER D 159 51.19 -27.41 -1.68
CA SER D 159 50.23 -27.14 -0.61
C SER D 159 50.62 -27.83 0.73
N SER D 160 51.83 -27.52 1.22
CA SER D 160 52.27 -27.86 2.57
C SER D 160 51.36 -27.23 3.62
N THR D 161 51.26 -27.85 4.80
CA THR D 161 50.71 -27.20 6.00
C THR D 161 51.30 -25.79 6.14
N THR D 162 50.45 -24.81 6.46
CA THR D 162 50.90 -23.45 6.71
C THR D 162 51.73 -23.35 8.00
N GLY D 163 52.66 -22.41 8.02
CA GLY D 163 53.49 -22.16 9.20
C GLY D 163 54.72 -23.03 9.29
N PRO D 164 55.24 -23.22 10.52
CA PRO D 164 56.53 -23.87 10.71
C PRO D 164 56.47 -25.34 10.28
N ASP D 165 57.57 -25.85 9.72
CA ASP D 165 57.62 -27.25 9.33
C ASP D 165 57.77 -28.10 10.59
N SER D 166 57.81 -29.41 10.42
CA SER D 166 57.82 -30.32 11.56
C SER D 166 59.07 -30.08 12.45
N SER D 167 60.22 -29.90 11.81
CA SER D 167 61.48 -29.56 12.51
C SER D 167 61.37 -28.27 13.35
N THR D 168 60.91 -27.19 12.70
CA THR D 168 60.85 -25.88 13.35
C THR D 168 59.83 -25.86 14.50
N ILE D 169 58.65 -26.45 14.28
CA ILE D 169 57.60 -26.39 15.30
C ILE D 169 58.02 -27.22 16.53
N SER D 170 58.99 -28.13 16.34
CA SER D 170 59.51 -28.94 17.43
C SER D 170 60.62 -28.22 18.25
N THR D 171 60.87 -26.94 17.99
CA THR D 171 61.95 -26.19 18.70
C THR D 171 61.47 -24.87 19.35
N LEU D 172 60.16 -24.79 19.57
CA LEU D 172 59.42 -23.60 19.96
C LEU D 172 58.89 -23.66 21.40
N GLN D 173 59.49 -24.53 22.23
CA GLN D 173 58.96 -24.69 23.59
C GLN D 173 59.09 -23.39 24.37
N SER D 174 60.09 -22.61 24.01
CA SER D 174 60.30 -21.30 24.59
C SER D 174 59.08 -20.40 24.47
N PHE D 175 58.36 -20.52 23.35
CA PHE D 175 57.13 -19.77 23.10
C PHE D 175 55.83 -20.48 23.58
N ASP D 176 55.98 -21.53 24.37
CA ASP D 176 54.87 -22.36 24.89
C ASP D 176 54.15 -23.01 23.73
N VAL D 177 54.93 -23.51 22.78
CA VAL D 177 54.35 -24.31 21.71
C VAL D 177 55.03 -25.67 21.75
N TYR D 178 54.24 -26.71 21.97
CA TYR D 178 54.78 -28.08 22.00
C TYR D 178 54.17 -28.88 20.88
N ALA D 179 55.00 -29.43 20.00
CA ALA D 179 54.51 -30.13 18.81
C ALA D 179 53.81 -31.43 19.22
N GLU D 180 52.78 -31.80 18.47
CA GLU D 180 52.12 -33.10 18.64
C GLU D 180 52.03 -33.74 17.26
N LEU D 181 53.17 -34.18 16.74
CA LEU D 181 53.24 -34.57 15.33
C LEU D 181 52.53 -35.89 15.04
N SER D 182 52.33 -36.72 16.06
CA SER D 182 51.55 -37.95 15.83
C SER D 182 50.02 -37.79 15.86
N PHE D 183 49.52 -36.59 16.19
CA PHE D 183 48.07 -36.31 16.18
C PHE D 183 47.54 -36.35 14.75
N THR D 184 46.43 -37.06 14.53
CA THR D 184 45.85 -37.19 13.18
C THR D 184 44.47 -36.52 13.19
N PRO D 185 44.34 -35.32 12.62
CA PRO D 185 43.01 -34.66 12.58
C PRO D 185 41.96 -35.57 11.90
N ARG D 186 40.83 -35.83 12.56
CA ARG D 186 39.90 -36.83 12.00
C ARG D 186 39.26 -36.26 10.75
N THR D 187 38.97 -37.15 9.79
CA THR D 187 38.44 -36.74 8.49
C THR D 187 37.07 -37.37 8.20
N ASP D 188 36.30 -37.60 9.27
CA ASP D 188 34.98 -38.23 9.14
C ASP D 188 33.87 -37.23 9.44
N THR D 189 34.21 -35.97 9.28
CA THR D 189 33.27 -34.87 9.43
C THR D 189 32.08 -35.02 8.50
N VAL D 190 30.88 -34.79 9.05
CA VAL D 190 29.62 -34.75 8.32
C VAL D 190 28.79 -33.63 8.93
N ASN D 191 28.31 -32.72 8.08
CA ASN D 191 27.53 -31.57 8.54
C ASN D 191 28.30 -30.67 9.55
N GLY D 192 29.62 -30.58 9.37
CA GLY D 192 30.43 -29.65 10.11
C GLY D 192 30.85 -30.19 11.47
N THR D 193 30.63 -31.48 11.73
CA THR D 193 31.06 -31.99 13.02
C THR D 193 31.47 -33.47 13.02
N ALA D 194 32.38 -33.80 13.95
CA ALA D 194 32.64 -35.19 14.34
C ALA D 194 33.12 -35.18 15.80
N PRO D 195 32.86 -36.24 16.55
CA PRO D 195 32.16 -37.46 16.11
C PRO D 195 30.66 -37.29 15.93
N ALA D 196 29.95 -38.36 15.54
CA ALA D 196 28.52 -38.23 15.18
C ALA D 196 27.60 -37.81 16.33
N ASN D 197 27.91 -38.24 17.54
CA ASN D 197 27.03 -37.96 18.68
C ASN D 197 27.34 -36.60 19.29
N THR D 198 27.33 -35.58 18.45
CA THR D 198 27.55 -34.22 18.92
C THR D 198 26.44 -33.37 18.35
N VAL D 199 26.36 -32.16 18.86
CA VAL D 199 25.35 -31.22 18.44
C VAL D 199 26.04 -29.97 17.88
N TRP D 200 25.73 -29.64 16.62
CA TRP D 200 26.40 -28.51 15.99
C TRP D 200 25.43 -27.84 15.00
N HIS D 201 24.95 -26.68 15.42
CA HIS D 201 23.94 -25.90 14.69
C HIS D 201 22.58 -26.60 14.61
N THR D 202 22.36 -27.60 15.48
CA THR D 202 21.13 -28.39 15.42
C THR D 202 20.45 -28.50 16.78
N GLY D 203 21.00 -27.85 17.77
CA GLY D 203 20.41 -27.90 19.10
C GLY D 203 21.31 -27.17 20.06
N ALA D 204 20.93 -27.15 21.34
CA ALA D 204 21.67 -26.35 22.32
C ALA D 204 23.04 -26.96 22.64
N ASN D 205 24.02 -26.11 22.92
CA ASN D 205 25.35 -26.50 23.40
C ASN D 205 25.53 -26.02 24.79
N ALA D 206 26.16 -26.82 25.65
CA ALA D 206 26.57 -26.36 26.96
C ALA D 206 28.07 -26.09 27.03
N LEU D 207 28.49 -25.15 27.88
CA LEU D 207 29.92 -25.03 28.22
C LEU D 207 30.35 -26.31 28.91
N ALA D 208 31.57 -26.77 28.67
CA ALA D 208 32.06 -27.97 29.38
C ALA D 208 32.00 -27.79 30.89
N SER D 209 31.45 -28.76 31.60
CA SER D 209 31.47 -28.67 33.03
C SER D 209 32.79 -29.25 33.58
N THR D 210 33.51 -29.99 32.73
CA THR D 210 34.77 -30.63 33.10
C THR D 210 35.88 -29.68 32.69
N ALA D 211 36.62 -29.17 33.68
CA ALA D 211 37.74 -28.28 33.38
C ALA D 211 38.82 -29.03 32.60
N GLY D 212 39.42 -28.33 31.63
CA GLY D 212 40.49 -28.88 30.82
C GLY D 212 40.03 -29.48 29.49
N ASP D 213 38.71 -29.63 29.34
CA ASP D 213 38.13 -30.22 28.13
C ASP D 213 37.81 -29.11 27.14
N PRO D 214 38.09 -29.34 25.86
CA PRO D 214 37.66 -28.40 24.81
C PRO D 214 36.13 -28.48 24.67
N TYR D 215 35.52 -27.43 24.14
CA TYR D 215 34.09 -27.44 23.82
C TYR D 215 33.81 -26.36 22.83
N PHE D 216 32.64 -26.46 22.20
CA PHE D 216 32.30 -25.54 21.09
C PHE D 216 30.88 -25.07 21.29
N ILE D 217 30.62 -23.80 20.94
CA ILE D 217 29.27 -23.25 21.03
C ILE D 217 28.94 -22.63 19.68
N ALA D 218 27.88 -23.13 19.02
CA ALA D 218 27.47 -22.57 17.74
C ALA D 218 26.68 -21.27 17.99
N ASN D 219 26.80 -20.32 17.06
CA ASN D 219 26.18 -19.00 17.18
C ASN D 219 24.70 -19.08 17.56
N GLY D 220 24.40 -18.57 18.75
CA GLY D 220 23.02 -18.46 19.22
C GLY D 220 22.56 -19.66 20.02
N TRP D 221 23.38 -20.71 20.11
CA TRP D 221 22.91 -22.00 20.66
C TRP D 221 23.38 -22.30 22.09
N GLY D 222 24.22 -21.43 22.64
CA GLY D 222 24.71 -21.62 24.02
C GLY D 222 23.74 -21.02 25.04
N PRO D 223 24.05 -21.14 26.33
CA PRO D 223 23.19 -20.53 27.37
C PRO D 223 23.24 -19.01 27.26
N LYS D 224 22.11 -18.36 27.57
CA LYS D 224 22.01 -16.91 27.45
C LYS D 224 21.31 -16.37 28.69
N TYR D 225 21.65 -15.14 29.06
CA TYR D 225 21.06 -14.49 30.23
C TYR D 225 20.60 -13.12 29.81
N LEU D 226 19.36 -12.77 30.15
CA LEU D 226 18.84 -11.42 29.88
C LEU D 226 19.04 -10.52 31.09
N ASN D 227 19.74 -9.40 30.89
CA ASN D 227 19.83 -8.38 31.91
C ASN D 227 18.94 -7.19 31.54
N SER D 228 18.11 -6.73 32.46
CA SER D 228 17.15 -5.66 32.16
C SER D 228 17.38 -4.38 32.97
N GLN D 229 18.58 -4.25 33.53
CA GLN D 229 18.83 -3.17 34.49
C GLN D 229 19.11 -1.83 33.79
N TYR D 230 19.69 -1.89 32.59
CA TYR D 230 20.13 -0.70 31.84
C TYR D 230 19.75 -0.80 30.38
N GLY D 231 18.46 -0.87 30.11
CA GLY D 231 18.02 -1.34 28.81
C GLY D 231 18.16 -2.86 28.81
N TYR D 232 18.08 -3.48 27.63
CA TYR D 232 18.23 -4.93 27.55
C TYR D 232 19.60 -5.32 27.04
N GLN D 233 20.20 -6.29 27.73
CA GLN D 233 21.46 -6.85 27.27
C GLN D 233 21.38 -8.36 27.46
N ILE D 234 21.84 -9.11 26.46
CA ILE D 234 21.84 -10.56 26.53
C ILE D 234 23.27 -11.01 26.53
N VAL D 235 23.64 -11.75 27.58
CA VAL D 235 25.01 -12.27 27.69
C VAL D 235 25.00 -13.73 27.29
N ALA D 236 25.90 -14.10 26.37
CA ALA D 236 26.07 -15.50 26.03
C ALA D 236 27.47 -15.89 26.47
N PRO D 237 27.61 -16.50 27.64
CA PRO D 237 28.93 -16.88 28.15
C PRO D 237 29.61 -17.90 27.24
N PHE D 238 30.92 -17.75 27.06
CA PHE D 238 31.77 -18.71 26.38
C PHE D 238 32.76 -19.34 27.38
N VAL D 239 33.30 -18.52 28.31
CA VAL D 239 34.20 -18.99 29.39
C VAL D 239 33.78 -18.34 30.72
N THR D 240 33.60 -19.18 31.74
CA THR D 240 33.34 -18.71 33.10
C THR D 240 34.45 -19.23 34.01
N ALA D 241 34.38 -18.91 35.30
CA ALA D 241 35.38 -19.39 36.24
C ALA D 241 35.52 -20.92 36.21
N THR D 242 34.41 -21.61 35.98
CA THR D 242 34.41 -23.07 35.92
C THR D 242 35.47 -23.61 34.95
N GLN D 243 35.52 -23.02 33.75
CA GLN D 243 36.48 -23.43 32.71
C GLN D 243 37.84 -22.70 32.86
N ALA D 244 37.79 -21.42 33.23
CA ALA D 244 39.04 -20.63 33.33
C ALA D 244 39.96 -21.12 34.46
N GLN D 245 39.36 -21.52 35.58
CA GLN D 245 40.12 -21.81 36.81
C GLN D 245 41.18 -20.72 37.06
N ASP D 246 42.44 -21.10 37.23
CA ASP D 246 43.45 -20.13 37.65
C ASP D 246 43.83 -19.13 36.55
N THR D 247 43.39 -19.34 35.32
CA THR D 247 43.66 -18.32 34.27
C THR D 247 42.78 -17.10 34.48
N ASN D 248 41.70 -17.25 35.27
CA ASN D 248 41.05 -16.11 35.91
C ASN D 248 40.57 -15.02 34.93
N TYR D 249 39.62 -15.40 34.08
CA TYR D 249 39.04 -14.50 33.10
C TYR D 249 37.66 -14.99 32.70
N THR D 250 36.93 -14.15 32.00
CA THR D 250 35.67 -14.55 31.39
C THR D 250 35.64 -14.08 29.95
N LEU D 251 34.78 -14.73 29.16
CA LEU D 251 34.68 -14.43 27.75
C LEU D 251 33.23 -14.69 27.38
N SER D 252 32.65 -13.82 26.58
CA SER D 252 31.23 -13.95 26.18
C SER D 252 30.94 -13.07 25.00
N THR D 253 29.73 -13.18 24.42
CA THR D 253 29.21 -12.06 23.65
C THR D 253 28.18 -11.32 24.53
N ILE D 254 28.05 -10.02 24.28
CA ILE D 254 27.00 -9.20 24.88
C ILE D 254 26.25 -8.56 23.73
N SER D 255 24.95 -8.84 23.67
CA SER D 255 24.07 -8.19 22.70
C SER D 255 23.28 -7.12 23.45
N MET D 256 22.98 -6.02 22.76
CA MET D 256 22.44 -4.82 23.42
C MET D 256 21.31 -4.21 22.63
N SER D 257 20.29 -3.75 23.34
CA SER D 257 19.31 -2.84 22.74
C SER D 257 19.88 -1.43 22.87
N THR D 258 19.13 -0.43 22.45
CA THR D 258 19.47 0.95 22.84
C THR D 258 19.16 1.17 24.32
N THR D 259 19.66 2.28 24.87
CA THR D 259 19.32 2.67 26.24
C THR D 259 18.15 3.65 26.16
N PRO D 260 17.02 3.32 26.77
CA PRO D 260 15.87 4.21 26.72
C PRO D 260 16.22 5.52 27.42
N SER D 261 15.57 6.62 27.02
CA SER D 261 15.93 7.96 27.48
C SER D 261 15.64 8.15 28.97
N THR D 262 14.80 7.29 29.52
CA THR D 262 14.53 7.37 30.96
C THR D 262 15.56 6.61 31.80
N VAL D 263 16.50 5.91 31.16
CA VAL D 263 17.50 5.14 31.89
C VAL D 263 18.84 5.86 31.79
N THR D 264 19.49 6.07 32.93
CA THR D 264 20.85 6.59 32.93
C THR D 264 21.87 5.51 32.49
N VAL D 265 22.70 5.82 31.50
CA VAL D 265 23.76 4.90 31.08
C VAL D 265 24.74 4.76 32.27
N PRO D 266 24.92 3.53 32.77
CA PRO D 266 25.73 3.32 33.98
C PRO D 266 27.23 3.53 33.74
N THR D 267 27.93 3.90 34.82
CA THR D 267 29.38 3.97 34.83
C THR D 267 29.95 2.74 35.52
N TRP D 268 30.84 2.06 34.84
CA TRP D 268 31.42 0.81 35.31
C TRP D 268 32.90 0.98 35.68
N SER D 269 33.35 0.17 36.62
CA SER D 269 34.76 0.09 37.00
C SER D 269 34.99 -1.34 37.51
N PHE D 270 36.00 -2.02 36.96
CA PHE D 270 36.34 -3.39 37.38
C PHE D 270 37.84 -3.51 37.64
N PRO D 271 38.26 -4.40 38.57
CA PRO D 271 39.67 -4.51 38.95
C PRO D 271 40.55 -4.95 37.78
N GLY D 272 40.04 -5.86 36.95
CA GLY D 272 40.81 -6.34 35.82
C GLY D 272 40.51 -5.61 34.53
N ALA D 273 41.51 -5.61 33.65
CA ALA D 273 41.36 -5.11 32.28
C ALA D 273 40.22 -5.86 31.57
N CYS D 274 39.57 -5.18 30.64
CA CYS D 274 38.62 -5.85 29.76
C CYS D 274 38.66 -5.21 28.39
N ALA D 275 38.04 -5.87 27.41
CA ALA D 275 38.07 -5.36 26.07
C ALA D 275 36.88 -5.92 25.31
N PHE D 276 36.48 -5.26 24.25
CA PHE D 276 35.51 -5.87 23.34
C PHE D 276 35.74 -5.52 21.89
N GLN D 277 35.28 -6.42 21.00
CA GLN D 277 35.33 -6.19 19.57
C GLN D 277 33.90 -6.21 19.08
N VAL D 278 33.46 -5.14 18.45
CA VAL D 278 32.09 -5.14 17.90
C VAL D 278 31.97 -6.18 16.80
N GLN D 279 30.91 -7.00 16.84
CA GLN D 279 30.63 -7.92 15.74
C GLN D 279 29.58 -7.35 14.80
N GLU D 280 28.51 -6.81 15.39
CA GLU D 280 27.41 -6.24 14.61
C GLU D 280 26.96 -4.99 15.38
N GLY D 281 26.63 -3.94 14.64
CA GLY D 281 26.02 -2.75 15.22
C GLY D 281 27.02 -1.62 15.44
N ARG D 282 26.67 -0.72 16.36
CA ARG D 282 27.32 0.58 16.49
C ARG D 282 27.28 0.87 17.97
N VAL D 283 28.44 0.87 18.62
CA VAL D 283 28.47 0.96 20.07
C VAL D 283 29.34 2.15 20.41
N VAL D 284 28.84 3.05 21.28
CA VAL D 284 29.64 4.18 21.73
C VAL D 284 30.30 3.81 23.05
N VAL D 285 31.62 4.03 23.15
CA VAL D 285 32.34 3.81 24.40
C VAL D 285 32.97 5.13 24.86
N GLN D 286 32.99 5.32 26.18
CA GLN D 286 33.59 6.51 26.80
C GLN D 286 34.43 5.98 27.95
N ILE D 287 35.74 6.19 27.88
CA ILE D 287 36.68 5.55 28.81
C ILE D 287 37.55 6.61 29.45
N GLY D 288 37.55 6.64 30.79
CA GLY D 288 38.37 7.60 31.49
C GLY D 288 38.02 9.02 31.07
N ASP D 289 39.05 9.82 30.79
CA ASP D 289 38.88 11.21 30.41
C ASP D 289 38.88 11.45 28.91
N TYR D 290 38.84 10.37 28.13
CA TYR D 290 38.90 10.50 26.68
C TYR D 290 37.53 10.80 26.12
N ALA D 291 37.53 11.36 24.90
CA ALA D 291 36.29 11.63 24.18
C ALA D 291 35.58 10.33 23.81
N ALA D 292 34.24 10.37 23.85
CA ALA D 292 33.47 9.19 23.47
C ALA D 292 33.75 8.90 22.00
N THR D 293 33.72 7.62 21.65
CA THR D 293 34.00 7.20 20.27
C THR D 293 33.01 6.15 19.87
N GLU D 294 32.47 6.23 18.64
CA GLU D 294 31.55 5.21 18.16
C GLU D 294 32.32 4.13 17.38
N LEU D 295 32.13 2.87 17.75
CA LEU D 295 32.81 1.71 17.14
C LEU D 295 31.86 1.01 16.18
N GLY D 296 32.39 0.50 15.07
CA GLY D 296 31.60 -0.26 14.09
C GLY D 296 32.20 -1.66 13.94
N SER D 297 31.88 -2.39 12.88
CA SER D 297 32.26 -3.82 12.91
C SER D 297 33.78 -4.08 12.95
N GLY D 298 34.14 -5.00 13.86
CA GLY D 298 35.53 -5.39 14.07
C GLY D 298 36.41 -4.41 14.86
N ASP D 299 35.90 -3.19 15.13
CA ASP D 299 36.64 -2.24 15.98
C ASP D 299 36.76 -2.78 17.41
N VAL D 300 37.87 -2.45 18.07
CA VAL D 300 38.14 -2.99 19.41
C VAL D 300 38.37 -1.85 20.41
N ALA D 301 37.76 -1.97 21.61
CA ALA D 301 37.98 -1.02 22.72
C ALA D 301 38.69 -1.76 23.83
N PHE D 302 39.66 -1.10 24.47
CA PHE D 302 40.39 -1.68 25.57
C PHE D 302 40.27 -0.77 26.79
N ILE D 303 39.92 -1.35 27.96
CA ILE D 303 39.70 -0.56 29.19
C ILE D 303 40.58 -1.13 30.28
N PRO D 304 41.57 -0.36 30.72
CA PRO D 304 42.45 -0.84 31.79
C PRO D 304 41.65 -1.13 33.06
N GLY D 305 42.09 -2.10 33.85
CA GLY D 305 41.48 -2.30 35.16
C GLY D 305 41.44 -1.03 35.99
N GLY D 306 40.33 -0.82 36.69
CA GLY D 306 40.22 0.30 37.62
C GLY D 306 39.87 1.62 36.94
N VAL D 307 39.82 1.63 35.61
CA VAL D 307 39.44 2.83 34.87
C VAL D 307 37.91 2.85 34.60
N GLU D 308 37.27 4.00 34.84
CA GLU D 308 35.82 4.08 34.65
C GLU D 308 35.43 4.12 33.17
N PHE D 309 34.32 3.44 32.83
CA PHE D 309 33.82 3.48 31.45
C PHE D 309 32.31 3.46 31.33
N LYS D 310 31.81 3.98 30.20
CA LYS D 310 30.39 3.93 29.86
C LYS D 310 30.28 3.40 28.45
N TYR D 311 29.27 2.60 28.17
CA TYR D 311 29.04 2.17 26.80
C TYR D 311 27.54 2.09 26.54
N TYR D 312 27.14 2.28 25.29
CA TYR D 312 25.75 2.10 24.92
C TYR D 312 25.67 1.83 23.45
N SER D 313 24.54 1.29 23.02
CA SER D 313 24.36 0.98 21.60
C SER D 313 23.61 2.14 20.90
N GLU D 314 24.21 2.64 19.84
CA GLU D 314 23.54 3.60 18.97
C GLU D 314 22.63 2.84 18.00
N ALA D 315 23.10 1.68 17.55
CA ALA D 315 22.25 0.83 16.70
C ALA D 315 21.11 0.22 17.54
N TYR D 316 20.02 -0.18 16.89
CA TYR D 316 18.88 -0.78 17.61
C TYR D 316 19.23 -2.11 18.20
N PHE D 317 20.23 -2.78 17.64
CA PHE D 317 20.78 -4.01 18.20
C PHE D 317 22.25 -4.08 17.83
N SER D 318 23.08 -4.34 18.82
CA SER D 318 24.52 -4.58 18.59
C SER D 318 24.93 -5.82 19.30
N LYS D 319 25.98 -6.45 18.79
CA LYS D 319 26.56 -7.61 19.50
C LYS D 319 28.09 -7.42 19.52
N VAL D 320 28.68 -7.62 20.68
CA VAL D 320 30.13 -7.55 20.82
C VAL D 320 30.68 -8.83 21.44
N LEU D 321 31.94 -9.14 21.11
CA LEU D 321 32.74 -10.18 21.76
C LEU D 321 33.49 -9.52 22.92
N PHE D 322 33.33 -10.06 24.13
CA PHE D 322 33.76 -9.39 25.35
C PHE D 322 34.68 -10.31 26.14
N VAL D 323 35.83 -9.78 26.54
CA VAL D 323 36.81 -10.49 27.38
C VAL D 323 37.16 -9.65 28.59
N SER D 324 37.30 -10.31 29.75
CA SER D 324 37.63 -9.61 30.98
C SER D 324 38.60 -10.44 31.81
N SER D 325 39.61 -9.75 32.36
CA SER D 325 40.49 -10.35 33.33
C SER D 325 39.83 -10.28 34.72
N GLY D 326 39.76 -11.43 35.39
CA GLY D 326 39.10 -11.52 36.69
C GLY D 326 37.92 -12.47 36.61
N SER D 327 37.31 -12.81 37.74
CA SER D 327 36.17 -13.71 37.68
C SER D 327 34.81 -12.98 37.70
N ASP D 328 34.83 -11.67 37.94
CA ASP D 328 33.62 -10.87 38.15
C ASP D 328 33.59 -9.56 37.38
N GLY D 329 34.03 -9.58 36.13
CA GLY D 329 33.94 -8.40 35.29
C GLY D 329 32.53 -8.22 34.71
N LEU D 330 32.40 -7.32 33.73
CA LEU D 330 31.10 -6.84 33.26
C LEU D 330 30.13 -7.95 32.88
N ASP D 331 30.58 -8.93 32.11
CA ASP D 331 29.65 -9.94 31.59
C ASP D 331 29.07 -10.78 32.73
N GLN D 332 29.93 -11.22 33.66
CA GLN D 332 29.47 -11.95 34.82
C GLN D 332 28.56 -11.11 35.70
N ASN D 333 28.87 -9.81 35.82
CA ASN D 333 28.02 -8.91 36.57
C ASN D 333 26.62 -8.84 35.99
N LEU D 334 26.55 -8.70 34.66
CA LEU D 334 25.27 -8.63 33.97
C LEU D 334 24.50 -9.93 34.10
N VAL D 335 25.19 -11.05 34.00
CA VAL D 335 24.55 -12.37 34.23
C VAL D 335 23.96 -12.48 35.64
N ASN D 336 24.78 -12.14 36.62
CA ASN D 336 24.33 -12.21 38.02
C ASN D 336 23.12 -11.34 38.32
N GLY D 337 23.04 -10.19 37.66
CA GLY D 337 21.90 -9.29 37.82
C GLY D 337 20.75 -9.59 36.87
N GLY D 338 20.83 -10.69 36.13
CA GLY D 338 19.88 -11.01 35.08
C GLY D 338 19.13 -12.30 35.33
N GLU D 339 18.61 -12.91 34.27
CA GLU D 339 17.83 -14.14 34.42
C GLU D 339 18.14 -15.00 33.21
N GLU D 340 17.93 -16.31 33.32
CA GLU D 340 18.12 -17.20 32.15
C GLU D 340 17.15 -16.77 31.05
N TRP D 341 17.57 -16.89 29.79
CA TRP D 341 16.76 -16.34 28.70
C TRP D 341 16.97 -17.23 27.50
N SER D 342 15.87 -17.59 26.80
CA SER D 342 15.94 -18.60 25.76
C SER D 342 15.99 -18.03 24.35
N SER D 343 16.24 -16.74 24.20
CA SER D 343 16.25 -16.17 22.86
C SER D 343 17.48 -15.29 22.62
N VAL D 344 17.88 -15.16 21.36
CA VAL D 344 18.90 -14.20 20.97
C VAL D 344 18.31 -12.80 20.83
N SER D 345 16.99 -12.70 20.85
CA SER D 345 16.33 -11.42 20.81
C SER D 345 15.82 -11.03 22.19
N PHE D 346 15.80 -9.72 22.47
CA PHE D 346 15.28 -9.23 23.77
C PHE D 346 13.78 -8.90 23.63
N PRO D 347 13.07 -8.64 24.75
CA PRO D 347 11.64 -8.35 24.67
C PRO D 347 11.29 -7.15 23.80
N ALA D 348 10.11 -7.18 23.19
CA ALA D 348 9.66 -6.15 22.26
C ALA D 348 9.14 -4.91 23.00
N ASP D 349 8.88 -5.07 24.30
CA ASP D 349 8.47 -3.95 25.16
C ASP D 349 9.48 -3.68 26.29
N TRP D 350 9.59 -2.42 26.71
CA TRP D 350 10.48 -2.06 27.82
C TRP D 350 9.92 -2.54 29.17
#